data_8JZB
#
_entry.id   8JZB
#
_cell.length_a   1.00
_cell.length_b   1.00
_cell.length_c   1.00
_cell.angle_alpha   90.00
_cell.angle_beta   90.00
_cell.angle_gamma   90.00
#
_symmetry.space_group_name_H-M   'P 1'
#
loop_
_entity.id
_entity.type
_entity.pdbx_description
1 polymer 'langya virus attachment protein G'
2 branched 2-acetamido-2-deoxy-beta-D-glucopyranose-(1-4)-2-acetamido-2-deoxy-beta-D-glucopyranose
3 non-polymer 2-acetamido-2-deoxy-beta-D-glucopyranose
4 non-polymer 'SODIUM ION'
#
_entity_poly.entity_id   1
_entity_poly.type   'polypeptide(L)'
_entity_poly.pdbx_seq_one_letter_code
;MATNKRDVIKTTESTREDKVKKFYGVETAEKVADSISSNKVFILMNTLLILTGAIITITLNVTNLTTIKNQQAMLKIIQD
EVNSKLEMFVSLDQLVKGEIKPKVSLINTAVSVSIPGQISNLQTKFLQKYVYLEESITKQCTCNPLSGIFPTTKPPPPPT
DKPDDDTTDDDKVDTTIKPVEYYKPDGCNKTNDHFTMQPGVNFYTVPNLGPSSSSADECYTNPSFSIGSSIYMFSQEIRK
TDCTTGEILSIQIVLGRIVDKGQQGPQASPLLVWSVPNPKIINSCAVAAGDETGWVLCSVTLTAASGEPIPHMFDGFWLY
KFEPDTEVVAYRITGFAYLLDKVYDSVFIGKGGGIQRGNDLYFQMFGLSRNRQSIKALCEHGSCLGTGGGGYQVLCDRAV
MSFGSEESLISNAYLKVNDVASGKPTIISQTFPPSDSYKGSNGRIYTIGERYGIYLAPSSWNRYLRFGLTPDISVRSTTW
LKEKDPIMKVLTTCTNTDKDMCPEICNTRGYQDIFPLSEDSSFYTYIGITPSNEGTKSFVAVKDDAGHVASITILPNYYS
ITSATISCFMYKEEIWCIAVTEGRKQKENPQRIYAHSYRVQKMCFNIKPASVVTSLPSNVTIRS
;
_entity_poly.pdbx_strand_id   B,D,F,H
#
# COMPACT_ATOMS: atom_id res chain seq x y z
N ASN A 61 0.63 59.73 -36.04
CA ASN A 61 0.10 59.49 -34.69
C ASN A 61 -0.93 58.36 -34.68
N VAL A 62 -1.62 58.19 -35.81
CA VAL A 62 -2.64 57.16 -35.91
C VAL A 62 -2.01 55.77 -35.93
N THR A 63 -0.85 55.66 -36.56
CA THR A 63 -0.14 54.38 -36.58
C THR A 63 0.15 53.90 -35.18
N ASN A 64 0.47 54.83 -34.29
CA ASN A 64 0.84 54.43 -32.96
C ASN A 64 -0.36 53.78 -32.35
N LEU A 65 -1.53 54.35 -32.62
CA LEU A 65 -2.74 53.75 -32.11
C LEU A 65 -2.95 52.35 -32.72
N THR A 66 -2.71 52.19 -34.02
CA THR A 66 -2.87 50.88 -34.62
C THR A 66 -1.92 49.85 -34.00
N THR A 67 -0.66 50.23 -33.80
CA THR A 67 0.29 49.32 -33.16
C THR A 67 -0.13 49.01 -31.73
N ILE A 68 -0.73 49.99 -31.05
CA ILE A 68 -1.21 49.77 -29.68
C ILE A 68 -2.39 48.80 -29.69
N LYS A 69 -3.26 48.90 -30.68
CA LYS A 69 -4.34 47.94 -30.82
C LYS A 69 -3.79 46.53 -31.03
N ASN A 70 -2.74 46.42 -31.85
CA ASN A 70 -2.06 45.13 -32.02
C ASN A 70 -1.51 44.62 -30.70
N GLN A 71 -0.91 45.52 -29.91
CA GLN A 71 -0.42 45.16 -28.58
C GLN A 71 -1.55 44.59 -27.73
N GLN A 72 -2.70 45.26 -27.71
CA GLN A 72 -3.82 44.81 -26.91
C GLN A 72 -4.33 43.44 -27.37
N ALA A 73 -4.42 43.22 -28.67
CA ALA A 73 -4.86 41.91 -29.15
C ALA A 73 -3.88 40.81 -28.73
N MET A 74 -2.59 41.05 -28.94
CA MET A 74 -1.58 40.04 -28.62
C MET A 74 -1.61 39.70 -27.15
N LEU A 75 -1.65 40.71 -26.31
CA LEU A 75 -1.67 40.47 -24.90
C LEU A 75 -2.93 39.70 -24.59
N LYS A 76 -4.04 40.07 -25.22
CA LYS A 76 -5.30 39.41 -24.91
C LYS A 76 -5.10 37.93 -25.07
N ILE A 77 -4.63 37.52 -26.23
CA ILE A 77 -4.41 36.10 -26.52
C ILE A 77 -3.53 35.46 -25.44
N ILE A 78 -2.46 36.15 -25.10
CA ILE A 78 -1.56 35.62 -24.09
C ILE A 78 -2.26 35.61 -22.75
N GLN A 79 -3.05 36.63 -22.49
CA GLN A 79 -3.74 36.74 -21.21
C GLN A 79 -4.65 35.55 -21.06
N ASP A 80 -5.30 35.16 -22.14
CA ASP A 80 -6.12 33.97 -22.08
C ASP A 80 -5.29 32.72 -21.85
N GLU A 81 -4.46 32.33 -22.81
CA GLU A 81 -3.69 31.09 -22.70
C GLU A 81 -3.18 30.86 -21.28
N VAL A 82 -2.64 31.90 -20.65
CA VAL A 82 -2.05 31.72 -19.32
C VAL A 82 -3.15 31.42 -18.30
N ASN A 83 -4.32 32.04 -18.45
CA ASN A 83 -5.43 31.72 -17.56
C ASN A 83 -5.89 30.28 -17.74
N SER A 84 -5.95 29.82 -18.99
CA SER A 84 -6.36 28.44 -19.26
C SER A 84 -5.40 27.45 -18.62
N LYS A 85 -4.10 27.77 -18.62
CA LYS A 85 -3.14 26.87 -17.99
C LYS A 85 -3.21 26.94 -16.47
N LEU A 86 -3.41 28.14 -15.92
CA LEU A 86 -3.44 28.28 -14.47
C LEU A 86 -4.65 27.58 -13.87
N GLU A 87 -5.76 27.54 -14.61
CA GLU A 87 -6.92 26.78 -14.13
C GLU A 87 -6.61 25.30 -13.95
N MET A 88 -5.91 24.70 -14.92
CA MET A 88 -5.55 23.29 -14.79
C MET A 88 -4.53 23.09 -13.68
N PHE A 89 -3.64 24.07 -13.46
CA PHE A 89 -2.74 24.00 -12.32
C PHE A 89 -3.53 23.96 -11.02
N VAL A 90 -4.56 24.80 -10.91
CA VAL A 90 -5.39 24.82 -9.71
C VAL A 90 -6.07 23.48 -9.51
N SER A 91 -6.58 22.90 -10.61
CA SER A 91 -7.22 21.59 -10.52
C SER A 91 -6.25 20.53 -10.03
N LEU A 92 -5.01 20.55 -10.54
CA LEU A 92 -3.99 19.62 -10.07
C LEU A 92 -3.71 19.79 -8.59
N ASP A 93 -3.57 21.03 -8.14
CA ASP A 93 -3.24 21.27 -6.73
C ASP A 93 -4.37 20.77 -5.83
N GLN A 94 -5.62 21.04 -6.21
CA GLN A 94 -6.74 20.58 -5.42
C GLN A 94 -6.80 19.06 -5.38
N LEU A 95 -6.55 18.41 -6.53
CA LEU A 95 -6.57 16.96 -6.58
C LEU A 95 -5.50 16.36 -5.68
N VAL A 96 -4.30 16.95 -5.70
CA VAL A 96 -3.20 16.38 -4.90
C VAL A 96 -3.46 16.58 -3.42
N LYS A 97 -3.89 17.78 -3.02
CA LYS A 97 -4.02 18.08 -1.60
C LYS A 97 -5.25 17.43 -0.99
N GLY A 98 -6.32 17.26 -1.78
CA GLY A 98 -7.58 16.81 -1.21
C GLY A 98 -7.72 15.30 -1.19
N GLU A 99 -7.24 14.62 -2.25
CA GLU A 99 -7.52 13.21 -2.44
C GLU A 99 -6.31 12.33 -2.15
N ILE A 100 -5.16 12.63 -2.76
CA ILE A 100 -4.03 11.71 -2.72
C ILE A 100 -3.45 11.61 -1.32
N LYS A 101 -3.24 12.74 -0.65
CA LYS A 101 -2.58 12.72 0.66
C LYS A 101 -3.37 11.98 1.74
N PRO A 102 -4.66 12.24 1.95
CA PRO A 102 -5.38 11.45 2.98
C PRO A 102 -5.41 9.97 2.68
N LYS A 103 -5.54 9.59 1.42
CA LYS A 103 -5.57 8.16 1.09
C LYS A 103 -4.20 7.53 1.29
N VAL A 104 -3.13 8.27 1.00
CA VAL A 104 -1.79 7.76 1.27
C VAL A 104 -1.59 7.56 2.77
N SER A 105 -2.06 8.51 3.58
CA SER A 105 -1.99 8.35 5.03
C SER A 105 -2.79 7.14 5.49
N LEU A 106 -3.98 6.93 4.92
CA LEU A 106 -4.79 5.76 5.28
C LEU A 106 -4.07 4.47 4.91
N ILE A 107 -3.44 4.41 3.74
CA ILE A 107 -2.70 3.23 3.33
C ILE A 107 -1.54 2.98 4.28
N ASN A 108 -0.80 4.02 4.65
CA ASN A 108 0.30 3.86 5.59
C ASN A 108 -0.19 3.30 6.92
N THR A 109 -1.27 3.87 7.45
CA THR A 109 -1.81 3.38 8.72
C THR A 109 -2.26 1.93 8.61
N ALA A 110 -2.90 1.56 7.51
CA ALA A 110 -3.43 0.20 7.36
C ALA A 110 -2.31 -0.82 7.18
N VAL A 111 -1.23 -0.47 6.47
CA VAL A 111 -0.19 -1.46 6.22
C VAL A 111 0.80 -1.52 7.38
N SER A 112 0.87 -0.45 8.18
CA SER A 112 1.87 -0.41 9.25
C SER A 112 1.30 -0.76 10.62
N VAL A 113 -0.02 -0.77 10.80
CA VAL A 113 -0.61 -0.98 12.12
C VAL A 113 -1.60 -2.15 12.10
N SER A 114 -2.56 -2.10 11.18
CA SER A 114 -3.72 -2.98 11.27
C SER A 114 -3.37 -4.43 10.92
N ILE A 115 -2.79 -4.64 9.75
CA ILE A 115 -2.48 -5.98 9.25
C ILE A 115 -1.52 -6.72 10.18
N PRO A 116 -0.44 -6.10 10.67
CA PRO A 116 0.39 -6.81 11.65
C PRO A 116 -0.38 -7.25 12.88
N GLY A 117 -1.29 -6.42 13.38
CA GLY A 117 -2.10 -6.82 14.51
C GLY A 117 -3.02 -7.99 14.20
N GLN A 118 -3.63 -7.98 13.01
CA GLN A 118 -4.48 -9.11 12.61
C GLN A 118 -3.68 -10.40 12.54
N ILE A 119 -2.48 -10.36 11.95
CA ILE A 119 -1.66 -11.57 11.84
C ILE A 119 -1.21 -12.04 13.21
N SER A 120 -0.83 -11.12 14.10
CA SER A 120 -0.41 -11.51 15.44
C SER A 120 -1.55 -12.15 16.21
N ASN A 121 -2.76 -11.60 16.08
CA ASN A 121 -3.92 -12.20 16.72
C ASN A 121 -4.19 -13.61 16.18
N LEU A 122 -4.07 -13.79 14.86
CA LEU A 122 -4.23 -15.12 14.28
C LEU A 122 -3.22 -16.10 14.86
N GLN A 123 -1.95 -15.68 14.98
CA GLN A 123 -0.93 -16.56 15.53
C GLN A 123 -1.21 -16.91 16.98
N THR A 124 -1.67 -15.93 17.76
CA THR A 124 -1.98 -16.20 19.17
C THR A 124 -3.11 -17.20 19.31
N LYS A 125 -4.18 -17.04 18.53
CA LYS A 125 -5.28 -18.00 18.57
C LYS A 125 -4.80 -19.39 18.15
N PHE A 126 -3.95 -19.46 17.12
CA PHE A 126 -3.43 -20.74 16.67
C PHE A 126 -2.68 -21.45 17.81
N LEU A 127 -1.80 -20.72 18.49
CA LEU A 127 -1.02 -21.34 19.55
C LEU A 127 -1.92 -21.79 20.70
N GLN A 128 -2.92 -20.99 21.04
CA GLN A 128 -3.87 -21.37 22.09
C GLN A 128 -4.57 -22.68 21.72
N LYS A 129 -5.04 -22.78 20.48
CA LYS A 129 -5.72 -23.98 20.04
C LYS A 129 -4.78 -25.19 20.06
N TYR A 130 -3.52 -25.00 19.68
CA TYR A 130 -2.57 -26.10 19.73
C TYR A 130 -2.37 -26.59 21.16
N VAL A 131 -2.24 -25.67 22.11
CA VAL A 131 -2.07 -26.06 23.52
C VAL A 131 -3.29 -26.85 23.99
N TYR A 132 -4.50 -26.36 23.64
CA TYR A 132 -5.72 -27.06 24.04
C TYR A 132 -5.78 -28.47 23.43
N LEU A 133 -5.39 -28.59 22.16
CA LEU A 133 -5.39 -29.89 21.51
C LEU A 133 -4.41 -30.84 22.19
N GLU A 134 -3.23 -30.35 22.55
CA GLU A 134 -2.27 -31.19 23.25
C GLU A 134 -2.82 -31.67 24.60
N GLU A 135 -3.44 -30.76 25.35
CA GLU A 135 -3.98 -31.14 26.64
C GLU A 135 -5.08 -32.18 26.49
N SER A 136 -5.97 -31.99 25.51
CA SER A 136 -7.04 -32.97 25.28
C SER A 136 -6.47 -34.32 24.85
N ILE A 137 -5.44 -34.31 24.01
CA ILE A 137 -4.84 -35.56 23.55
C ILE A 137 -4.24 -36.32 24.72
N THR A 138 -3.52 -35.61 25.60
CA THR A 138 -2.93 -36.27 26.76
C THR A 138 -4.00 -36.81 27.69
N LYS A 139 -5.09 -36.06 27.87
CA LYS A 139 -6.10 -36.48 28.85
C LYS A 139 -6.93 -37.65 28.34
N GLN A 140 -7.30 -37.63 27.05
CA GLN A 140 -8.28 -38.58 26.56
C GLN A 140 -7.66 -39.94 26.24
N CYS A 141 -6.54 -39.93 25.52
CA CYS A 141 -5.92 -41.18 25.10
C CYS A 141 -5.31 -41.92 26.29
N THR A 142 -5.17 -43.23 26.13
CA THR A 142 -4.65 -44.10 27.17
C THR A 142 -3.56 -45.00 26.60
N CYS A 143 -2.60 -45.34 27.45
CA CYS A 143 -1.48 -46.22 27.09
C CYS A 143 -0.75 -45.74 25.85
N ASP A 161 -18.16 -12.47 28.99
CA ASP A 161 -17.03 -13.37 28.77
C ASP A 161 -15.71 -12.73 29.21
N LYS A 162 -15.60 -11.42 28.98
CA LYS A 162 -14.39 -10.70 29.36
C LYS A 162 -14.73 -9.43 30.14
N PRO A 163 -15.26 -9.55 31.36
CA PRO A 163 -15.49 -8.34 32.18
C PRO A 163 -14.22 -7.59 32.52
N ASP A 164 -13.09 -8.30 32.65
CA ASP A 164 -11.82 -7.63 32.92
C ASP A 164 -11.40 -6.74 31.75
N ASP A 165 -11.60 -7.22 30.53
CA ASP A 165 -11.31 -6.40 29.35
C ASP A 165 -12.35 -5.31 29.17
N ASP A 166 -13.55 -5.52 29.72
CA ASP A 166 -14.59 -4.51 29.66
C ASP A 166 -14.11 -3.25 30.37
N THR A 167 -14.37 -2.10 29.74
CA THR A 167 -13.95 -0.75 30.17
C THR A 167 -12.43 -0.65 30.29
N THR A 168 -11.68 -1.62 29.76
CA THR A 168 -10.22 -1.59 29.81
C THR A 168 -9.62 -1.52 28.42
N ASP A 169 -10.01 -2.42 27.52
CA ASP A 169 -9.50 -2.43 26.16
C ASP A 169 -10.55 -2.10 25.12
N ASP A 170 -11.78 -1.80 25.54
CA ASP A 170 -12.85 -1.50 24.58
C ASP A 170 -12.60 -0.17 23.89
N ASP A 171 -12.03 0.80 24.60
CA ASP A 171 -11.82 2.13 24.04
C ASP A 171 -10.46 2.30 23.38
N LYS A 172 -9.65 1.24 23.34
CA LYS A 172 -8.30 1.34 22.78
C LYS A 172 -8.31 0.98 21.30
N VAL A 173 -7.65 1.80 20.48
CA VAL A 173 -7.55 1.52 19.05
C VAL A 173 -6.66 0.30 18.80
N ASP A 174 -5.51 0.25 19.47
CA ASP A 174 -4.57 -0.85 19.34
C ASP A 174 -4.28 -1.40 20.73
N THR A 175 -4.28 -2.73 20.85
CA THR A 175 -4.09 -3.40 22.13
C THR A 175 -2.74 -4.11 22.24
N THR A 176 -1.72 -3.64 21.51
CA THR A 176 -0.43 -4.32 21.57
C THR A 176 0.25 -4.12 22.91
N ILE A 177 0.24 -2.89 23.43
CA ILE A 177 0.94 -2.57 24.67
C ILE A 177 -0.02 -1.85 25.62
N LYS A 178 0.31 -1.89 26.90
CA LYS A 178 -0.46 -1.23 27.94
C LYS A 178 0.52 -0.76 29.02
N PRO A 179 0.12 0.18 29.87
CA PRO A 179 1.03 0.67 30.92
C PRO A 179 1.49 -0.45 31.83
N VAL A 180 2.68 -0.25 32.42
CA VAL A 180 3.35 -1.32 33.16
C VAL A 180 2.55 -1.70 34.40
N GLU A 181 2.60 -2.96 34.79
CA GLU A 181 1.90 -3.45 35.97
C GLU A 181 2.95 -4.19 36.71
N TYR A 182 3.35 -3.72 37.86
CA TYR A 182 4.50 -4.32 38.56
C TYR A 182 4.34 -5.74 39.03
N TYR A 183 5.41 -6.53 38.94
CA TYR A 183 5.38 -7.91 39.37
C TYR A 183 5.17 -8.05 40.86
N LYS A 184 4.60 -9.16 41.30
CA LYS A 184 4.30 -9.40 42.71
C LYS A 184 5.03 -10.65 43.17
N PRO A 185 5.42 -10.72 44.45
CA PRO A 185 6.14 -11.90 44.97
C PRO A 185 5.25 -13.08 45.34
N ASP A 186 4.00 -13.12 44.88
CA ASP A 186 3.09 -14.20 45.23
C ASP A 186 3.65 -15.55 44.80
N GLY A 187 3.59 -16.53 45.68
CA GLY A 187 4.13 -17.84 45.37
C GLY A 187 5.55 -17.94 45.85
N CYS A 188 6.34 -16.90 45.60
CA CYS A 188 7.73 -16.87 46.03
C CYS A 188 7.86 -16.89 47.54
N ASN A 189 6.92 -16.26 48.22
CA ASN A 189 7.05 -16.08 49.67
C ASN A 189 7.14 -17.21 50.67
N LYS A 190 6.35 -18.26 50.52
CA LYS A 190 6.28 -19.25 51.60
C LYS A 190 7.54 -20.01 52.00
N THR A 191 8.30 -20.50 51.05
CA THR A 191 9.57 -21.14 51.38
C THR A 191 10.56 -20.03 51.62
N ASN A 192 11.68 -20.27 52.32
CA ASN A 192 12.60 -19.17 52.43
C ASN A 192 12.95 -18.97 50.98
N ASP A 193 12.93 -17.73 50.50
CA ASP A 193 13.12 -17.51 49.08
C ASP A 193 13.59 -16.13 48.76
N HIS A 194 14.13 -15.92 47.57
CA HIS A 194 14.50 -14.59 47.16
C HIS A 194 13.76 -14.35 45.87
N PHE A 195 12.97 -13.29 45.81
CA PHE A 195 12.27 -12.95 44.60
C PHE A 195 13.08 -11.88 43.94
N THR A 196 13.45 -12.10 42.69
CA THR A 196 14.31 -11.17 42.00
C THR A 196 13.90 -11.01 40.56
N MET A 197 14.29 -9.91 39.95
CA MET A 197 14.01 -9.68 38.54
C MET A 197 15.35 -9.53 37.84
N GLN A 198 15.54 -10.17 36.71
CA GLN A 198 16.81 -10.11 35.99
C GLN A 198 16.57 -9.82 34.53
N PRO A 199 17.55 -9.21 33.85
CA PRO A 199 17.38 -8.80 32.45
C PRO A 199 17.36 -9.93 31.43
N GLY A 200 16.73 -9.76 30.27
CA GLY A 200 16.81 -10.77 29.24
C GLY A 200 18.19 -10.84 28.62
N VAL A 201 18.48 -11.99 28.00
CA VAL A 201 19.79 -12.19 27.40
C VAL A 201 19.97 -11.34 26.15
N ASN A 202 18.91 -11.18 25.37
CA ASN A 202 19.02 -10.46 24.10
C ASN A 202 18.67 -8.98 24.11
N PHE A 203 19.25 -8.20 23.21
CA PHE A 203 19.02 -6.76 23.12
C PHE A 203 18.68 -6.47 21.68
N TYR A 204 17.48 -6.79 21.26
CA TYR A 204 17.07 -6.62 19.88
C TYR A 204 16.93 -5.22 19.37
N THR A 205 17.19 -5.02 18.08
CA THR A 205 17.04 -3.71 17.45
C THR A 205 15.62 -3.27 17.30
N VAL A 206 15.38 -1.97 17.31
CA VAL A 206 14.04 -1.44 17.11
C VAL A 206 14.29 -0.44 16.02
N PRO A 207 14.42 -0.90 14.79
CA PRO A 207 14.78 -0.03 13.68
C PRO A 207 13.81 1.08 13.24
N ASN A 208 14.32 2.17 12.66
CA ASN A 208 13.47 3.23 12.12
C ASN A 208 12.48 3.75 13.17
N LEU A 209 13.01 4.08 14.34
CA LEU A 209 12.24 4.82 15.33
C LEU A 209 12.06 6.27 14.94
N GLY A 210 13.03 6.84 14.23
CA GLY A 210 12.93 8.17 13.69
C GLY A 210 13.83 8.32 12.49
N PRO A 211 13.49 9.25 11.58
CA PRO A 211 14.30 9.42 10.37
C PRO A 211 15.71 9.88 10.69
N SER A 212 16.64 9.48 9.82
CA SER A 212 18.06 9.80 10.01
C SER A 212 18.65 10.19 8.66
N SER A 213 19.90 10.63 8.68
CA SER A 213 20.59 11.12 7.49
C SER A 213 22.03 10.63 7.51
N SER A 214 22.66 10.66 6.34
CA SER A 214 24.06 10.24 6.19
C SER A 214 25.02 11.40 6.04
N SER A 215 24.58 12.64 6.29
CA SER A 215 25.48 13.77 6.19
C SER A 215 26.56 13.68 7.26
N ALA A 216 27.76 14.15 6.94
CA ALA A 216 28.85 14.05 7.88
C ALA A 216 29.01 15.30 8.69
N ASP A 217 28.37 16.37 8.26
CA ASP A 217 28.43 17.63 8.97
C ASP A 217 27.35 17.75 10.02
N GLU A 218 26.49 16.75 10.12
CA GLU A 218 25.35 16.83 11.03
C GLU A 218 25.39 15.86 12.19
N CYS A 219 25.11 16.36 13.39
CA CYS A 219 25.08 15.52 14.57
C CYS A 219 23.68 15.42 15.14
N TYR A 220 23.21 14.22 15.44
CA TYR A 220 21.91 14.04 16.06
C TYR A 220 22.12 14.02 17.54
N THR A 221 21.40 14.83 18.29
CA THR A 221 21.64 15.00 19.72
C THR A 221 20.33 15.21 20.46
N ASN A 222 20.47 15.21 21.80
CA ASN A 222 19.43 15.43 22.80
C ASN A 222 18.13 14.71 22.47
N PRO A 223 18.14 13.37 22.43
CA PRO A 223 16.89 12.65 22.18
C PRO A 223 15.93 12.76 23.36
N SER A 224 14.64 12.77 23.03
CA SER A 224 13.59 12.73 24.03
C SER A 224 12.59 11.67 23.62
N PHE A 225 12.32 10.73 24.52
CA PHE A 225 11.46 9.59 24.22
C PHE A 225 10.44 9.41 25.31
N SER A 226 9.18 9.19 24.92
CA SER A 226 8.11 8.96 25.88
C SER A 226 7.14 7.96 25.29
N ILE A 227 6.57 7.12 26.15
CA ILE A 227 5.61 6.10 25.74
C ILE A 227 4.30 6.34 26.49
N GLY A 228 3.20 6.45 25.76
CA GLY A 228 1.89 6.63 26.34
C GLY A 228 1.18 5.31 26.54
N SER A 229 -0.15 5.38 26.44
CA SER A 229 -0.96 4.17 26.56
C SER A 229 -0.70 3.21 25.40
N SER A 230 -0.75 3.72 24.17
CA SER A 230 -0.42 2.92 23.00
C SER A 230 0.39 3.67 21.95
N ILE A 231 0.76 4.93 22.20
CA ILE A 231 1.51 5.73 21.26
C ILE A 231 2.82 6.16 21.90
N TYR A 232 3.77 6.54 21.06
CA TYR A 232 5.07 7.02 21.52
C TYR A 232 5.39 8.34 20.84
N MET A 233 6.15 9.16 21.57
CA MET A 233 6.58 10.48 21.13
C MET A 233 8.10 10.53 21.19
N PHE A 234 8.70 11.02 20.10
CA PHE A 234 10.15 11.04 19.96
C PHE A 234 10.58 12.42 19.44
N SER A 235 11.75 12.86 19.88
CA SER A 235 12.26 14.17 19.49
C SER A 235 13.78 14.12 19.40
N GLN A 236 14.32 14.81 18.40
CA GLN A 236 15.76 14.86 18.20
C GLN A 236 16.16 16.23 17.68
N GLU A 237 17.43 16.60 17.90
CA GLU A 237 17.96 17.85 17.38
C GLU A 237 19.09 17.55 16.40
N ILE A 238 19.14 18.29 15.30
CA ILE A 238 20.22 18.12 14.35
C ILE A 238 21.07 19.37 14.43
N ARG A 239 22.34 19.23 14.79
CA ARG A 239 23.21 20.38 14.97
C ARG A 239 24.37 20.29 14.05
N LYS A 240 24.69 21.38 13.37
CA LYS A 240 25.84 21.40 12.50
C LYS A 240 27.11 21.24 13.28
N THR A 241 28.06 20.50 12.73
CA THR A 241 29.36 20.36 13.38
C THR A 241 29.26 19.77 14.77
N ASP A 242 29.83 20.45 15.76
CA ASP A 242 29.85 19.94 17.12
C ASP A 242 28.52 19.76 17.76
N CYS A 243 28.39 18.69 18.54
CA CYS A 243 27.14 18.36 19.19
C CYS A 243 26.66 19.38 20.19
N THR A 244 27.56 19.94 20.97
CA THR A 244 27.14 20.85 22.01
C THR A 244 26.97 22.30 21.60
N THR A 245 27.96 22.88 20.94
CA THR A 245 27.90 24.31 20.63
C THR A 245 27.80 24.51 19.12
N GLY A 246 26.98 23.68 18.48
CA GLY A 246 26.73 23.79 17.06
C GLY A 246 25.39 24.42 16.78
N GLU A 247 25.30 25.10 15.64
CA GLU A 247 24.05 25.74 15.25
C GLU A 247 22.96 24.71 15.07
N ILE A 248 21.79 24.99 15.65
CA ILE A 248 20.65 24.07 15.53
C ILE A 248 20.10 24.16 14.11
N LEU A 249 20.40 23.15 13.30
CA LEU A 249 19.82 23.08 11.96
C LEU A 249 18.34 22.71 11.99
N SER A 250 17.93 21.77 12.84
CA SER A 250 16.54 21.38 12.87
C SER A 250 16.21 20.72 14.19
N ILE A 251 14.91 20.66 14.50
CA ILE A 251 14.39 19.86 15.60
C ILE A 251 13.22 19.05 15.05
N GLN A 252 13.32 17.73 15.15
CA GLN A 252 12.35 16.84 14.52
C GLN A 252 11.57 16.07 15.57
N ILE A 253 10.25 16.00 15.37
CA ILE A 253 9.33 15.33 16.27
C ILE A 253 8.62 14.22 15.50
N VAL A 254 8.46 13.08 16.16
CA VAL A 254 7.81 11.91 15.58
C VAL A 254 6.76 11.38 16.55
N LEU A 255 5.56 11.15 16.03
CA LEU A 255 4.49 10.48 16.76
C LEU A 255 4.22 9.15 16.09
N GLY A 256 4.21 8.07 16.87
CA GLY A 256 4.00 6.77 16.28
C GLY A 256 3.37 5.81 17.25
N ARG A 257 3.32 4.54 16.83
CA ARG A 257 2.73 3.48 17.65
C ARG A 257 3.72 2.33 17.78
N ILE A 258 3.67 1.64 18.92
CA ILE A 258 4.43 0.41 19.10
C ILE A 258 3.56 -0.77 18.69
N VAL A 259 4.03 -1.53 17.71
CA VAL A 259 3.25 -2.62 17.12
C VAL A 259 4.09 -3.89 17.14
N ASP A 260 3.39 -5.02 17.00
CA ASP A 260 4.02 -6.34 17.01
C ASP A 260 4.08 -6.86 15.57
N LYS A 261 5.28 -6.86 15.01
CA LYS A 261 5.55 -7.50 13.72
C LYS A 261 6.02 -8.93 13.97
N GLY A 262 6.52 -9.59 12.94
CA GLY A 262 6.89 -10.99 13.07
C GLY A 262 8.18 -11.20 13.86
N GLN A 263 8.91 -10.11 14.12
CA GLN A 263 10.18 -10.21 14.81
C GLN A 263 9.98 -10.52 16.29
N GLN A 264 11.09 -10.85 16.96
CA GLN A 264 11.02 -11.28 18.35
C GLN A 264 10.65 -10.12 19.27
N GLY A 265 11.28 -8.96 19.08
CA GLY A 265 11.02 -7.82 19.92
C GLY A 265 9.95 -6.91 19.36
N PRO A 266 9.45 -5.98 20.19
CA PRO A 266 8.48 -5.01 19.69
C PRO A 266 9.10 -4.06 18.68
N GLN A 267 8.25 -3.53 17.80
CA GLN A 267 8.70 -2.65 16.74
C GLN A 267 7.91 -1.34 16.80
N ALA A 268 8.40 -0.34 16.06
CA ALA A 268 7.83 0.99 16.08
C ALA A 268 7.38 1.38 14.67
N SER A 269 6.19 1.96 14.56
CA SER A 269 5.64 2.41 13.30
C SER A 269 5.40 3.91 13.34
N PRO A 270 6.23 4.73 12.70
CA PRO A 270 6.00 6.18 12.71
C PRO A 270 4.69 6.51 12.01
N LEU A 271 3.94 7.44 12.60
CA LEU A 271 2.66 7.88 12.03
C LEU A 271 2.68 9.34 11.60
N LEU A 272 3.47 10.20 12.22
CA LEU A 272 3.51 11.61 11.84
C LEU A 272 4.89 12.16 12.15
N VAL A 273 5.51 12.79 11.15
CA VAL A 273 6.83 13.40 11.29
C VAL A 273 6.68 14.90 11.05
N TRP A 274 7.23 15.70 11.96
CA TRP A 274 7.01 17.13 11.96
C TRP A 274 8.30 17.85 12.33
N SER A 275 8.43 19.07 11.82
CA SER A 275 9.60 19.91 12.07
C SER A 275 9.16 21.18 12.77
N VAL A 276 9.83 21.52 13.87
CA VAL A 276 9.50 22.69 14.67
C VAL A 276 9.86 23.96 13.91
N PRO A 277 8.94 24.90 13.75
CA PRO A 277 9.27 26.16 13.09
C PRO A 277 10.24 26.99 13.91
N ASN A 278 11.07 27.76 13.20
CA ASN A 278 12.05 28.67 13.79
C ASN A 278 12.95 27.93 14.78
N PRO A 279 13.80 27.01 14.33
CA PRO A 279 14.59 26.23 15.28
C PRO A 279 15.73 27.00 15.91
N LYS A 280 16.11 28.16 15.34
CA LYS A 280 17.30 28.86 15.82
C LYS A 280 17.07 29.53 17.17
N ILE A 281 15.83 29.92 17.46
CA ILE A 281 15.54 30.73 18.63
C ILE A 281 15.06 29.86 19.78
N ILE A 282 15.29 28.56 19.70
CA ILE A 282 14.82 27.61 20.71
C ILE A 282 15.98 27.20 21.59
N ASN A 283 15.83 27.39 22.91
CA ASN A 283 16.88 26.98 23.84
C ASN A 283 16.93 25.47 23.98
N SER A 284 15.83 24.87 24.44
CA SER A 284 15.74 23.42 24.61
C SER A 284 14.27 23.07 24.80
N CYS A 285 13.96 21.78 24.64
CA CYS A 285 12.59 21.35 24.83
C CYS A 285 12.42 19.84 24.87
N ALA A 286 11.23 19.43 25.29
CA ALA A 286 10.97 18.03 25.62
C ALA A 286 9.54 17.66 25.26
N VAL A 287 9.25 16.36 25.41
CA VAL A 287 8.00 15.77 24.99
C VAL A 287 7.36 15.02 26.15
N ALA A 288 6.04 14.81 26.03
CA ALA A 288 5.24 14.02 26.96
C ALA A 288 4.18 13.28 26.16
N ALA A 289 3.72 12.14 26.66
CA ALA A 289 2.78 11.30 25.94
C ALA A 289 1.63 10.86 26.84
N GLY A 290 0.40 11.15 26.41
CA GLY A 290 -0.77 10.58 27.02
C GLY A 290 -1.56 9.80 25.98
N ASP A 291 -2.65 9.19 26.43
CA ASP A 291 -3.44 8.35 25.53
C ASP A 291 -3.94 9.14 24.33
N GLU A 292 -3.57 8.67 23.14
CA GLU A 292 -3.93 9.30 21.87
C GLU A 292 -3.54 10.78 21.82
N THR A 293 -2.50 11.17 22.55
CA THR A 293 -2.11 12.58 22.57
C THR A 293 -0.63 12.71 22.87
N GLY A 294 0.00 13.66 22.21
CA GLY A 294 1.39 13.99 22.50
C GLY A 294 1.54 15.48 22.70
N TRP A 295 2.46 15.85 23.58
CA TRP A 295 2.72 17.24 23.90
C TRP A 295 4.21 17.51 23.77
N VAL A 296 4.53 18.69 23.24
CA VAL A 296 5.90 19.15 23.15
C VAL A 296 5.97 20.54 23.76
N LEU A 297 6.75 20.68 24.84
CA LEU A 297 6.98 21.97 25.46
C LEU A 297 8.37 22.47 25.12
N CYS A 298 8.45 23.63 24.49
CA CYS A 298 9.71 24.20 24.05
C CYS A 298 9.92 25.58 24.66
N SER A 299 11.17 25.91 24.97
CA SER A 299 11.50 27.22 25.54
C SER A 299 12.29 28.03 24.52
N VAL A 300 11.88 29.28 24.33
CA VAL A 300 12.48 30.16 23.35
C VAL A 300 13.32 31.21 24.07
N THR A 301 14.13 31.93 23.29
CA THR A 301 15.04 32.94 23.81
C THR A 301 14.68 34.31 23.24
N LEU A 302 15.23 35.35 23.85
CA LEU A 302 14.96 36.73 23.45
C LEU A 302 15.80 37.07 22.23
N THR A 303 15.15 37.25 21.08
CA THR A 303 15.80 37.72 19.87
C THR A 303 15.35 39.14 19.58
N ALA A 304 16.28 39.97 19.11
CA ALA A 304 16.00 41.37 18.80
C ALA A 304 17.07 41.91 17.88
N ALA A 305 16.78 43.06 17.28
CA ALA A 305 17.73 43.67 16.34
C ALA A 305 17.99 42.68 15.23
N SER A 306 19.25 42.31 15.06
CA SER A 306 19.58 41.32 14.05
C SER A 306 18.84 40.01 14.33
N GLY A 307 18.57 39.26 13.25
CA GLY A 307 17.76 38.06 13.38
C GLY A 307 18.42 36.99 14.23
N GLU A 308 19.73 37.08 14.43
CA GLU A 308 20.42 36.08 15.22
C GLU A 308 19.98 36.19 16.68
N PRO A 309 19.55 35.09 17.29
CA PRO A 309 19.06 35.16 18.68
C PRO A 309 20.17 35.45 19.67
N ILE A 310 19.81 36.09 20.77
CA ILE A 310 20.73 36.29 21.88
C ILE A 310 20.79 34.98 22.66
N PRO A 311 21.96 34.35 22.78
CA PRO A 311 22.03 33.03 23.41
C PRO A 311 21.73 33.09 24.91
N HIS A 312 21.07 32.03 25.38
CA HIS A 312 20.82 31.82 26.81
C HIS A 312 20.02 32.95 27.43
N MET A 313 18.84 33.22 26.87
CA MET A 313 17.89 34.17 27.44
C MET A 313 16.51 33.54 27.47
N PHE A 314 15.58 34.25 28.09
CA PHE A 314 14.22 33.74 28.30
C PHE A 314 13.20 34.69 27.71
N ASP A 315 12.25 34.13 26.95
CA ASP A 315 11.21 34.96 26.34
C ASP A 315 9.83 34.28 26.36
N GLY A 316 9.67 33.18 27.07
CA GLY A 316 8.40 32.49 27.16
C GLY A 316 8.52 31.04 26.71
N PHE A 317 7.37 30.46 26.39
CA PHE A 317 7.28 29.05 26.02
C PHE A 317 6.42 28.89 24.77
N TRP A 318 6.54 27.72 24.15
CA TRP A 318 5.69 27.28 23.06
C TRP A 318 5.19 25.87 23.40
N LEU A 319 3.91 25.61 23.15
CA LEU A 319 3.33 24.31 23.45
C LEU A 319 2.66 23.74 22.21
N TYR A 320 3.07 22.54 21.80
CA TYR A 320 2.53 21.91 20.62
C TYR A 320 1.80 20.63 20.99
N LYS A 321 0.59 20.47 20.46
CA LYS A 321 -0.25 19.31 20.72
C LYS A 321 -0.40 18.50 19.43
N PHE A 322 -0.13 17.20 19.53
CA PHE A 322 -0.19 16.27 18.42
C PHE A 322 -1.25 15.22 18.70
N GLU A 323 -2.10 14.95 17.72
CA GLU A 323 -3.05 13.85 17.77
C GLU A 323 -3.00 13.10 16.46
N PRO A 324 -3.34 11.80 16.46
CA PRO A 324 -3.30 11.03 15.21
C PRO A 324 -4.25 11.60 14.16
N ASP A 325 -3.82 11.51 12.90
CA ASP A 325 -4.59 11.91 11.72
C ASP A 325 -5.25 13.29 11.89
N THR A 326 -4.50 14.22 12.46
CA THR A 326 -4.98 15.59 12.63
C THR A 326 -3.81 16.54 12.37
N GLU A 327 -4.00 17.82 12.67
CA GLU A 327 -2.98 18.84 12.50
C GLU A 327 -2.45 19.28 13.86
N VAL A 328 -1.16 19.59 13.91
CA VAL A 328 -0.55 20.05 15.15
C VAL A 328 -1.17 21.37 15.58
N VAL A 329 -1.33 21.55 16.89
CA VAL A 329 -1.90 22.78 17.43
C VAL A 329 -0.84 23.49 18.26
N ALA A 330 -0.68 24.79 18.00
CA ALA A 330 0.36 25.58 18.64
C ALA A 330 -0.25 26.59 19.59
N TYR A 331 0.36 26.71 20.77
CA TYR A 331 -0.05 27.65 21.80
C TYR A 331 1.17 28.45 22.23
N ARG A 332 1.00 29.76 22.40
CA ARG A 332 2.07 30.65 22.82
C ARG A 332 1.82 31.07 24.26
N ILE A 333 2.69 30.62 25.17
CA ILE A 333 2.61 30.98 26.58
C ILE A 333 3.71 32.00 26.86
N THR A 334 3.33 33.27 26.98
CA THR A 334 4.32 34.31 27.27
C THR A 334 3.61 35.47 27.96
N GLY A 335 4.41 36.37 28.54
CA GLY A 335 3.87 37.56 29.16
C GLY A 335 3.28 37.32 30.52
N PHE A 336 1.96 37.41 30.62
CA PHE A 336 1.25 37.24 31.88
C PHE A 336 0.70 35.83 32.05
N ALA A 337 1.00 34.93 31.13
CA ALA A 337 0.47 33.56 31.16
C ALA A 337 1.35 32.62 31.98
N TYR A 338 2.52 33.06 32.41
CA TYR A 338 3.39 32.25 33.26
C TYR A 338 3.82 33.07 34.46
N LEU A 339 4.07 32.39 35.58
CA LEU A 339 4.49 33.03 36.83
C LEU A 339 5.51 32.11 37.51
N LEU A 340 6.79 32.36 37.25
CA LEU A 340 7.85 31.64 37.93
C LEU A 340 8.12 32.27 39.30
N ASP A 341 8.45 31.42 40.27
CA ASP A 341 8.65 31.86 41.64
C ASP A 341 9.94 32.64 41.83
N LYS A 342 10.87 32.57 40.88
CA LYS A 342 12.10 33.36 40.93
C LYS A 342 12.35 33.96 39.56
N VAL A 343 13.09 35.07 39.54
CA VAL A 343 13.40 35.71 38.27
C VAL A 343 14.49 34.91 37.57
N TYR A 344 14.15 34.30 36.44
CA TYR A 344 15.04 33.43 35.70
C TYR A 344 15.58 34.18 34.48
N ASP A 345 16.90 34.24 34.36
CA ASP A 345 17.51 34.85 33.19
C ASP A 345 17.43 33.93 31.98
N SER A 346 17.62 32.62 32.19
CA SER A 346 17.52 31.62 31.15
C SER A 346 16.79 30.41 31.69
N VAL A 347 15.99 29.77 30.83
CA VAL A 347 15.19 28.61 31.23
C VAL A 347 15.40 27.51 30.19
N PHE A 348 15.72 26.31 30.66
CA PHE A 348 15.86 25.14 29.82
C PHE A 348 14.90 24.06 30.29
N ILE A 349 14.43 23.24 29.37
CA ILE A 349 13.52 22.15 29.68
C ILE A 349 14.31 20.85 29.72
N GLY A 350 14.08 20.06 30.77
CA GLY A 350 14.80 18.81 30.94
C GLY A 350 14.52 17.85 29.80
N LYS A 351 15.59 17.28 29.23
CA LYS A 351 15.45 16.41 28.07
C LYS A 351 14.75 15.10 28.40
N GLY A 352 14.60 14.77 29.68
CA GLY A 352 13.99 13.50 30.04
C GLY A 352 12.55 13.38 29.57
N GLY A 353 11.77 14.44 29.76
CA GLY A 353 10.40 14.47 29.31
C GLY A 353 9.48 14.86 30.45
N GLY A 354 8.20 14.59 30.28
CA GLY A 354 7.24 14.90 31.30
C GLY A 354 6.05 13.98 31.24
N ILE A 355 5.02 14.28 32.00
CA ILE A 355 3.88 13.41 32.06
C ILE A 355 2.62 14.19 32.02
N GLN A 356 1.48 13.54 31.80
CA GLN A 356 0.20 14.23 31.89
C GLN A 356 -0.64 13.60 32.95
N ARG A 357 -1.16 14.37 33.88
CA ARG A 357 -2.11 13.83 34.81
C ARG A 357 -3.34 14.68 34.69
N GLY A 358 -4.49 14.09 34.45
CA GLY A 358 -5.69 14.86 34.28
C GLY A 358 -5.62 15.88 33.18
N ASN A 359 -5.97 17.11 33.48
CA ASN A 359 -5.91 18.20 32.51
C ASN A 359 -4.58 18.95 32.64
N ASP A 360 -3.68 18.50 33.47
CA ASP A 360 -2.45 19.20 33.72
C ASP A 360 -1.18 18.43 33.39
N LEU A 361 -0.15 19.09 32.86
CA LEU A 361 1.13 18.45 32.58
C LEU A 361 2.21 18.82 33.58
N TYR A 362 3.29 18.04 33.68
CA TYR A 362 4.38 18.27 34.62
C TYR A 362 5.71 18.04 33.92
N PHE A 363 6.62 18.98 34.08
CA PHE A 363 7.96 18.91 33.50
C PHE A 363 8.98 19.34 34.54
N GLN A 364 10.26 19.20 34.20
CA GLN A 364 11.35 19.71 35.00
C GLN A 364 12.11 20.76 34.20
N MET A 365 12.54 21.82 34.89
CA MET A 365 13.28 22.89 34.23
C MET A 365 14.48 23.25 35.10
N PHE A 366 15.48 23.84 34.46
CA PHE A 366 16.66 24.34 35.16
C PHE A 366 17.16 25.58 34.44
N GLY A 367 17.81 26.46 35.20
CA GLY A 367 18.36 27.65 34.58
C GLY A 367 18.95 28.60 35.58
N LEU A 368 19.42 29.74 35.05
CA LEU A 368 20.02 30.77 35.88
C LEU A 368 18.95 31.60 36.57
N SER A 369 19.04 31.69 37.89
CA SER A 369 18.09 32.43 38.70
C SER A 369 18.85 33.32 39.67
N ARG A 370 18.31 34.53 39.88
CA ARG A 370 18.95 35.53 40.72
C ARG A 370 18.37 35.42 42.13
N ASN A 371 19.24 35.53 43.13
CA ASN A 371 18.84 35.49 44.53
C ASN A 371 19.74 36.39 45.36
N ARG A 372 19.29 36.72 46.57
CA ARG A 372 20.06 37.55 47.49
C ARG A 372 20.24 36.93 48.87
N GLN A 373 19.71 35.74 49.09
CA GLN A 373 19.77 35.12 50.42
C GLN A 373 21.10 34.41 50.61
N SER A 374 21.32 33.92 51.83
CA SER A 374 22.50 33.14 52.14
C SER A 374 22.40 31.75 51.51
N ILE A 375 23.56 31.19 51.18
CA ILE A 375 23.63 29.90 50.48
C ILE A 375 24.41 28.91 51.34
N LYS A 376 23.80 27.77 51.60
CA LYS A 376 24.45 26.63 52.25
C LYS A 376 24.15 25.41 51.39
N ALA A 377 24.98 25.18 50.38
CA ALA A 377 24.74 24.10 49.44
C ALA A 377 24.86 22.74 50.11
N LEU A 378 24.09 21.78 49.60
CA LEU A 378 24.10 20.43 50.14
C LEU A 378 25.48 19.81 49.96
N CYS A 379 26.03 19.28 51.05
CA CYS A 379 27.38 18.70 51.07
C CYS A 379 27.31 17.33 51.75
N GLU A 380 27.05 16.30 50.95
CA GLU A 380 27.04 14.92 51.42
C GLU A 380 28.15 14.16 50.72
N HIS A 381 29.06 13.58 51.51
CA HIS A 381 30.18 12.82 50.98
C HIS A 381 30.73 11.93 52.09
N GLY A 382 31.49 10.91 51.70
CA GLY A 382 31.98 9.94 52.66
C GLY A 382 33.47 9.96 52.92
N SER A 383 33.88 10.52 54.06
CA SER A 383 35.26 10.44 54.55
C SER A 383 36.26 10.89 53.50
N CYS A 384 36.03 12.07 52.93
CA CYS A 384 36.95 12.59 51.91
C CYS A 384 38.32 12.89 52.51
N LEU A 385 38.35 13.39 53.75
CA LEU A 385 39.58 13.76 54.42
C LEU A 385 40.40 14.74 53.58
N GLY A 386 41.65 14.41 53.30
CA GLY A 386 42.49 15.31 52.54
C GLY A 386 42.66 16.64 53.23
N THR A 387 42.37 17.71 52.48
CA THR A 387 42.44 19.05 53.07
C THR A 387 41.31 19.26 54.07
N GLY A 388 40.06 19.19 53.60
CA GLY A 388 38.92 19.35 54.49
C GLY A 388 38.94 20.68 55.20
N GLY A 389 38.62 20.66 56.49
CA GLY A 389 38.69 21.85 57.32
C GLY A 389 37.67 22.92 56.99
N GLY A 390 36.54 22.56 56.38
CA GLY A 390 35.55 23.53 56.00
C GLY A 390 35.70 24.11 54.61
N GLY A 391 36.82 23.83 53.93
CA GLY A 391 36.94 24.26 52.54
C GLY A 391 36.01 23.51 51.62
N TYR A 392 35.61 22.29 52.00
CA TYR A 392 34.65 21.54 51.21
C TYR A 392 33.30 22.24 51.17
N GLN A 393 32.89 22.84 52.29
CA GLN A 393 31.64 23.60 52.30
C GLN A 393 31.73 24.81 51.37
N VAL A 394 32.86 25.50 51.37
CA VAL A 394 33.05 26.64 50.48
C VAL A 394 33.00 26.19 49.03
N LEU A 395 33.66 25.07 48.71
CA LEU A 395 33.62 24.55 47.35
C LEU A 395 32.20 24.16 46.94
N CYS A 396 31.45 23.55 47.86
CA CYS A 396 30.06 23.19 47.57
C CYS A 396 29.21 24.41 47.30
N ASP A 397 29.40 25.47 48.10
CA ASP A 397 28.66 26.71 47.88
C ASP A 397 29.05 27.36 46.57
N ARG A 398 30.29 27.32 46.15
CA ARG A 398 30.68 28.00 44.94
C ARG A 398 30.27 27.23 43.71
N ALA A 399 30.12 25.92 43.83
CA ALA A 399 29.79 25.08 42.68
C ALA A 399 28.45 25.42 42.10
N VAL A 400 27.47 25.67 42.95
CA VAL A 400 26.13 25.96 42.50
C VAL A 400 26.08 27.35 41.91
N MET A 401 27.05 28.19 42.23
CA MET A 401 27.09 29.54 41.69
C MET A 401 27.46 29.52 40.22
N SER A 402 27.12 30.60 39.52
CA SER A 402 27.50 30.80 38.13
C SER A 402 28.43 32.00 38.04
N PHE A 403 29.63 31.77 37.50
CA PHE A 403 30.64 32.83 37.33
C PHE A 403 30.98 33.50 38.65
N GLY A 404 30.95 32.73 39.73
CA GLY A 404 31.37 33.23 41.03
C GLY A 404 30.38 34.06 41.84
N SER A 405 29.65 34.95 41.16
CA SER A 405 28.75 35.86 41.86
C SER A 405 27.68 35.09 42.60
N GLU A 406 27.44 35.47 43.87
CA GLU A 406 26.43 34.81 44.68
C GLU A 406 25.03 35.14 44.19
N GLU A 407 24.89 36.19 43.39
CA GLU A 407 23.58 36.63 42.92
C GLU A 407 22.89 35.56 42.06
N SER A 408 23.63 34.99 41.12
CA SER A 408 23.06 34.06 40.15
C SER A 408 23.45 32.63 40.49
N LEU A 409 22.46 31.75 40.53
CA LEU A 409 22.63 30.32 40.74
C LEU A 409 22.07 29.56 39.54
N ILE A 410 22.40 28.28 39.47
CA ILE A 410 21.76 27.36 38.53
C ILE A 410 20.79 26.51 39.34
N SER A 411 19.49 26.67 39.07
CA SER A 411 18.44 26.12 39.90
C SER A 411 17.62 25.10 39.11
N ASN A 412 17.11 24.12 39.85
CA ASN A 412 16.19 23.10 39.36
C ASN A 412 14.78 23.46 39.82
N ALA A 413 13.77 23.07 39.06
CA ALA A 413 12.41 23.44 39.39
C ALA A 413 11.41 22.49 38.77
N TYR A 414 10.35 22.19 39.52
CA TYR A 414 9.14 21.61 38.97
C TYR A 414 8.40 22.65 38.14
N LEU A 415 7.82 22.21 37.03
CA LEU A 415 7.06 23.10 36.15
C LEU A 415 5.70 22.46 35.88
N LYS A 416 4.63 23.23 36.07
CA LYS A 416 3.28 22.74 35.95
C LYS A 416 2.51 23.55 34.91
N VAL A 417 1.86 22.85 33.99
CA VAL A 417 1.03 23.45 32.95
C VAL A 417 -0.42 23.12 33.28
N ASN A 418 -1.25 24.15 33.31
CA ASN A 418 -2.61 24.06 33.83
C ASN A 418 -3.63 24.27 32.71
N ASP A 419 -4.71 23.49 32.78
CA ASP A 419 -5.88 23.65 31.91
C ASP A 419 -5.50 23.59 30.43
N VAL A 420 -4.86 22.48 30.06
CA VAL A 420 -4.43 22.32 28.67
C VAL A 420 -5.63 22.15 27.74
N ALA A 421 -6.73 21.58 28.24
CA ALA A 421 -7.89 21.34 27.40
C ALA A 421 -8.66 22.62 27.10
N SER A 422 -8.57 23.62 27.98
CA SER A 422 -9.31 24.86 27.77
C SER A 422 -8.87 25.58 26.51
N GLY A 423 -7.56 25.62 26.26
CA GLY A 423 -7.04 26.32 25.10
C GLY A 423 -6.20 27.52 25.48
N LYS A 424 -6.12 27.81 26.78
CA LYS A 424 -5.30 28.89 27.32
C LYS A 424 -4.43 28.33 28.44
N PRO A 425 -3.39 27.58 28.10
CA PRO A 425 -2.54 27.00 29.15
C PRO A 425 -1.74 28.07 29.88
N THR A 426 -1.50 27.79 31.16
CA THR A 426 -0.69 28.65 32.02
C THR A 426 0.36 27.80 32.71
N ILE A 427 1.45 28.43 33.14
CA ILE A 427 2.60 27.73 33.68
C ILE A 427 2.98 28.32 35.03
N ILE A 428 3.19 27.44 36.01
CA ILE A 428 3.75 27.82 37.30
C ILE A 428 4.96 26.93 37.57
N SER A 429 5.75 27.29 38.59
CA SER A 429 6.96 26.56 38.87
C SER A 429 7.26 26.60 40.37
N GLN A 430 8.04 25.61 40.80
CA GLN A 430 8.52 25.51 42.17
C GLN A 430 10.02 25.21 42.16
N THR A 431 10.81 26.06 42.81
CA THR A 431 12.25 25.98 42.75
C THR A 431 12.81 25.26 43.97
N PHE A 432 13.74 24.33 43.72
CA PHE A 432 14.47 23.61 44.77
C PHE A 432 15.48 24.54 45.43
N PRO A 433 15.47 24.67 46.76
CA PRO A 433 16.48 25.48 47.44
C PRO A 433 17.87 24.87 47.27
N PRO A 434 18.91 25.70 47.28
CA PRO A 434 20.27 25.15 47.12
C PRO A 434 20.67 24.17 48.20
N SER A 435 20.05 24.27 49.39
CA SER A 435 20.41 23.36 50.47
C SER A 435 19.91 21.95 50.21
N ASP A 436 18.91 21.80 49.33
CA ASP A 436 18.32 20.51 49.04
C ASP A 436 18.70 19.97 47.67
N SER A 437 19.67 20.57 46.99
CA SER A 437 20.04 20.11 45.66
C SER A 437 21.45 20.55 45.32
N TYR A 438 21.98 20.02 44.22
CA TYR A 438 23.27 20.42 43.72
C TYR A 438 22.98 21.30 42.50
N LYS A 439 23.96 21.53 41.65
CA LYS A 439 23.75 22.41 40.51
C LYS A 439 22.72 21.89 39.54
N GLY A 440 21.91 22.75 38.97
CA GLY A 440 20.89 22.34 38.05
C GLY A 440 21.35 21.54 36.87
N SER A 441 20.51 20.61 36.43
CA SER A 441 20.83 19.80 35.26
C SER A 441 19.54 19.27 34.66
N ASN A 442 19.69 18.49 33.60
CA ASN A 442 18.54 17.89 32.94
C ASN A 442 17.88 16.85 33.86
N GLY A 443 16.56 16.75 33.74
CA GLY A 443 15.83 15.83 34.60
C GLY A 443 14.64 15.17 33.92
N ARG A 444 13.85 14.42 34.65
CA ARG A 444 12.69 13.76 34.09
C ARG A 444 11.64 13.58 35.15
N ILE A 445 10.38 13.55 34.77
CA ILE A 445 9.29 13.38 35.71
C ILE A 445 8.61 12.08 35.41
N TYR A 446 8.36 11.26 36.43
CA TYR A 446 7.81 9.92 36.22
C TYR A 446 6.57 9.71 37.02
N THR A 447 5.63 8.92 36.55
CA THR A 447 4.49 8.59 37.36
C THR A 447 4.66 7.18 37.78
N ILE A 448 4.70 6.94 39.08
CA ILE A 448 4.83 5.61 39.57
C ILE A 448 3.59 5.34 40.35
N GLY A 449 2.82 4.33 40.00
CA GLY A 449 1.66 4.07 40.81
C GLY A 449 0.79 5.30 40.90
N GLU A 450 0.41 5.66 42.11
CA GLU A 450 -0.38 6.87 42.36
C GLU A 450 0.49 8.02 42.79
N ARG A 451 1.79 7.85 42.74
CA ARG A 451 2.73 8.85 43.24
C ARG A 451 3.75 9.14 42.17
N TYR A 452 4.48 10.23 42.27
CA TYR A 452 5.39 10.64 41.21
C TYR A 452 6.84 10.68 41.57
N GLY A 453 7.71 10.48 40.60
CA GLY A 453 9.15 10.59 40.84
C GLY A 453 9.93 11.56 39.98
N ILE A 454 11.09 12.00 40.46
CA ILE A 454 11.94 12.90 39.69
C ILE A 454 13.36 12.33 39.66
N TYR A 455 13.96 12.33 38.47
CA TYR A 455 15.36 11.94 38.29
C TYR A 455 16.12 13.18 37.84
N LEU A 456 17.24 13.47 38.51
CA LEU A 456 18.09 14.60 38.16
C LEU A 456 19.45 14.08 37.70
N ALA A 457 19.85 14.49 36.50
CA ALA A 457 21.13 14.04 35.96
C ALA A 457 22.29 14.67 36.74
N PRO A 458 23.46 14.00 36.73
CA PRO A 458 24.62 14.60 37.37
C PRO A 458 25.37 15.68 36.61
N SER A 459 25.51 16.86 37.17
CA SER A 459 26.32 17.91 36.60
C SER A 459 27.09 18.24 37.85
N SER A 460 28.36 18.59 37.76
CA SER A 460 29.18 18.85 38.95
C SER A 460 29.76 17.61 39.65
N TRP A 461 30.30 17.79 40.84
CA TRP A 461 30.98 16.70 41.56
C TRP A 461 30.25 15.45 42.03
N ASN A 462 29.04 15.52 42.56
CA ASN A 462 28.41 14.28 42.97
C ASN A 462 28.06 13.63 41.67
N ARG A 463 28.37 12.35 41.56
CA ARG A 463 28.12 11.67 40.33
C ARG A 463 27.33 10.46 40.70
N TYR A 464 26.74 10.49 41.86
CA TYR A 464 25.85 9.40 42.24
C TYR A 464 24.47 9.60 41.61
N LEU A 465 23.59 8.63 41.82
CA LEU A 465 22.25 8.69 41.28
C LEU A 465 21.37 9.57 42.15
N ARG A 466 20.63 10.48 41.51
CA ARG A 466 19.72 11.39 42.21
C ARG A 466 18.29 11.10 41.76
N PHE A 467 17.57 10.34 42.57
CA PHE A 467 16.17 10.01 42.32
C PHE A 467 15.36 10.33 43.57
N GLY A 468 14.15 10.82 43.37
CA GLY A 468 13.30 11.20 44.48
C GLY A 468 11.86 10.86 44.21
N LEU A 469 11.10 10.65 45.27
CA LEU A 469 9.69 10.27 45.19
C LEU A 469 8.86 11.30 45.94
N THR A 470 7.79 11.78 45.31
CA THR A 470 6.90 12.76 45.90
C THR A 470 5.46 12.35 45.64
N PRO A 471 4.56 12.51 46.61
CA PRO A 471 3.16 12.13 46.37
C PRO A 471 2.35 13.19 45.63
N ASP A 472 2.73 14.46 45.76
CA ASP A 472 1.95 15.56 45.19
C ASP A 472 2.79 16.50 44.33
N ILE A 473 3.99 16.09 43.92
CA ILE A 473 4.87 16.95 43.12
C ILE A 473 5.13 18.26 43.85
N SER A 474 5.60 18.18 45.09
CA SER A 474 5.91 19.37 45.87
C SER A 474 7.37 19.29 46.31
N VAL A 475 8.00 20.46 46.43
CA VAL A 475 9.41 20.52 46.81
C VAL A 475 9.60 20.02 48.24
N ARG A 476 8.66 20.36 49.13
CA ARG A 476 8.79 20.05 50.55
C ARG A 476 8.43 18.61 50.90
N SER A 477 7.92 17.83 49.93
CA SER A 477 7.51 16.45 50.19
C SER A 477 8.20 15.51 49.21
N THR A 478 9.51 15.70 49.04
CA THR A 478 10.32 14.88 48.15
C THR A 478 11.40 14.19 48.97
N THR A 479 11.47 12.86 48.86
CA THR A 479 12.47 12.08 49.57
C THR A 479 13.35 11.36 48.56
N TRP A 480 14.66 11.35 48.81
CA TRP A 480 15.64 10.89 47.85
C TRP A 480 16.12 9.48 48.20
N LEU A 481 16.30 8.65 47.18
CA LEU A 481 16.79 7.29 47.37
C LEU A 481 18.24 7.32 47.84
N LYS A 482 18.63 6.26 48.55
CA LYS A 482 19.96 6.12 49.14
C LYS A 482 20.84 5.19 48.32
N GLU A 483 20.66 5.17 47.01
CA GLU A 483 21.30 4.18 46.15
C GLU A 483 22.32 4.86 45.24
N LYS A 484 23.45 4.19 45.02
CA LYS A 484 24.53 4.75 44.22
C LYS A 484 24.80 3.96 42.95
N ASP A 485 23.91 3.05 42.55
CA ASP A 485 24.25 2.06 41.52
C ASP A 485 24.61 2.67 40.18
N PRO A 486 23.84 3.60 39.59
CA PRO A 486 24.32 4.25 38.36
C PRO A 486 25.27 5.39 38.66
N ILE A 487 26.54 5.21 38.32
CA ILE A 487 27.56 6.24 38.50
C ILE A 487 28.06 6.64 37.11
N MET A 488 28.01 7.93 36.82
CA MET A 488 28.45 8.45 35.52
C MET A 488 29.96 8.55 35.51
N LYS A 489 30.60 7.81 34.60
CA LYS A 489 32.05 7.79 34.48
C LYS A 489 32.53 8.32 33.13
N VAL A 490 31.61 8.82 32.30
CA VAL A 490 31.94 9.32 30.98
C VAL A 490 31.53 10.78 30.89
N LEU A 491 32.24 11.52 30.04
CA LEU A 491 31.96 12.94 29.79
C LEU A 491 32.04 13.78 31.06
N THR A 492 33.01 13.48 31.92
CA THR A 492 33.25 14.22 33.15
C THR A 492 34.68 14.71 33.17
N THR A 493 34.91 15.86 33.79
CA THR A 493 36.27 16.36 33.99
C THR A 493 36.62 16.18 35.45
N CYS A 494 35.69 15.64 36.25
CA CYS A 494 35.93 15.38 37.67
C CYS A 494 36.93 14.29 37.91
N THR A 495 37.72 14.41 38.97
CA THR A 495 38.76 13.46 39.26
C THR A 495 38.53 12.64 40.53
N ASN A 496 37.54 13.01 41.31
CA ASN A 496 37.26 12.33 42.58
C ASN A 496 36.93 10.85 42.33
N THR A 497 37.28 10.02 43.31
CA THR A 497 37.08 8.59 43.19
C THR A 497 35.61 8.23 43.34
N ASP A 498 35.27 7.02 42.88
CA ASP A 498 33.89 6.54 43.00
C ASP A 498 33.56 6.18 44.44
N LYS A 499 34.54 5.66 45.18
CA LYS A 499 34.29 5.24 46.56
C LYS A 499 33.90 6.43 47.44
N ASP A 500 34.61 7.54 47.30
CA ASP A 500 34.32 8.76 48.04
C ASP A 500 34.32 9.95 47.09
N MET A 501 33.25 10.72 47.13
CA MET A 501 33.06 11.84 46.20
C MET A 501 33.56 13.12 46.85
N CYS A 502 34.77 13.54 46.48
CA CYS A 502 35.36 14.74 47.02
C CYS A 502 34.81 15.98 46.33
N PRO A 503 34.29 16.94 47.12
CA PRO A 503 33.83 18.17 46.51
C PRO A 503 34.91 18.82 45.67
N GLU A 504 34.60 19.19 44.44
CA GLU A 504 35.56 19.76 43.51
C GLU A 504 34.80 20.58 42.51
N ILE A 505 35.45 21.46 41.77
CA ILE A 505 34.69 22.14 40.75
C ILE A 505 34.96 21.44 39.43
N CYS A 506 33.91 20.90 38.80
CA CYS A 506 34.05 20.13 37.58
C CYS A 506 32.76 20.16 36.82
N ASN A 507 32.76 19.82 35.54
CA ASN A 507 31.51 19.72 34.81
C ASN A 507 31.26 18.34 34.25
N THR A 508 30.07 17.79 34.43
CA THR A 508 29.73 16.49 33.87
C THR A 508 28.60 16.70 32.88
N ARG A 509 28.72 16.15 31.68
CA ARG A 509 27.67 16.30 30.71
C ARG A 509 27.23 14.96 30.20
N GLY A 510 26.24 14.38 30.82
CA GLY A 510 25.78 13.06 30.44
C GLY A 510 24.42 12.76 31.04
N TYR A 511 23.76 11.75 30.49
CA TYR A 511 22.40 11.42 30.87
C TYR A 511 22.21 9.92 30.90
N GLN A 512 21.96 9.37 32.09
CA GLN A 512 21.60 7.97 32.26
C GLN A 512 20.54 7.87 33.34
N ASP A 513 19.30 7.61 32.93
CA ASP A 513 18.18 7.56 33.85
C ASP A 513 17.79 6.10 34.12
N ILE A 514 16.87 5.93 35.06
CA ILE A 514 16.42 4.61 35.51
C ILE A 514 14.92 4.51 35.31
N PHE A 515 14.41 3.28 35.32
CA PHE A 515 12.96 3.08 35.29
C PHE A 515 12.54 2.25 36.49
N PRO A 516 11.71 2.79 37.39
CA PRO A 516 11.30 2.02 38.57
C PRO A 516 10.44 0.83 38.18
N LEU A 517 10.74 -0.32 38.80
CA LEU A 517 9.99 -1.55 38.57
C LEU A 517 9.12 -1.93 39.76
N SER A 518 8.97 -1.04 40.74
CA SER A 518 8.15 -1.29 41.90
C SER A 518 7.58 0.04 42.40
N GLU A 519 6.56 -0.05 43.26
CA GLU A 519 5.87 1.16 43.71
C GLU A 519 6.80 2.07 44.51
N ASP A 520 7.67 1.49 45.33
CA ASP A 520 8.62 2.27 46.11
C ASP A 520 9.97 2.42 45.42
N SER A 521 10.09 1.99 44.15
CA SER A 521 11.32 2.06 43.38
C SER A 521 12.46 1.28 44.03
N SER A 522 12.14 0.20 44.72
CA SER A 522 13.19 -0.66 45.27
C SER A 522 13.87 -1.46 44.18
N PHE A 523 13.09 -1.99 43.24
CA PHE A 523 13.60 -2.58 42.01
C PHE A 523 13.69 -1.51 40.94
N TYR A 524 14.75 -1.52 40.15
CA TYR A 524 14.78 -0.66 38.96
C TYR A 524 15.75 -1.23 37.94
N THR A 525 15.67 -0.72 36.73
CA THR A 525 16.54 -1.13 35.63
C THR A 525 17.30 0.08 35.11
N TYR A 526 18.54 -0.13 34.68
CA TYR A 526 19.36 0.96 34.18
C TYR A 526 20.41 0.43 33.24
N ILE A 527 21.18 1.35 32.66
CA ILE A 527 22.26 1.03 31.74
C ILE A 527 23.53 1.71 32.22
N GLY A 528 24.61 0.93 32.32
CA GLY A 528 25.88 1.45 32.77
C GLY A 528 26.91 1.53 31.66
N ILE A 529 27.65 2.63 31.61
CA ILE A 529 28.65 2.88 30.59
C ILE A 529 29.98 3.14 31.28
N THR A 530 31.04 2.46 30.83
CA THR A 530 32.36 2.61 31.39
C THR A 530 33.37 2.97 30.31
N PRO A 531 34.14 4.04 30.48
CA PRO A 531 35.15 4.39 29.49
C PRO A 531 36.29 3.40 29.46
N SER A 532 36.91 3.29 28.29
CA SER A 532 38.04 2.40 28.08
C SER A 532 39.05 3.06 27.15
N ASN A 533 40.01 2.28 26.68
CA ASN A 533 41.02 2.80 25.76
C ASN A 533 40.38 3.25 24.46
N GLU A 534 39.50 2.42 23.92
CA GLU A 534 38.80 2.72 22.67
C GLU A 534 37.30 2.71 22.92
N GLY A 535 36.69 3.90 22.94
CA GLY A 535 35.26 3.98 23.13
C GLY A 535 34.86 3.62 24.54
N THR A 536 33.72 2.94 24.67
CA THR A 536 33.15 2.61 25.96
C THR A 536 32.60 1.19 25.94
N LYS A 537 32.38 0.64 27.12
CA LYS A 537 31.73 -0.65 27.29
C LYS A 537 30.45 -0.48 28.11
N SER A 538 29.37 -1.10 27.64
CA SER A 538 28.05 -0.84 28.19
C SER A 538 27.39 -2.15 28.62
N PHE A 539 26.60 -2.05 29.67
CA PHE A 539 25.83 -3.19 30.15
C PHE A 539 24.44 -2.71 30.59
N VAL A 540 23.50 -3.64 30.62
CA VAL A 540 22.17 -3.37 31.14
C VAL A 540 22.01 -4.15 32.44
N ALA A 541 21.47 -3.47 33.46
CA ALA A 541 21.48 -4.04 34.80
C ALA A 541 20.11 -3.85 35.44
N VAL A 542 19.79 -4.75 36.37
CA VAL A 542 18.59 -4.68 37.20
C VAL A 542 19.02 -4.75 38.65
N LYS A 543 18.46 -3.85 39.47
CA LYS A 543 18.80 -3.73 40.88
C LYS A 543 17.59 -4.06 41.72
N ASP A 544 17.77 -4.98 42.67
CA ASP A 544 16.71 -5.52 43.51
C ASP A 544 16.79 -4.92 44.92
N ASP A 545 15.98 -5.47 45.84
CA ASP A 545 15.88 -4.94 47.20
C ASP A 545 17.16 -5.18 47.99
N ALA A 546 17.67 -6.42 47.97
CA ALA A 546 18.75 -6.80 48.88
C ALA A 546 20.04 -6.06 48.57
N GLY A 547 20.21 -5.60 47.34
CA GLY A 547 21.41 -4.88 46.97
C GLY A 547 22.24 -5.55 45.89
N HIS A 548 21.64 -6.51 45.19
CA HIS A 548 22.31 -7.24 44.13
C HIS A 548 22.05 -6.59 42.78
N VAL A 549 23.00 -6.76 41.87
CA VAL A 549 22.91 -6.23 40.52
C VAL A 549 23.03 -7.38 39.53
N ALA A 550 22.08 -7.46 38.61
CA ALA A 550 22.13 -8.45 37.53
C ALA A 550 22.45 -7.77 36.21
N SER A 551 23.61 -8.09 35.64
CA SER A 551 24.14 -7.31 34.53
C SER A 551 24.37 -8.21 33.32
N ILE A 552 24.10 -7.64 32.15
CA ILE A 552 24.42 -8.28 30.87
C ILE A 552 25.08 -7.26 29.96
N THR A 553 26.25 -7.61 29.42
CA THR A 553 26.94 -6.70 28.51
C THR A 553 26.18 -6.58 27.20
N ILE A 554 26.22 -5.39 26.60
CA ILE A 554 25.45 -5.14 25.40
C ILE A 554 26.21 -4.35 24.35
N LEU A 555 25.76 -4.35 23.11
CA LEU A 555 26.37 -3.51 22.05
C LEU A 555 27.87 -3.68 21.86
N PRO A 556 28.36 -4.92 21.82
CA PRO A 556 29.81 -5.13 21.74
C PRO A 556 30.46 -4.55 20.50
N ASN A 557 29.83 -4.68 19.35
CA ASN A 557 30.34 -4.12 18.10
C ASN A 557 30.45 -2.61 18.09
N TYR A 558 29.49 -1.93 18.68
CA TYR A 558 29.48 -0.47 18.65
C TYR A 558 30.69 0.11 19.35
N TYR A 559 31.25 1.18 18.80
CA TYR A 559 32.46 1.79 19.36
C TYR A 559 32.24 2.51 20.67
N SER A 560 31.28 3.42 20.73
CA SER A 560 31.07 4.18 21.93
C SER A 560 29.59 4.51 22.09
N ILE A 561 29.16 4.63 23.35
CA ILE A 561 27.81 5.02 23.71
C ILE A 561 27.92 6.03 24.85
N THR A 562 27.19 7.14 24.72
CA THR A 562 27.34 8.25 25.66
C THR A 562 26.12 8.53 26.53
N SER A 563 24.93 8.03 26.19
CA SER A 563 23.76 8.27 27.01
C SER A 563 22.73 7.17 26.75
N ALA A 564 21.73 7.11 27.62
CA ALA A 564 20.67 6.12 27.49
C ALA A 564 19.45 6.58 28.27
N THR A 565 18.27 6.38 27.68
CA THR A 565 17.00 6.64 28.34
C THR A 565 16.09 5.43 28.15
N ILE A 566 15.43 4.99 29.22
CA ILE A 566 14.71 3.74 29.23
C ILE A 566 13.24 3.99 29.52
N SER A 567 12.38 3.28 28.78
CA SER A 567 10.94 3.31 29.04
C SER A 567 10.38 1.91 28.90
N CYS A 568 9.62 1.46 29.89
CA CYS A 568 9.13 0.09 29.93
C CYS A 568 7.61 0.06 29.82
N PHE A 569 7.09 -1.10 29.44
CA PHE A 569 5.66 -1.29 29.21
C PHE A 569 5.36 -2.78 29.30
N MET A 570 4.10 -3.13 29.05
CA MET A 570 3.62 -4.50 29.07
C MET A 570 3.43 -4.95 27.62
N TYR A 571 4.06 -6.07 27.26
CA TYR A 571 4.02 -6.59 25.91
C TYR A 571 4.09 -8.11 25.96
N LYS A 572 3.02 -8.76 25.50
CA LYS A 572 2.89 -10.21 25.52
C LYS A 572 3.07 -10.77 26.93
N GLU A 573 2.32 -10.19 27.87
CA GLU A 573 2.24 -10.66 29.25
C GLU A 573 3.62 -10.69 29.91
N GLU A 574 4.39 -9.62 29.70
CA GLU A 574 5.72 -9.49 30.28
C GLU A 574 6.09 -8.02 30.27
N ILE A 575 7.14 -7.69 31.00
CA ILE A 575 7.67 -6.33 31.05
C ILE A 575 8.77 -6.19 30.01
N TRP A 576 8.58 -5.30 29.06
CA TRP A 576 9.56 -5.08 28.03
C TRP A 576 9.98 -3.66 28.13
N CYS A 577 11.24 -3.37 27.85
CA CYS A 577 11.74 -2.01 27.91
C CYS A 577 12.45 -1.61 26.65
N ILE A 578 12.34 -0.36 26.21
CA ILE A 578 13.07 0.11 25.06
C ILE A 578 14.02 1.21 25.46
N ALA A 579 15.29 1.10 25.07
CA ALA A 579 16.29 2.08 25.44
C ALA A 579 16.78 2.87 24.26
N VAL A 580 16.78 4.20 24.36
CA VAL A 580 17.22 5.05 23.28
C VAL A 580 18.58 5.62 23.65
N THR A 581 19.61 5.33 22.88
CA THR A 581 20.97 5.76 23.16
C THR A 581 21.47 6.61 22.01
N GLU A 582 22.52 7.37 22.27
CA GLU A 582 23.22 8.13 21.25
C GLU A 582 24.70 7.76 21.26
N GLY A 583 25.28 7.57 20.08
CA GLY A 583 26.66 7.17 20.01
C GLY A 583 27.13 7.00 18.58
N ARG A 584 28.26 6.34 18.45
CA ARG A 584 28.92 6.10 17.17
C ARG A 584 29.15 4.60 16.99
N LYS A 585 28.74 4.07 15.84
CA LYS A 585 29.02 2.67 15.54
C LYS A 585 30.51 2.44 15.31
N GLN A 586 31.16 3.36 14.59
CA GLN A 586 32.59 3.31 14.37
C GLN A 586 33.21 4.63 14.80
N LYS A 587 34.54 4.64 14.84
CA LYS A 587 35.25 5.77 15.42
C LYS A 587 35.02 7.06 14.63
N GLU A 588 35.02 6.96 13.30
CA GLU A 588 34.96 8.15 12.47
C GLU A 588 33.54 8.52 12.02
N ASN A 589 32.53 7.74 12.39
CA ASN A 589 31.16 8.08 12.03
C ASN A 589 30.66 9.25 12.87
N PRO A 590 29.73 10.05 12.35
CA PRO A 590 29.08 11.07 13.17
C PRO A 590 28.14 10.45 14.19
N GLN A 591 27.82 11.19 15.25
CA GLN A 591 26.97 10.68 16.31
C GLN A 591 25.52 10.57 15.85
N ARG A 592 24.91 9.43 16.15
CA ARG A 592 23.52 9.20 15.79
C ARG A 592 22.79 8.61 16.99
N ILE A 593 21.51 8.32 16.83
CA ILE A 593 20.69 7.82 17.94
C ILE A 593 20.10 6.48 17.60
N TYR A 594 20.16 5.51 18.51
CA TYR A 594 19.70 4.16 18.25
C TYR A 594 18.77 3.62 19.31
N ALA A 595 17.81 2.77 18.93
CA ALA A 595 16.85 2.18 19.87
C ALA A 595 16.90 0.66 19.93
N HIS A 596 16.90 0.06 21.10
CA HIS A 596 16.94 -1.38 21.27
C HIS A 596 15.97 -1.86 22.33
N SER A 597 15.55 -3.11 22.30
CA SER A 597 14.55 -3.64 23.22
C SER A 597 14.97 -4.86 24.03
N TYR A 598 14.57 -4.94 25.28
CA TYR A 598 14.87 -6.10 26.14
C TYR A 598 13.72 -6.43 27.08
N ARG A 599 13.76 -7.58 27.73
CA ARG A 599 12.70 -8.02 28.61
C ARG A 599 13.23 -8.21 30.03
N VAL A 600 12.35 -7.99 31.01
CA VAL A 600 12.65 -8.21 32.41
C VAL A 600 11.89 -9.44 32.88
N GLN A 601 12.61 -10.40 33.44
CA GLN A 601 12.03 -11.69 33.81
C GLN A 601 12.16 -11.91 35.32
N LYS A 602 11.08 -12.39 35.92
CA LYS A 602 11.04 -12.60 37.35
C LYS A 602 11.55 -13.95 37.73
N MET A 603 12.13 -14.04 38.92
CA MET A 603 12.69 -15.28 39.36
C MET A 603 12.38 -15.55 40.80
N CYS A 604 12.37 -16.81 41.22
CA CYS A 604 12.18 -17.12 42.62
C CYS A 604 13.24 -18.08 43.09
N PHE A 605 14.45 -17.58 43.24
CA PHE A 605 15.54 -18.43 43.64
C PHE A 605 15.39 -18.84 45.08
N ASN A 606 15.73 -20.08 45.40
CA ASN A 606 15.71 -20.53 46.78
C ASN A 606 17.12 -20.87 47.14
N ILE A 607 17.59 -20.33 48.25
CA ILE A 607 18.92 -20.66 48.70
C ILE A 607 18.81 -21.78 49.71
N ASN B 61 6.59 62.69 -29.10
CA ASN B 61 5.54 61.88 -29.70
C ASN B 61 6.13 60.76 -30.54
N VAL B 62 7.25 61.03 -31.18
CA VAL B 62 7.91 59.99 -31.97
C VAL B 62 8.34 58.85 -31.07
N THR B 63 8.84 59.17 -29.89
CA THR B 63 9.39 58.14 -29.03
C THR B 63 8.38 57.10 -28.60
N ASN B 64 7.18 57.51 -28.26
CA ASN B 64 6.25 56.52 -27.76
C ASN B 64 6.01 55.51 -28.86
N LEU B 65 5.86 56.00 -30.09
CA LEU B 65 5.56 55.09 -31.19
C LEU B 65 6.72 54.13 -31.34
N THR B 66 7.94 54.65 -31.24
CA THR B 66 9.09 53.78 -31.31
C THR B 66 9.12 52.78 -30.16
N THR B 67 8.80 53.23 -28.96
CA THR B 67 8.80 52.33 -27.80
C THR B 67 7.76 51.25 -27.99
N ILE B 68 6.61 51.64 -28.53
CA ILE B 68 5.55 50.67 -28.68
C ILE B 68 6.08 49.60 -29.62
N LYS B 69 6.80 50.01 -30.65
CA LYS B 69 7.40 49.03 -31.53
C LYS B 69 8.30 48.09 -30.77
N ASN B 70 9.39 48.62 -30.22
CA ASN B 70 10.36 47.76 -29.55
C ASN B 70 9.67 46.88 -28.51
N GLN B 71 8.74 47.46 -27.76
CA GLN B 71 7.95 46.71 -26.79
C GLN B 71 7.13 45.64 -27.46
N GLN B 72 6.62 45.93 -28.66
CA GLN B 72 5.89 44.92 -29.42
C GLN B 72 6.76 43.71 -29.73
N ALA B 73 7.97 43.96 -30.25
CA ALA B 73 8.85 42.85 -30.59
C ALA B 73 9.21 42.04 -29.33
N MET B 74 9.54 42.74 -28.24
CA MET B 74 9.98 42.06 -27.03
C MET B 74 8.83 41.31 -26.37
N LEU B 75 7.62 41.88 -26.42
CA LEU B 75 6.42 41.20 -25.96
C LEU B 75 6.18 39.92 -26.76
N LYS B 76 6.34 40.01 -28.09
CA LYS B 76 6.14 38.83 -28.92
C LYS B 76 7.10 37.72 -28.56
N ILE B 77 8.38 38.06 -28.37
CA ILE B 77 9.34 36.99 -28.06
C ILE B 77 9.05 36.37 -26.70
N ILE B 78 8.76 37.19 -25.68
CA ILE B 78 8.52 36.62 -24.35
C ILE B 78 7.23 35.80 -24.35
N GLN B 79 6.22 36.24 -25.11
CA GLN B 79 4.96 35.51 -25.15
C GLN B 79 5.13 34.19 -25.89
N ASP B 80 6.21 34.03 -26.65
CA ASP B 80 6.46 32.74 -27.25
C ASP B 80 7.25 31.83 -26.30
N GLU B 81 8.08 32.41 -25.43
CA GLU B 81 8.90 31.62 -24.50
C GLU B 81 8.13 30.79 -23.47
N VAL B 82 7.05 31.32 -22.93
CA VAL B 82 6.29 30.65 -21.86
C VAL B 82 5.71 29.30 -22.23
N ASN B 83 5.24 29.16 -23.45
CA ASN B 83 4.54 27.94 -23.81
C ASN B 83 5.36 26.67 -23.66
N SER B 84 6.63 26.68 -24.01
CA SER B 84 7.36 25.43 -23.98
C SER B 84 7.42 24.81 -22.59
N LYS B 85 7.62 25.61 -21.56
CA LYS B 85 7.60 25.09 -20.19
C LYS B 85 6.21 24.56 -19.88
N LEU B 86 5.18 25.24 -20.36
CA LEU B 86 3.81 24.88 -20.02
C LEU B 86 3.45 23.50 -20.45
N GLU B 87 3.91 23.07 -21.61
CA GLU B 87 3.50 21.77 -22.10
C GLU B 87 3.93 20.67 -21.15
N MET B 88 5.13 20.77 -20.60
CA MET B 88 5.58 19.77 -19.65
C MET B 88 4.68 19.74 -18.44
N PHE B 89 4.26 20.88 -17.95
CA PHE B 89 3.32 20.92 -16.85
C PHE B 89 2.05 20.21 -17.27
N VAL B 90 1.73 20.28 -18.55
CA VAL B 90 0.56 19.57 -19.07
C VAL B 90 0.80 18.06 -19.04
N SER B 91 1.99 17.63 -19.47
CA SER B 91 2.32 16.21 -19.43
C SER B 91 2.31 15.67 -18.00
N LEU B 92 2.84 16.46 -17.06
CA LEU B 92 2.81 16.05 -15.66
C LEU B 92 1.37 15.93 -15.15
N ASP B 93 0.50 16.84 -15.56
CA ASP B 93 -0.91 16.75 -15.17
C ASP B 93 -1.54 15.48 -15.71
N GLN B 94 -1.25 15.15 -16.98
CA GLN B 94 -1.77 13.90 -17.54
C GLN B 94 -1.27 12.70 -16.74
N LEU B 95 0.02 12.69 -16.40
CA LEU B 95 0.57 11.58 -15.64
C LEU B 95 -0.09 11.43 -14.28
N VAL B 96 -0.28 12.56 -13.57
CA VAL B 96 -0.82 12.50 -12.22
C VAL B 96 -2.28 12.08 -12.25
N LYS B 97 -3.08 12.68 -13.12
CA LYS B 97 -4.52 12.44 -13.16
C LYS B 97 -4.89 11.12 -13.82
N GLY B 98 -4.00 10.55 -14.63
CA GLY B 98 -4.35 9.36 -15.37
C GLY B 98 -3.92 8.03 -14.76
N GLU B 99 -2.76 7.99 -14.10
CA GLU B 99 -2.22 6.73 -13.60
C GLU B 99 -2.12 6.69 -12.09
N ILE B 100 -1.57 7.73 -11.45
CA ILE B 100 -1.30 7.70 -10.01
C ILE B 100 -2.59 7.57 -9.22
N LYS B 101 -3.59 8.38 -9.57
CA LYS B 101 -4.85 8.35 -8.83
C LYS B 101 -5.58 7.02 -8.91
N PRO B 102 -5.81 6.41 -10.09
CA PRO B 102 -6.47 5.10 -10.11
C PRO B 102 -5.69 4.02 -9.37
N LYS B 103 -4.36 4.06 -9.46
CA LYS B 103 -3.54 3.05 -8.77
C LYS B 103 -3.62 3.22 -7.26
N VAL B 104 -3.61 4.46 -6.78
CA VAL B 104 -3.79 4.70 -5.35
C VAL B 104 -5.16 4.23 -4.89
N SER B 105 -6.19 4.49 -5.71
CA SER B 105 -7.53 4.01 -5.36
C SER B 105 -7.57 2.49 -5.30
N LEU B 106 -6.92 1.81 -6.24
CA LEU B 106 -6.87 0.35 -6.22
C LEU B 106 -6.12 -0.17 -5.00
N ILE B 107 -5.01 0.46 -4.65
CA ILE B 107 -4.23 0.03 -3.49
C ILE B 107 -5.04 0.20 -2.21
N ASN B 108 -5.81 1.28 -2.11
CA ASN B 108 -6.62 1.50 -0.91
C ASN B 108 -7.60 0.35 -0.70
N THR B 109 -8.32 -0.05 -1.74
CA THR B 109 -9.28 -1.15 -1.61
C THR B 109 -8.58 -2.47 -1.39
N ALA B 110 -7.44 -2.69 -2.05
CA ALA B 110 -6.71 -3.94 -1.88
C ALA B 110 -6.20 -4.11 -0.46
N VAL B 111 -5.81 -3.00 0.17
CA VAL B 111 -5.19 -3.08 1.49
C VAL B 111 -6.26 -3.08 2.58
N SER B 112 -7.34 -2.32 2.38
CA SER B 112 -8.28 -2.09 3.48
C SER B 112 -9.40 -3.13 3.51
N VAL B 113 -9.69 -3.76 2.37
CA VAL B 113 -10.88 -4.60 2.22
C VAL B 113 -10.52 -6.05 1.92
N SER B 114 -9.64 -6.28 0.94
CA SER B 114 -9.45 -7.64 0.42
C SER B 114 -8.61 -8.49 1.37
N ILE B 115 -7.43 -8.01 1.74
CA ILE B 115 -6.50 -8.75 2.59
C ILE B 115 -7.11 -9.07 3.95
N PRO B 116 -7.77 -8.11 4.62
CA PRO B 116 -8.47 -8.48 5.87
C PRO B 116 -9.50 -9.58 5.68
N GLY B 117 -10.24 -9.57 4.58
CA GLY B 117 -11.20 -10.63 4.33
C GLY B 117 -10.54 -11.98 4.13
N GLN B 118 -9.43 -12.00 3.40
CA GLN B 118 -8.68 -13.25 3.21
C GLN B 118 -8.20 -13.81 4.54
N ILE B 119 -7.63 -12.94 5.39
CA ILE B 119 -7.16 -13.39 6.69
C ILE B 119 -8.30 -13.87 7.58
N SER B 120 -9.45 -13.18 7.55
CA SER B 120 -10.60 -13.61 8.33
C SER B 120 -11.10 -14.98 7.89
N ASN B 121 -11.17 -15.21 6.57
CA ASN B 121 -11.59 -16.52 6.08
C ASN B 121 -10.60 -17.61 6.50
N LEU B 122 -9.31 -17.30 6.44
CA LEU B 122 -8.29 -18.25 6.91
C LEU B 122 -8.51 -18.61 8.37
N GLN B 123 -8.73 -17.60 9.21
CA GLN B 123 -8.93 -17.85 10.64
C GLN B 123 -10.18 -18.70 10.89
N THR B 124 -11.27 -18.38 10.19
CA THR B 124 -12.51 -19.13 10.36
C THR B 124 -12.31 -20.60 9.98
N LYS B 125 -11.66 -20.84 8.83
CA LYS B 125 -11.41 -22.22 8.42
C LYS B 125 -10.55 -22.96 9.43
N PHE B 126 -9.51 -22.29 9.94
CA PHE B 126 -8.64 -22.93 10.92
C PHE B 126 -9.42 -23.34 12.17
N LEU B 127 -10.26 -22.43 12.68
CA LEU B 127 -11.02 -22.74 13.89
C LEU B 127 -11.98 -23.89 13.66
N GLN B 128 -12.67 -23.90 12.52
CA GLN B 128 -13.59 -24.98 12.24
C GLN B 128 -12.87 -26.33 12.12
N LYS B 129 -11.71 -26.34 11.46
CA LYS B 129 -10.94 -27.58 11.36
C LYS B 129 -10.47 -28.05 12.73
N TYR B 130 -10.10 -27.12 13.61
CA TYR B 130 -9.73 -27.51 14.97
C TYR B 130 -10.90 -28.14 15.70
N VAL B 131 -12.10 -27.58 15.53
CA VAL B 131 -13.29 -28.15 16.16
C VAL B 131 -13.52 -29.58 15.67
N TYR B 132 -13.40 -29.78 14.36
CA TYR B 132 -13.56 -31.12 13.78
C TYR B 132 -12.53 -32.09 14.36
N LEU B 133 -11.28 -31.63 14.47
CA LEU B 133 -10.21 -32.45 15.02
C LEU B 133 -10.50 -32.86 16.45
N GLU B 134 -10.96 -31.90 17.27
CA GLU B 134 -11.27 -32.21 18.66
C GLU B 134 -12.39 -33.24 18.76
N GLU B 135 -13.45 -33.07 17.96
CA GLU B 135 -14.54 -34.03 18.00
C GLU B 135 -14.07 -35.42 17.59
N SER B 136 -13.26 -35.51 16.54
CA SER B 136 -12.76 -36.81 16.10
C SER B 136 -11.89 -37.46 17.17
N ILE B 137 -11.03 -36.67 17.82
CA ILE B 137 -10.13 -37.17 18.85
C ILE B 137 -10.94 -37.73 20.02
N THR B 138 -11.96 -36.99 20.46
CA THR B 138 -12.79 -37.48 21.55
C THR B 138 -13.53 -38.76 21.14
N LYS B 139 -14.01 -38.83 19.89
CA LYS B 139 -14.82 -39.97 19.49
C LYS B 139 -13.98 -41.23 19.34
N GLN B 140 -12.74 -41.11 18.87
CA GLN B 140 -12.04 -42.27 18.31
C GLN B 140 -11.01 -42.91 19.23
N CYS B 141 -10.41 -42.17 20.16
CA CYS B 141 -9.33 -42.71 20.97
C CYS B 141 -9.90 -43.44 22.19
N THR B 142 -8.99 -44.10 22.93
CA THR B 142 -9.24 -44.85 24.16
C THR B 142 -10.42 -45.81 24.05
N CYS B 143 -10.76 -46.25 22.85
CA CYS B 143 -11.86 -47.20 22.61
C CYS B 143 -13.18 -46.66 23.15
N ASP B 161 -23.94 -29.31 0.21
CA ASP B 161 -23.94 -28.05 0.95
C ASP B 161 -25.35 -27.47 1.04
N LYS B 162 -25.45 -26.14 1.02
CA LYS B 162 -26.72 -25.43 1.07
C LYS B 162 -26.83 -24.57 -0.18
N PRO B 163 -27.02 -25.19 -1.35
CA PRO B 163 -27.01 -24.40 -2.60
C PRO B 163 -28.07 -23.33 -2.66
N ASP B 164 -29.26 -23.59 -2.09
CA ASP B 164 -30.31 -22.58 -2.08
C ASP B 164 -29.88 -21.35 -1.27
N ASP B 165 -29.25 -21.59 -0.12
CA ASP B 165 -28.75 -20.49 0.69
C ASP B 165 -27.45 -19.93 0.12
N ASP B 166 -26.63 -20.80 -0.50
CA ASP B 166 -25.34 -20.36 -1.00
C ASP B 166 -25.48 -19.43 -2.20
N THR B 167 -26.49 -19.68 -3.04
CA THR B 167 -26.64 -18.89 -4.27
C THR B 167 -26.97 -17.43 -3.96
N THR B 168 -27.53 -17.17 -2.78
CA THR B 168 -28.01 -15.82 -2.44
C THR B 168 -26.90 -14.78 -2.47
N ASP B 169 -25.72 -15.13 -1.93
CA ASP B 169 -24.63 -14.17 -1.82
C ASP B 169 -23.51 -14.43 -2.83
N ASP B 170 -23.84 -14.93 -4.02
CA ASP B 170 -22.83 -15.12 -5.05
C ASP B 170 -22.45 -13.80 -5.71
N ASP B 171 -23.39 -12.85 -5.76
CA ASP B 171 -23.17 -11.57 -6.42
C ASP B 171 -22.63 -10.50 -5.48
N LYS B 172 -22.34 -10.85 -4.23
CA LYS B 172 -21.85 -9.90 -3.25
C LYS B 172 -20.33 -9.76 -3.40
N VAL B 173 -19.87 -8.50 -3.47
CA VAL B 173 -18.43 -8.25 -3.53
C VAL B 173 -17.77 -8.64 -2.22
N ASP B 174 -18.37 -8.23 -1.10
CA ASP B 174 -17.86 -8.54 0.23
C ASP B 174 -18.93 -9.32 0.99
N THR B 175 -18.49 -10.24 1.85
CA THR B 175 -19.37 -11.17 2.55
C THR B 175 -19.55 -10.81 4.02
N THR B 176 -18.75 -9.86 4.53
CA THR B 176 -18.63 -9.65 5.97
C THR B 176 -19.99 -9.47 6.65
N ILE B 177 -20.83 -8.58 6.12
CA ILE B 177 -22.09 -8.25 6.76
C ILE B 177 -23.23 -8.43 5.77
N LYS B 178 -24.44 -8.57 6.32
CA LYS B 178 -25.65 -8.78 5.55
C LYS B 178 -26.81 -8.15 6.29
N PRO B 179 -27.93 -7.91 5.62
CA PRO B 179 -29.10 -7.33 6.30
C PRO B 179 -29.58 -8.21 7.45
N VAL B 180 -30.19 -7.55 8.44
CA VAL B 180 -30.53 -8.21 9.70
C VAL B 180 -31.58 -9.30 9.47
N GLU B 181 -31.53 -10.33 10.31
CA GLU B 181 -32.51 -11.41 10.31
C GLU B 181 -32.89 -11.67 11.76
N TYR B 182 -34.14 -11.37 12.12
CA TYR B 182 -34.55 -11.36 13.51
C TYR B 182 -34.53 -12.77 14.10
N TYR B 183 -34.25 -12.84 15.40
CA TYR B 183 -34.25 -14.10 16.13
C TYR B 183 -35.66 -14.66 16.23
N LYS B 184 -35.73 -15.99 16.37
CA LYS B 184 -36.99 -16.69 16.54
C LYS B 184 -36.94 -17.53 17.81
N PRO B 185 -38.09 -17.76 18.46
CA PRO B 185 -38.07 -18.55 19.71
C PRO B 185 -37.47 -19.92 19.56
N ASP B 186 -37.73 -20.61 18.45
CA ASP B 186 -37.17 -21.93 18.14
C ASP B 186 -37.55 -22.89 19.26
N GLY B 187 -36.61 -23.50 19.96
CA GLY B 187 -36.97 -24.49 20.97
C GLY B 187 -37.58 -23.86 22.22
N CYS B 188 -37.21 -22.62 22.51
CA CYS B 188 -37.70 -21.91 23.70
C CYS B 188 -39.16 -21.47 23.47
N ASN B 189 -40.06 -22.45 23.51
CA ASN B 189 -41.47 -22.16 23.35
C ASN B 189 -42.37 -22.97 24.27
N LYS B 190 -41.81 -23.84 25.10
CA LYS B 190 -42.60 -24.61 26.05
C LYS B 190 -42.91 -23.78 27.29
N THR B 191 -43.58 -24.40 28.24
CA THR B 191 -44.00 -23.70 29.45
C THR B 191 -42.79 -23.31 30.30
N ASN B 192 -42.98 -22.27 31.11
CA ASN B 192 -41.95 -21.76 32.03
C ASN B 192 -40.69 -21.33 31.29
N ASP B 193 -40.84 -20.82 30.08
CA ASP B 193 -39.73 -20.31 29.29
C ASP B 193 -39.95 -18.85 28.95
N HIS B 194 -38.91 -18.03 29.13
CA HIS B 194 -38.93 -16.63 28.77
C HIS B 194 -37.84 -16.39 27.73
N PHE B 195 -38.27 -16.10 26.50
CA PHE B 195 -37.34 -15.78 25.44
C PHE B 195 -37.08 -14.30 25.48
N THR B 196 -35.82 -13.90 25.62
CA THR B 196 -35.49 -12.50 25.74
C THR B 196 -34.21 -12.21 25.00
N MET B 197 -33.97 -10.95 24.65
CA MET B 197 -32.73 -10.54 24.02
C MET B 197 -32.17 -9.49 24.93
N GLN B 198 -30.88 -9.55 25.23
CA GLN B 198 -30.25 -8.59 26.12
C GLN B 198 -28.99 -8.01 25.52
N PRO B 199 -28.66 -6.76 25.86
CA PRO B 199 -27.44 -6.11 25.35
C PRO B 199 -26.16 -6.76 25.84
N GLY B 200 -25.15 -6.86 25.00
CA GLY B 200 -23.85 -7.39 25.39
C GLY B 200 -23.06 -6.48 26.30
N VAL B 201 -22.14 -7.01 27.10
CA VAL B 201 -21.39 -6.22 28.10
C VAL B 201 -20.28 -5.23 27.66
N ASN B 202 -19.75 -5.34 26.45
CA ASN B 202 -18.69 -4.46 26.00
C ASN B 202 -19.22 -3.47 24.97
N PHE B 203 -18.64 -2.28 24.96
CA PHE B 203 -18.99 -1.21 24.05
C PHE B 203 -17.72 -0.83 23.29
N TYR B 204 -17.44 -1.54 22.21
CA TYR B 204 -16.22 -1.35 21.45
C TYR B 204 -16.30 -0.07 20.63
N THR B 205 -15.14 0.38 20.16
CA THR B 205 -15.04 1.61 19.37
C THR B 205 -14.87 1.27 17.90
N VAL B 206 -15.34 2.16 17.04
CA VAL B 206 -15.17 2.03 15.60
C VAL B 206 -14.40 3.25 15.11
N PRO B 207 -13.07 3.24 15.18
CA PRO B 207 -12.30 4.43 14.82
C PRO B 207 -12.38 4.75 13.33
N ASN B 208 -12.27 6.04 13.03
CA ASN B 208 -12.16 6.54 11.66
C ASN B 208 -13.39 6.20 10.82
N LEU B 209 -14.58 6.39 11.38
CA LEU B 209 -15.78 6.34 10.56
C LEU B 209 -15.78 7.44 9.52
N GLY B 210 -15.37 8.64 9.92
CA GLY B 210 -15.20 9.76 9.01
C GLY B 210 -14.06 10.65 9.45
N PRO B 211 -13.56 11.49 8.56
CA PRO B 211 -12.45 12.38 8.91
C PRO B 211 -12.85 13.39 9.97
N SER B 212 -11.87 13.81 10.76
CA SER B 212 -12.09 14.78 11.81
C SER B 212 -11.00 15.84 11.73
N SER B 213 -11.14 16.88 12.54
CA SER B 213 -10.18 17.97 12.58
C SER B 213 -9.93 18.38 14.03
N SER B 214 -8.78 19.01 14.25
CA SER B 214 -8.37 19.43 15.59
C SER B 214 -8.63 20.89 15.86
N SER B 215 -9.29 21.60 14.96
CA SER B 215 -9.59 23.02 15.16
C SER B 215 -10.58 23.19 16.32
N ALA B 216 -10.43 24.31 17.03
CA ALA B 216 -11.24 24.59 18.21
C ALA B 216 -12.43 25.50 17.92
N ASP B 217 -12.53 26.07 16.73
CA ASP B 217 -13.67 26.91 16.37
C ASP B 217 -14.59 26.23 15.36
N GLU B 218 -14.54 24.91 15.30
CA GLU B 218 -15.41 24.16 14.40
C GLU B 218 -16.20 23.11 15.17
N CYS B 219 -17.50 22.99 14.88
CA CYS B 219 -18.35 22.00 15.54
C CYS B 219 -18.92 21.03 14.56
N TYR B 220 -18.87 19.74 14.84
CA TYR B 220 -19.35 18.76 13.90
C TYR B 220 -20.71 18.41 14.39
N THR B 221 -21.72 18.57 13.56
CA THR B 221 -23.07 18.39 14.01
C THR B 221 -23.98 17.72 13.00
N ASN B 222 -25.08 17.15 13.45
CA ASN B 222 -26.08 16.58 12.55
C ASN B 222 -25.63 15.44 11.65
N PRO B 223 -25.17 14.34 12.24
CA PRO B 223 -24.74 13.15 11.50
C PRO B 223 -25.93 12.43 10.89
N SER B 224 -25.69 11.81 9.74
CA SER B 224 -26.67 10.95 9.11
C SER B 224 -25.97 9.67 8.71
N PHE B 225 -26.39 8.55 9.31
CA PHE B 225 -25.67 7.30 9.16
C PHE B 225 -26.65 6.23 8.69
N SER B 226 -26.22 5.45 7.69
CA SER B 226 -27.06 4.38 7.15
C SER B 226 -26.18 3.21 6.75
N ILE B 227 -26.69 2.00 6.93
CA ILE B 227 -25.98 0.78 6.58
C ILE B 227 -26.82 0.02 5.56
N GLY B 228 -26.20 -0.34 4.45
CA GLY B 228 -26.85 -1.11 3.41
C GLY B 228 -26.54 -2.58 3.51
N SER B 229 -26.60 -3.26 2.37
CA SER B 229 -26.27 -4.68 2.34
C SER B 229 -24.81 -4.93 2.70
N SER B 230 -23.90 -4.14 2.12
CA SER B 230 -22.48 -4.26 2.41
C SER B 230 -21.78 -2.94 2.60
N ILE B 231 -22.45 -1.81 2.33
CA ILE B 231 -21.82 -0.50 2.37
C ILE B 231 -22.50 0.35 3.44
N TYR B 232 -21.84 1.45 3.78
CA TYR B 232 -22.37 2.41 4.74
C TYR B 232 -22.17 3.83 4.21
N MET B 233 -23.15 4.67 4.50
CA MET B 233 -23.13 6.10 4.21
C MET B 233 -23.09 6.89 5.51
N PHE B 234 -22.25 7.92 5.54
CA PHE B 234 -22.10 8.81 6.69
C PHE B 234 -22.09 10.25 6.22
N SER B 235 -22.72 11.12 6.98
CA SER B 235 -22.80 12.53 6.62
C SER B 235 -22.65 13.40 7.87
N GLN B 236 -21.93 14.51 7.74
CA GLN B 236 -21.75 15.43 8.85
C GLN B 236 -21.70 16.86 8.33
N GLU B 237 -22.00 17.81 9.22
CA GLU B 237 -21.89 19.23 8.91
C GLU B 237 -20.88 19.89 9.85
N ILE B 238 -20.06 20.78 9.33
CA ILE B 238 -19.15 21.54 10.17
C ILE B 238 -19.68 22.96 10.17
N ARG B 239 -19.85 23.55 11.34
CA ARG B 239 -20.44 24.87 11.46
C ARG B 239 -19.48 25.64 12.30
N LYS B 240 -19.45 26.95 12.16
CA LYS B 240 -18.42 27.66 12.90
C LYS B 240 -18.85 28.32 14.16
N THR B 241 -18.43 27.80 15.31
CA THR B 241 -18.61 28.43 16.60
C THR B 241 -19.97 28.27 17.27
N ASP B 242 -20.94 27.65 16.62
CA ASP B 242 -22.20 27.37 17.29
C ASP B 242 -22.64 26.03 16.80
N CYS B 243 -23.15 25.17 17.66
CA CYS B 243 -23.66 23.92 17.14
C CYS B 243 -24.85 24.10 16.22
N THR B 244 -25.79 24.97 16.61
CA THR B 244 -27.00 25.11 15.81
C THR B 244 -27.08 26.25 14.81
N THR B 245 -26.70 27.44 15.23
CA THR B 245 -26.81 28.61 14.38
C THR B 245 -25.58 29.03 13.59
N GLY B 246 -24.48 28.33 13.72
CA GLY B 246 -23.29 28.76 13.05
C GLY B 246 -23.38 28.72 11.55
N GLU B 247 -22.45 29.36 10.88
CA GLU B 247 -22.41 29.35 9.43
C GLU B 247 -21.84 28.01 8.97
N ILE B 248 -22.54 27.36 8.03
CA ILE B 248 -22.13 26.04 7.60
C ILE B 248 -20.82 26.15 6.82
N LEU B 249 -19.73 25.71 7.44
CA LEU B 249 -18.43 25.69 6.78
C LEU B 249 -18.31 24.57 5.75
N SER B 250 -18.78 23.36 6.06
CA SER B 250 -18.69 22.29 5.09
C SER B 250 -19.76 21.24 5.39
N ILE B 251 -20.03 20.41 4.40
CA ILE B 251 -20.85 19.21 4.57
C ILE B 251 -20.08 18.05 3.94
N GLN B 252 -19.78 17.04 4.74
CA GLN B 252 -18.93 15.93 4.30
C GLN B 252 -19.73 14.64 4.24
N ILE B 253 -19.53 13.90 3.15
CA ILE B 253 -20.18 12.63 2.88
C ILE B 253 -19.12 11.55 2.70
N VAL B 254 -19.32 10.41 3.34
CA VAL B 254 -18.36 9.31 3.32
C VAL B 254 -19.10 8.03 2.93
N LEU B 255 -18.57 7.33 1.94
CA LEU B 255 -19.06 6.01 1.55
C LEU B 255 -17.99 4.97 1.85
N GLY B 256 -18.36 3.91 2.56
CA GLY B 256 -17.38 2.91 2.93
C GLY B 256 -18.01 1.54 3.09
N ARG B 257 -17.19 0.61 3.57
CA ARG B 257 -17.63 -0.76 3.82
C ARG B 257 -17.37 -1.14 5.27
N ILE B 258 -18.19 -2.05 5.80
CA ILE B 258 -17.97 -2.61 7.12
C ILE B 258 -17.18 -3.90 6.99
N VAL B 259 -16.00 -3.95 7.59
CA VAL B 259 -15.08 -5.06 7.43
C VAL B 259 -14.65 -5.57 8.80
N ASP B 260 -14.06 -6.76 8.80
CA ASP B 260 -13.53 -7.38 10.00
C ASP B 260 -12.00 -7.36 9.92
N LYS B 261 -11.37 -6.69 10.89
CA LYS B 261 -9.93 -6.49 10.88
C LYS B 261 -9.23 -7.20 12.04
N GLY B 262 -9.83 -8.26 12.58
CA GLY B 262 -9.20 -9.01 13.65
C GLY B 262 -9.44 -8.47 15.04
N GLN B 263 -10.09 -7.32 15.16
CA GLN B 263 -10.41 -6.77 16.48
C GLN B 263 -11.62 -7.48 17.07
N GLN B 264 -12.05 -7.00 18.24
CA GLN B 264 -13.17 -7.62 18.92
C GLN B 264 -14.51 -7.27 18.27
N GLY B 265 -14.57 -6.20 17.48
CA GLY B 265 -15.80 -5.80 16.84
C GLY B 265 -15.61 -5.41 15.39
N PRO B 266 -16.72 -5.17 14.68
CA PRO B 266 -16.62 -4.76 13.28
C PRO B 266 -15.94 -3.39 13.15
N GLN B 267 -15.29 -3.19 12.00
CA GLN B 267 -14.59 -1.95 11.72
C GLN B 267 -15.08 -1.39 10.40
N ALA B 268 -14.72 -0.14 10.14
CA ALA B 268 -15.18 0.59 8.95
C ALA B 268 -13.98 1.06 8.13
N SER B 269 -14.07 0.91 6.81
CA SER B 269 -13.05 1.37 5.89
C SER B 269 -13.66 2.34 4.89
N PRO B 270 -13.37 3.63 5.00
CA PRO B 270 -13.95 4.60 4.06
C PRO B 270 -13.35 4.51 2.67
N LEU B 271 -14.20 4.26 1.67
CA LEU B 271 -13.70 4.15 0.30
C LEU B 271 -13.68 5.51 -0.40
N LEU B 272 -14.72 6.31 -0.22
CA LEU B 272 -14.84 7.58 -0.94
C LEU B 272 -15.26 8.69 0.02
N VAL B 273 -14.60 9.84 -0.09
CA VAL B 273 -14.91 11.02 0.71
C VAL B 273 -15.21 12.17 -0.23
N TRP B 274 -16.27 12.91 0.06
CA TRP B 274 -16.74 13.94 -0.85
C TRP B 274 -17.32 15.10 -0.05
N SER B 275 -17.31 16.29 -0.66
CA SER B 275 -17.81 17.50 -0.02
C SER B 275 -18.82 18.17 -0.92
N VAL B 276 -19.97 18.53 -0.36
CA VAL B 276 -21.09 19.11 -1.11
C VAL B 276 -20.72 20.50 -1.60
N PRO B 277 -20.90 20.81 -2.88
CA PRO B 277 -20.66 22.16 -3.37
C PRO B 277 -21.72 23.14 -2.88
N ASN B 278 -21.29 24.39 -2.71
CA ASN B 278 -22.15 25.47 -2.24
C ASN B 278 -22.86 25.12 -0.93
N PRO B 279 -22.13 24.94 0.16
CA PRO B 279 -22.77 24.47 1.40
C PRO B 279 -23.69 25.49 2.05
N LYS B 280 -23.58 26.77 1.66
CA LYS B 280 -24.32 27.82 2.37
C LYS B 280 -25.81 27.78 2.07
N ILE B 281 -26.18 27.43 0.84
CA ILE B 281 -27.59 27.48 0.44
C ILE B 281 -28.36 26.30 1.01
N ILE B 282 -27.65 25.27 1.48
CA ILE B 282 -28.30 24.03 1.87
C ILE B 282 -29.07 24.22 3.17
N ASN B 283 -30.31 23.76 3.19
CA ASN B 283 -31.08 23.73 4.43
C ASN B 283 -30.69 22.52 5.28
N SER B 284 -30.73 21.32 4.69
CA SER B 284 -30.40 20.10 5.40
C SER B 284 -30.12 19.01 4.37
N CYS B 285 -29.47 17.94 4.82
CA CYS B 285 -29.15 16.80 3.98
C CYS B 285 -29.43 15.51 4.73
N ALA B 286 -29.67 14.45 3.96
CA ALA B 286 -29.87 13.12 4.52
C ALA B 286 -29.31 12.09 3.55
N VAL B 287 -28.98 10.91 4.07
CA VAL B 287 -28.33 9.87 3.29
C VAL B 287 -29.17 8.58 3.36
N ALA B 288 -29.08 7.79 2.30
CA ALA B 288 -29.70 6.49 2.22
C ALA B 288 -28.74 5.51 1.56
N ALA B 289 -28.75 4.27 2.03
CA ALA B 289 -27.85 3.23 1.54
C ALA B 289 -28.66 2.08 0.95
N GLY B 290 -28.15 1.51 -0.13
CA GLY B 290 -28.82 0.41 -0.80
C GLY B 290 -27.90 -0.73 -1.15
N ASP B 291 -28.00 -1.23 -2.38
CA ASP B 291 -27.19 -2.35 -2.86
C ASP B 291 -26.08 -1.78 -3.75
N GLU B 292 -24.92 -1.55 -3.15
CA GLU B 292 -23.77 -0.97 -3.84
C GLU B 292 -24.10 0.38 -4.47
N THR B 293 -25.02 1.10 -3.83
CA THR B 293 -25.43 2.42 -4.31
C THR B 293 -25.80 3.27 -3.10
N GLY B 294 -25.44 4.54 -3.13
CA GLY B 294 -25.79 5.45 -2.08
C GLY B 294 -26.45 6.70 -2.63
N TRP B 295 -27.33 7.27 -1.82
CA TRP B 295 -28.08 8.46 -2.23
C TRP B 295 -27.99 9.51 -1.14
N VAL B 296 -27.90 10.77 -1.57
CA VAL B 296 -27.92 11.92 -0.67
C VAL B 296 -28.96 12.91 -1.18
N LEU B 297 -29.90 13.27 -0.31
CA LEU B 297 -30.93 14.23 -0.64
C LEU B 297 -30.74 15.48 0.20
N CYS B 298 -30.64 16.64 -0.46
CA CYS B 298 -30.44 17.91 0.23
C CYS B 298 -31.49 18.90 -0.22
N SER B 299 -31.87 19.79 0.68
CA SER B 299 -32.84 20.85 0.40
C SER B 299 -32.12 22.19 0.41
N VAL B 300 -32.40 23.02 -0.61
CA VAL B 300 -31.74 24.30 -0.76
C VAL B 300 -32.69 25.43 -0.38
N THR B 301 -32.16 26.63 -0.22
CA THR B 301 -32.94 27.80 0.16
C THR B 301 -32.86 28.86 -0.93
N LEU B 302 -33.75 29.84 -0.84
CA LEU B 302 -33.82 30.88 -1.85
C LEU B 302 -32.58 31.77 -1.82
N THR B 303 -32.05 32.07 -2.99
CA THR B 303 -30.90 32.94 -3.12
C THR B 303 -31.36 34.40 -3.27
N ALA B 304 -30.40 35.31 -3.39
CA ALA B 304 -30.69 36.72 -3.52
C ALA B 304 -29.78 37.34 -4.57
N ALA B 305 -30.01 38.62 -4.84
CA ALA B 305 -29.20 39.32 -5.84
C ALA B 305 -27.74 39.39 -5.42
N SER B 306 -27.48 39.61 -4.13
CA SER B 306 -26.10 39.63 -3.65
C SER B 306 -25.49 38.24 -3.62
N GLY B 307 -26.30 37.20 -3.82
CA GLY B 307 -25.82 35.84 -3.77
C GLY B 307 -25.86 35.20 -2.40
N GLU B 308 -26.24 35.93 -1.38
CA GLU B 308 -26.41 35.57 0.01
C GLU B 308 -27.72 34.81 0.18
N PRO B 309 -27.69 33.59 0.75
CA PRO B 309 -28.93 32.84 0.92
C PRO B 309 -29.87 33.50 1.92
N ILE B 310 -31.16 33.34 1.70
CA ILE B 310 -32.20 33.83 2.60
C ILE B 310 -32.54 32.71 3.57
N PRO B 311 -32.35 32.90 4.87
CA PRO B 311 -32.55 31.81 5.82
C PRO B 311 -33.98 31.29 5.82
N HIS B 312 -34.11 29.97 5.93
CA HIS B 312 -35.39 29.29 6.09
C HIS B 312 -36.36 29.62 4.95
N MET B 313 -35.91 29.42 3.72
CA MET B 313 -36.76 29.52 2.55
C MET B 313 -36.62 28.25 1.73
N PHE B 314 -37.47 28.10 0.72
CA PHE B 314 -37.52 26.90 -0.09
C PHE B 314 -37.29 27.24 -1.56
N ASP B 315 -36.36 26.53 -2.19
CA ASP B 315 -36.07 26.69 -3.61
C ASP B 315 -36.20 25.38 -4.40
N GLY B 316 -35.75 24.27 -3.84
CA GLY B 316 -35.80 23.00 -4.55
C GLY B 316 -35.04 21.90 -3.84
N PHE B 317 -34.65 20.86 -4.57
CA PHE B 317 -33.92 19.74 -4.00
C PHE B 317 -32.67 19.46 -4.84
N TRP B 318 -31.75 18.72 -4.24
CA TRP B 318 -30.55 18.23 -4.92
C TRP B 318 -30.37 16.77 -4.56
N LEU B 319 -30.20 15.92 -5.58
CA LEU B 319 -30.00 14.50 -5.38
C LEU B 319 -28.60 14.10 -5.87
N TYR B 320 -27.90 13.33 -5.04
CA TYR B 320 -26.56 12.89 -5.36
C TYR B 320 -26.49 11.38 -5.28
N LYS B 321 -25.92 10.76 -6.31
CA LYS B 321 -25.77 9.32 -6.37
C LYS B 321 -24.29 8.96 -6.29
N PHE B 322 -23.97 8.05 -5.38
CA PHE B 322 -22.61 7.58 -5.14
C PHE B 322 -22.53 6.10 -5.50
N GLU B 323 -21.50 5.72 -6.25
CA GLU B 323 -21.19 4.32 -6.49
C GLU B 323 -19.69 4.13 -6.32
N PRO B 324 -19.26 2.94 -5.88
CA PRO B 324 -17.82 2.71 -5.69
C PRO B 324 -17.05 2.82 -6.99
N ASP B 325 -15.85 3.41 -6.89
CA ASP B 325 -14.91 3.51 -8.01
C ASP B 325 -15.50 4.25 -9.21
N THR B 326 -16.36 5.23 -8.94
CA THR B 326 -16.94 6.07 -9.97
C THR B 326 -17.08 7.48 -9.43
N GLU B 327 -17.65 8.36 -10.25
CA GLU B 327 -17.86 9.74 -9.85
C GLU B 327 -19.29 9.96 -9.37
N VAL B 328 -19.48 11.00 -8.55
CA VAL B 328 -20.79 11.31 -8.02
C VAL B 328 -21.66 11.92 -9.10
N VAL B 329 -22.93 11.52 -9.14
CA VAL B 329 -23.88 12.00 -10.15
C VAL B 329 -24.86 12.95 -9.48
N ALA B 330 -25.07 14.11 -10.08
CA ALA B 330 -25.91 15.15 -9.49
C ALA B 330 -27.17 15.38 -10.33
N TYR B 331 -28.30 15.50 -9.64
CA TYR B 331 -29.59 15.79 -10.26
C TYR B 331 -30.22 16.97 -9.52
N ARG B 332 -30.77 17.91 -10.27
CA ARG B 332 -31.49 19.04 -9.70
C ARG B 332 -32.98 18.82 -9.87
N ILE B 333 -33.70 18.66 -8.75
CA ILE B 333 -35.14 18.47 -8.76
C ILE B 333 -35.81 19.80 -8.38
N THR B 334 -36.15 20.59 -9.38
CA THR B 334 -36.73 21.90 -9.17
C THR B 334 -37.86 22.15 -10.17
N GLY B 335 -38.49 23.31 -10.04
CA GLY B 335 -39.54 23.68 -11.00
C GLY B 335 -40.76 22.81 -10.87
N PHE B 336 -41.05 22.06 -11.93
CA PHE B 336 -42.22 21.21 -11.99
C PHE B 336 -41.90 19.75 -11.67
N ALA B 337 -40.68 19.48 -11.19
CA ALA B 337 -40.25 18.12 -10.90
C ALA B 337 -40.66 17.67 -9.51
N TYR B 338 -41.26 18.54 -8.71
CA TYR B 338 -41.77 18.16 -7.39
C TYR B 338 -43.15 18.79 -7.24
N LEU B 339 -44.08 18.03 -6.64
CA LEU B 339 -45.43 18.50 -6.39
C LEU B 339 -45.81 18.12 -4.96
N LEU B 340 -45.70 19.09 -4.07
CA LEU B 340 -46.09 18.88 -2.67
C LEU B 340 -47.58 19.09 -2.51
N ASP B 341 -48.19 18.30 -1.61
CA ASP B 341 -49.63 18.37 -1.40
C ASP B 341 -50.07 19.66 -0.73
N LYS B 342 -49.16 20.39 -0.10
CA LYS B 342 -49.47 21.67 0.51
C LYS B 342 -48.36 22.64 0.20
N VAL B 343 -48.68 23.94 0.17
CA VAL B 343 -47.65 24.95 -0.09
C VAL B 343 -46.76 25.06 1.13
N TYR B 344 -45.46 24.90 0.91
CA TYR B 344 -44.48 24.85 2.00
C TYR B 344 -43.55 26.05 1.88
N ASP B 345 -43.45 26.83 2.95
CA ASP B 345 -42.54 27.97 2.96
C ASP B 345 -41.10 27.51 3.12
N SER B 346 -40.85 26.57 4.02
CA SER B 346 -39.52 26.02 4.25
C SER B 346 -39.61 24.51 4.38
N VAL B 347 -38.57 23.82 3.91
CA VAL B 347 -38.53 22.36 3.92
C VAL B 347 -37.16 21.92 4.44
N PHE B 348 -37.17 21.02 5.42
CA PHE B 348 -35.95 20.40 5.94
C PHE B 348 -36.09 18.89 5.83
N ILE B 349 -35.00 18.22 5.50
CA ILE B 349 -34.99 16.76 5.42
C ILE B 349 -34.56 16.19 6.76
N GLY B 350 -35.29 15.19 7.23
CA GLY B 350 -34.95 14.57 8.51
C GLY B 350 -33.56 13.97 8.50
N LYS B 351 -32.81 14.25 9.57
CA LYS B 351 -31.43 13.81 9.65
C LYS B 351 -31.29 12.30 9.80
N GLY B 352 -32.38 11.60 10.10
CA GLY B 352 -32.28 10.17 10.31
C GLY B 352 -31.84 9.41 9.08
N GLY B 353 -32.41 9.73 7.94
CA GLY B 353 -32.05 9.10 6.69
C GLY B 353 -33.28 8.57 5.98
N GLY B 354 -33.05 7.66 5.04
CA GLY B 354 -34.13 7.10 4.26
C GLY B 354 -33.80 5.72 3.76
N ILE B 355 -34.70 5.17 2.95
CA ILE B 355 -34.59 3.82 2.43
C ILE B 355 -34.77 3.84 0.93
N GLN B 356 -34.30 2.77 0.28
CA GLN B 356 -34.54 2.52 -1.13
C GLN B 356 -35.33 1.24 -1.28
N ARG B 357 -36.48 1.32 -1.95
CA ARG B 357 -37.37 0.18 -2.15
C ARG B 357 -37.69 0.08 -3.63
N GLY B 358 -36.99 -0.79 -4.33
CA GLY B 358 -37.18 -0.96 -5.76
C GLY B 358 -36.56 0.18 -6.55
N ASN B 359 -37.40 0.98 -7.21
CA ASN B 359 -36.95 2.10 -8.01
C ASN B 359 -37.26 3.45 -7.38
N ASP B 360 -37.70 3.46 -6.12
CA ASP B 360 -38.11 4.68 -5.44
C ASP B 360 -37.34 4.83 -4.14
N LEU B 361 -37.18 6.08 -3.70
CA LEU B 361 -36.59 6.37 -2.40
C LEU B 361 -37.65 6.99 -1.49
N TYR B 362 -37.51 6.74 -0.20
CA TYR B 362 -38.42 7.31 0.80
C TYR B 362 -37.61 8.03 1.86
N PHE B 363 -38.00 9.27 2.16
CA PHE B 363 -37.32 10.08 3.16
C PHE B 363 -38.37 10.65 4.10
N GLN B 364 -37.94 11.55 4.98
CA GLN B 364 -38.84 12.26 5.88
C GLN B 364 -38.52 13.75 5.81
N MET B 365 -39.56 14.57 5.92
CA MET B 365 -39.38 16.01 5.84
C MET B 365 -40.35 16.68 6.80
N PHE B 366 -40.00 17.90 7.20
CA PHE B 366 -40.85 18.72 8.05
C PHE B 366 -40.61 20.18 7.70
N GLY B 367 -41.58 21.02 8.03
CA GLY B 367 -41.40 22.44 7.78
C GLY B 367 -42.69 23.22 7.89
N LEU B 368 -42.61 24.47 7.42
CA LEU B 368 -43.69 25.44 7.52
C LEU B 368 -44.69 25.21 6.40
N SER B 369 -45.87 24.71 6.76
CA SER B 369 -46.97 24.58 5.82
C SER B 369 -48.00 25.68 6.08
N ARG B 370 -48.76 26.01 5.04
CA ARG B 370 -49.81 27.02 5.13
C ARG B 370 -51.16 26.32 5.21
N ASN B 371 -51.99 26.74 6.16
CA ASN B 371 -53.24 26.07 6.47
C ASN B 371 -54.38 27.08 6.58
N ARG B 372 -55.52 26.75 5.96
CA ARG B 372 -56.77 27.49 6.14
C ARG B 372 -57.86 26.49 6.53
N GLN B 373 -57.95 26.18 7.82
CA GLN B 373 -58.95 25.25 8.35
C GLN B 373 -58.76 25.15 9.86
N SER B 374 -59.82 24.70 10.53
CA SER B 374 -59.75 24.48 11.97
C SER B 374 -58.85 23.30 12.28
N ILE B 375 -58.08 23.41 13.37
CA ILE B 375 -57.12 22.40 13.78
C ILE B 375 -57.52 21.86 15.14
N LYS B 376 -57.59 20.53 15.24
CA LYS B 376 -57.83 19.84 16.51
C LYS B 376 -56.58 19.03 16.82
N ALA B 377 -55.62 19.66 17.50
CA ALA B 377 -54.32 19.05 17.72
C ALA B 377 -54.43 17.83 18.63
N LEU B 378 -53.49 16.91 18.45
CA LEU B 378 -53.46 15.70 19.26
C LEU B 378 -53.11 16.05 20.70
N CYS B 379 -53.99 15.69 21.62
CA CYS B 379 -53.80 15.99 23.05
C CYS B 379 -54.08 14.72 23.84
N GLU B 380 -53.05 13.90 24.01
CA GLU B 380 -53.11 12.72 24.88
C GLU B 380 -51.93 12.80 25.83
N HIS B 381 -52.22 12.70 27.13
CA HIS B 381 -51.22 12.95 28.16
C HIS B 381 -51.65 12.27 29.45
N GLY B 382 -50.76 12.32 30.43
CA GLY B 382 -51.11 11.84 31.75
C GLY B 382 -52.04 12.78 32.49
N SER B 383 -52.44 12.36 33.69
CA SER B 383 -53.43 13.10 34.45
C SER B 383 -52.86 14.41 34.98
N CYS B 384 -53.24 15.52 34.35
CA CYS B 384 -52.97 16.86 34.86
C CYS B 384 -54.23 17.49 35.42
N LEU B 385 -55.13 16.66 35.98
CA LEU B 385 -56.42 17.15 36.43
C LEU B 385 -56.27 18.17 37.56
N GLY B 386 -55.17 18.09 38.31
CA GLY B 386 -54.94 19.08 39.36
C GLY B 386 -54.77 20.49 38.81
N THR B 387 -54.01 20.62 37.72
CA THR B 387 -53.82 21.93 37.11
C THR B 387 -55.10 22.37 36.40
N GLY B 388 -55.44 23.64 36.57
CA GLY B 388 -56.63 24.19 35.97
C GLY B 388 -56.46 25.65 35.65
N GLY B 389 -57.51 26.23 35.06
CA GLY B 389 -57.49 27.62 34.65
C GLY B 389 -56.79 27.84 33.33
N GLY B 390 -56.38 26.75 32.69
CA GLY B 390 -55.71 26.84 31.41
C GLY B 390 -56.20 25.80 30.43
N GLY B 391 -56.57 26.23 29.23
CA GLY B 391 -57.06 25.31 28.21
C GLY B 391 -55.98 24.40 27.67
N TYR B 392 -56.04 23.13 28.02
CA TYR B 392 -55.04 22.18 27.55
C TYR B 392 -55.16 21.95 26.05
N GLN B 393 -56.40 21.90 25.54
CA GLN B 393 -56.58 21.81 24.09
C GLN B 393 -56.05 23.06 23.40
N VAL B 394 -56.22 24.20 24.04
CA VAL B 394 -55.74 25.42 23.48
C VAL B 394 -54.23 25.38 23.49
N LEU B 395 -53.66 24.88 24.57
CA LEU B 395 -52.21 24.82 24.69
C LEU B 395 -51.64 23.95 23.63
N CYS B 396 -52.29 22.84 23.34
CA CYS B 396 -51.81 21.91 22.34
C CYS B 396 -51.93 22.53 20.99
N ASP B 397 -53.06 23.19 20.73
CA ASP B 397 -53.24 23.85 19.44
C ASP B 397 -52.13 24.85 19.17
N ARG B 398 -51.83 25.71 20.14
CA ARG B 398 -50.81 26.73 19.95
C ARG B 398 -49.39 26.16 19.94
N ALA B 399 -49.19 24.94 20.46
CA ALA B 399 -47.89 24.31 20.38
C ALA B 399 -47.50 23.97 18.95
N VAL B 400 -48.48 23.60 18.12
CA VAL B 400 -48.18 23.22 16.74
C VAL B 400 -48.13 24.42 15.79
N MET B 401 -48.60 25.59 16.22
CA MET B 401 -48.55 26.75 15.35
C MET B 401 -47.13 27.31 15.27
N SER B 402 -46.95 28.27 14.37
CA SER B 402 -45.69 28.97 14.20
C SER B 402 -45.93 30.47 14.34
N PHE B 403 -45.11 31.12 15.17
CA PHE B 403 -45.28 32.54 15.55
C PHE B 403 -46.74 32.90 15.80
N GLY B 404 -47.46 32.01 16.47
CA GLY B 404 -48.80 32.28 16.96
C GLY B 404 -49.86 32.62 15.93
N SER B 405 -49.81 31.96 14.77
CA SER B 405 -50.80 32.14 13.72
C SER B 405 -51.22 30.78 13.19
N GLU B 406 -52.54 30.54 13.16
CA GLU B 406 -53.04 29.25 12.68
C GLU B 406 -52.80 29.07 11.19
N GLU B 407 -52.45 30.15 10.49
CA GLU B 407 -52.19 30.07 9.06
C GLU B 407 -50.99 29.18 8.75
N SER B 408 -49.94 29.31 9.56
CA SER B 408 -48.70 28.57 9.33
C SER B 408 -48.50 27.56 10.46
N LEU B 409 -48.25 26.31 10.08
CA LEU B 409 -48.01 25.22 11.02
C LEU B 409 -46.66 24.60 10.74
N ILE B 410 -46.13 23.88 11.72
CA ILE B 410 -44.95 23.05 11.53
C ILE B 410 -45.43 21.61 11.38
N SER B 411 -45.25 21.05 10.19
CA SER B 411 -45.84 19.76 9.85
C SER B 411 -44.80 18.79 9.33
N ASN B 412 -45.09 17.51 9.51
CA ASN B 412 -44.28 16.41 9.02
C ASN B 412 -44.91 15.86 7.75
N ALA B 413 -44.10 15.18 6.94
CA ALA B 413 -44.58 14.63 5.67
C ALA B 413 -43.76 13.40 5.29
N TYR B 414 -44.37 12.57 4.44
CA TYR B 414 -43.70 11.48 3.74
C TYR B 414 -43.23 12.00 2.40
N LEU B 415 -41.97 11.73 2.07
CA LEU B 415 -41.37 12.17 0.81
C LEU B 415 -40.95 10.97 0.00
N LYS B 416 -41.39 10.91 -1.26
CA LYS B 416 -41.08 9.81 -2.15
C LYS B 416 -40.42 10.35 -3.42
N VAL B 417 -39.37 9.65 -3.86
CA VAL B 417 -38.63 9.98 -5.07
C VAL B 417 -38.83 8.85 -6.07
N ASN B 418 -39.30 9.20 -7.26
CA ASN B 418 -39.73 8.26 -8.28
C ASN B 418 -38.75 8.26 -9.45
N ASP B 419 -38.44 7.06 -9.94
CA ASP B 419 -37.66 6.86 -11.16
C ASP B 419 -36.24 7.43 -11.03
N VAL B 420 -35.52 6.95 -10.01
CA VAL B 420 -34.14 7.36 -9.84
C VAL B 420 -33.25 6.71 -10.90
N ALA B 421 -33.62 5.51 -11.35
CA ALA B 421 -32.81 4.81 -12.34
C ALA B 421 -32.92 5.47 -13.71
N SER B 422 -34.09 6.04 -14.02
CA SER B 422 -34.29 6.63 -15.34
C SER B 422 -33.41 7.86 -15.54
N GLY B 423 -33.06 8.55 -14.46
CA GLY B 423 -32.27 9.75 -14.54
C GLY B 423 -33.06 11.04 -14.41
N LYS B 424 -34.38 10.96 -14.32
CA LYS B 424 -35.25 12.14 -14.14
C LYS B 424 -36.21 11.86 -12.99
N PRO B 425 -35.72 11.90 -11.75
CA PRO B 425 -36.58 11.58 -10.60
C PRO B 425 -37.63 12.65 -10.36
N THR B 426 -38.73 12.25 -9.73
CA THR B 426 -39.83 13.16 -9.40
C THR B 426 -40.24 12.97 -7.95
N ILE B 427 -40.48 14.08 -7.25
CA ILE B 427 -40.74 14.05 -5.81
C ILE B 427 -42.23 14.25 -5.55
N ILE B 428 -42.79 13.37 -4.72
CA ILE B 428 -44.18 13.45 -4.26
C ILE B 428 -44.16 13.49 -2.74
N SER B 429 -45.15 14.17 -2.16
CA SER B 429 -45.21 14.34 -0.72
C SER B 429 -46.61 14.07 -0.19
N GLN B 430 -46.68 13.69 1.08
CA GLN B 430 -47.95 13.44 1.76
C GLN B 430 -47.84 13.94 3.20
N THR B 431 -48.66 14.92 3.57
CA THR B 431 -48.50 15.62 4.84
C THR B 431 -49.42 15.02 5.91
N PHE B 432 -48.85 14.79 7.09
CA PHE B 432 -49.63 14.35 8.25
C PHE B 432 -50.57 15.46 8.69
N PRO B 433 -51.85 15.16 8.94
CA PRO B 433 -52.74 16.16 9.54
C PRO B 433 -52.32 16.46 10.97
N PRO B 434 -52.64 17.64 11.48
CA PRO B 434 -52.18 18.01 12.83
C PRO B 434 -53.00 17.37 13.94
N SER B 435 -53.89 16.44 13.59
CA SER B 435 -54.72 15.75 14.56
C SER B 435 -54.15 14.40 14.97
N ASP B 436 -52.98 14.02 14.45
CA ASP B 436 -52.34 12.76 14.82
C ASP B 436 -50.83 12.95 14.96
N SER B 437 -50.45 14.23 15.08
CA SER B 437 -49.04 14.54 15.19
C SER B 437 -48.73 15.76 16.02
N TYR B 438 -47.67 15.69 16.78
CA TYR B 438 -47.18 16.81 17.55
C TYR B 438 -46.37 17.67 16.61
N LYS B 439 -45.90 18.85 17.00
CA LYS B 439 -45.24 19.71 16.05
C LYS B 439 -44.05 19.05 15.45
N GLY B 440 -43.85 19.20 14.15
CA GLY B 440 -42.77 18.58 13.42
C GLY B 440 -41.34 18.64 13.85
N SER B 441 -40.55 17.63 13.47
CA SER B 441 -39.16 17.54 13.89
C SER B 441 -38.47 16.52 12.99
N ASN B 442 -37.21 16.24 13.30
CA ASN B 442 -36.42 15.29 12.54
C ASN B 442 -36.97 13.87 12.70
N GLY B 443 -36.76 13.06 11.68
CA GLY B 443 -37.26 11.69 11.71
C GLY B 443 -36.46 10.73 10.85
N ARG B 444 -36.87 9.46 10.87
CA ARG B 444 -36.20 8.40 10.15
C ARG B 444 -37.22 7.41 9.63
N ILE B 445 -36.89 6.77 8.51
CA ILE B 445 -37.73 5.76 7.87
C ILE B 445 -36.99 4.42 7.91
N TYR B 446 -37.68 3.38 8.38
CA TYR B 446 -37.12 2.05 8.55
C TYR B 446 -37.83 1.07 7.62
N THR B 447 -37.06 0.11 7.12
CA THR B 447 -37.60 -1.06 6.42
C THR B 447 -37.63 -2.21 7.43
N ILE B 448 -38.83 -2.68 7.77
CA ILE B 448 -39.01 -3.72 8.78
C ILE B 448 -39.65 -4.90 8.06
N GLY B 449 -38.83 -5.83 7.59
CA GLY B 449 -39.33 -6.98 6.86
C GLY B 449 -39.95 -6.57 5.54
N GLU B 450 -41.28 -6.73 5.43
CA GLU B 450 -42.02 -6.27 4.26
C GLU B 450 -42.88 -5.06 4.57
N ARG B 451 -42.73 -4.47 5.76
CA ARG B 451 -43.47 -3.28 6.14
C ARG B 451 -42.46 -2.17 6.40
N TYR B 452 -42.94 -1.02 6.89
CA TYR B 452 -42.10 0.15 7.05
C TYR B 452 -42.42 0.81 8.38
N GLY B 453 -41.49 1.63 8.85
CA GLY B 453 -41.67 2.33 10.10
C GLY B 453 -41.18 3.75 10.01
N ILE B 454 -41.67 4.59 10.91
CA ILE B 454 -41.22 5.98 10.99
C ILE B 454 -40.92 6.38 12.43
N TYR B 455 -39.85 7.13 12.67
CA TYR B 455 -39.56 7.64 14.00
C TYR B 455 -39.58 9.11 13.94
N LEU B 456 -40.28 9.78 14.83
CA LEU B 456 -40.23 11.23 14.84
C LEU B 456 -39.66 11.76 16.16
N ALA B 457 -38.62 12.57 16.11
CA ALA B 457 -37.96 13.01 17.35
C ALA B 457 -38.73 14.04 18.11
N PRO B 458 -38.68 13.97 19.44
CA PRO B 458 -39.52 14.92 20.14
C PRO B 458 -39.11 16.37 20.01
N SER B 459 -40.05 17.26 19.79
CA SER B 459 -39.81 18.68 19.79
C SER B 459 -41.08 19.06 20.50
N SER B 460 -41.11 20.15 21.23
CA SER B 460 -42.30 20.52 22.00
C SER B 460 -42.51 19.67 23.24
N TRP B 461 -43.69 19.72 23.82
CA TRP B 461 -43.96 19.05 25.10
C TRP B 461 -43.90 17.55 25.25
N ASN B 462 -44.35 16.77 24.28
CA ASN B 462 -44.40 15.33 24.54
C ASN B 462 -43.07 14.74 24.27
N ARG B 463 -42.46 14.21 25.30
CA ARG B 463 -41.12 13.68 25.18
C ARG B 463 -41.06 12.16 25.14
N TYR B 464 -42.21 11.51 25.06
CA TYR B 464 -42.23 10.07 24.94
C TYR B 464 -41.77 9.64 23.57
N LEU B 465 -41.76 8.35 23.31
CA LEU B 465 -41.31 7.80 22.04
C LEU B 465 -42.46 7.73 21.05
N ARG B 466 -42.21 8.25 19.84
CA ARG B 466 -43.20 8.25 18.77
C ARG B 466 -42.68 7.39 17.62
N PHE B 467 -43.16 6.15 17.56
CA PHE B 467 -42.80 5.22 16.50
C PHE B 467 -44.07 4.68 15.86
N GLY B 468 -44.06 4.53 14.55
CA GLY B 468 -45.21 4.04 13.86
C GLY B 468 -44.94 3.09 12.75
N LEU B 469 -45.83 2.14 12.53
CA LEU B 469 -45.64 1.15 11.48
C LEU B 469 -46.70 1.20 10.39
N THR B 470 -46.26 1.29 9.14
CA THR B 470 -47.18 1.35 8.01
C THR B 470 -46.92 0.29 6.95
N PRO B 471 -47.96 -0.43 6.53
CA PRO B 471 -47.79 -1.38 5.44
C PRO B 471 -47.42 -0.77 4.08
N ASP B 472 -48.05 0.33 3.68
CA ASP B 472 -47.81 0.98 2.39
C ASP B 472 -47.14 2.34 2.36
N ILE B 473 -46.55 2.80 3.45
CA ILE B 473 -46.03 4.19 3.52
C ILE B 473 -47.10 5.22 3.21
N SER B 474 -48.30 5.08 3.75
CA SER B 474 -49.36 6.07 3.60
C SER B 474 -49.75 6.58 4.97
N VAL B 475 -50.08 7.84 5.09
CA VAL B 475 -50.38 8.43 6.39
C VAL B 475 -51.59 7.80 7.06
N ARG B 476 -52.63 7.49 6.30
CA ARG B 476 -53.83 6.89 6.87
C ARG B 476 -53.53 5.54 7.48
N SER B 477 -52.70 4.76 6.84
CA SER B 477 -52.28 3.45 7.33
C SER B 477 -51.51 3.41 8.62
N THR B 478 -50.64 4.35 8.90
CA THR B 478 -49.74 4.21 10.04
C THR B 478 -50.36 4.05 11.41
N THR B 479 -49.80 3.14 12.20
CA THR B 479 -50.27 2.86 13.53
C THR B 479 -49.12 3.08 14.47
N TRP B 480 -49.35 3.76 15.58
CA TRP B 480 -48.30 4.08 16.49
C TRP B 480 -48.11 3.08 17.61
N LEU B 481 -46.90 2.98 18.16
CA LEU B 481 -46.61 2.07 19.24
C LEU B 481 -47.12 2.63 20.57
N LYS B 482 -47.19 1.78 21.58
CA LYS B 482 -47.67 2.22 22.88
C LYS B 482 -46.62 2.08 23.94
N GLU B 483 -45.37 2.34 23.58
CA GLU B 483 -44.28 2.23 24.52
C GLU B 483 -43.62 3.58 24.69
N LYS B 484 -43.40 3.99 25.91
CA LYS B 484 -42.82 5.28 26.21
C LYS B 484 -41.40 5.19 26.61
N ASP B 485 -40.75 4.07 26.39
CA ASP B 485 -39.44 3.87 26.99
C ASP B 485 -38.30 4.77 26.69
N PRO B 486 -38.12 5.17 25.45
CA PRO B 486 -37.03 6.14 25.36
C PRO B 486 -37.69 7.49 25.62
N ILE B 487 -37.29 8.22 26.67
CA ILE B 487 -37.89 9.52 27.01
C ILE B 487 -36.81 10.57 27.01
N MET B 488 -37.04 11.72 26.41
CA MET B 488 -36.00 12.71 26.30
C MET B 488 -35.88 13.58 27.52
N LYS B 489 -34.74 13.53 28.20
CA LYS B 489 -34.48 14.38 29.34
C LYS B 489 -33.40 15.38 29.06
N VAL B 490 -32.93 15.46 27.82
CA VAL B 490 -31.80 16.32 27.48
C VAL B 490 -32.11 17.28 26.36
N LEU B 491 -31.56 18.49 26.42
CA LEU B 491 -31.80 19.52 25.42
C LEU B 491 -33.26 19.93 25.32
N THR B 492 -33.97 19.96 26.45
CA THR B 492 -35.38 20.35 26.50
C THR B 492 -35.60 21.53 27.45
N THR B 493 -36.36 22.55 27.04
CA THR B 493 -36.69 23.66 27.93
C THR B 493 -38.01 23.43 28.64
N CYS B 494 -38.50 22.22 28.62
CA CYS B 494 -39.76 21.85 29.27
C CYS B 494 -39.66 21.49 30.75
N THR B 495 -40.62 21.92 31.56
CA THR B 495 -40.68 21.54 32.98
C THR B 495 -41.60 20.39 33.37
N ASN B 496 -42.29 19.76 32.42
CA ASN B 496 -43.26 18.71 32.73
C ASN B 496 -42.63 17.47 33.31
N THR B 497 -43.35 16.79 34.20
CA THR B 497 -42.84 15.59 34.83
C THR B 497 -42.79 14.41 33.91
N ASP B 498 -41.98 13.40 34.23
CA ASP B 498 -42.04 12.23 33.36
C ASP B 498 -43.26 11.37 33.63
N LYS B 499 -43.79 11.39 34.86
CA LYS B 499 -44.93 10.55 35.21
C LYS B 499 -46.13 10.87 34.34
N ASP B 500 -46.42 12.17 34.16
CA ASP B 500 -47.47 12.63 33.27
C ASP B 500 -46.99 13.83 32.47
N MET B 501 -46.76 13.66 31.18
CA MET B 501 -46.40 14.78 30.37
C MET B 501 -47.60 15.69 30.41
N CYS B 502 -47.39 16.98 30.54
CA CYS B 502 -48.49 17.94 30.64
C CYS B 502 -48.40 18.90 29.51
N PRO B 503 -49.51 19.17 28.84
CA PRO B 503 -49.31 20.04 27.69
C PRO B 503 -48.76 21.39 28.13
N GLU B 504 -47.76 21.92 27.43
CA GLU B 504 -47.14 23.22 27.73
C GLU B 504 -46.45 23.73 26.48
N ILE B 505 -46.03 24.99 26.44
CA ILE B 505 -45.26 25.48 25.28
C ILE B 505 -43.77 25.43 25.54
N CYS B 506 -43.08 24.42 25.02
CA CYS B 506 -41.66 24.22 25.30
C CYS B 506 -40.86 23.82 24.07
N ASN B 507 -39.54 23.98 24.08
CA ASN B 507 -38.73 23.50 22.96
C ASN B 507 -37.80 22.39 23.34
N THR B 508 -37.80 21.29 22.59
CA THR B 508 -36.92 20.16 22.86
C THR B 508 -36.07 19.94 21.63
N ARG B 509 -34.77 19.77 21.79
CA ARG B 509 -33.90 19.63 20.65
C ARG B 509 -32.91 18.48 20.71
N GLY B 510 -33.35 17.23 20.67
CA GLY B 510 -32.44 16.11 20.65
C GLY B 510 -32.94 14.95 19.83
N TYR B 511 -32.07 14.12 19.28
CA TYR B 511 -32.55 12.95 18.58
C TYR B 511 -31.99 11.67 19.13
N GLN B 512 -32.84 10.75 19.57
CA GLN B 512 -32.38 9.43 19.93
C GLN B 512 -33.31 8.49 19.22
N ASP B 513 -32.82 7.53 18.45
CA ASP B 513 -33.71 6.68 17.68
C ASP B 513 -33.63 5.28 18.21
N ILE B 514 -34.52 4.42 17.77
CA ILE B 514 -34.45 3.03 18.17
C ILE B 514 -34.17 2.18 16.94
N PHE B 515 -33.90 0.90 17.17
CA PHE B 515 -33.82 -0.08 16.09
C PHE B 515 -34.68 -1.27 16.45
N PRO B 516 -35.71 -1.59 15.66
CA PRO B 516 -36.55 -2.75 15.95
C PRO B 516 -35.78 -4.05 15.79
N LEU B 517 -36.16 -5.04 16.59
CA LEU B 517 -35.54 -6.37 16.54
C LEU B 517 -36.60 -7.44 16.32
N SER B 518 -37.77 -7.07 15.82
CA SER B 518 -38.83 -8.01 15.54
C SER B 518 -39.72 -7.43 14.45
N GLU B 519 -40.49 -8.31 13.81
CA GLU B 519 -41.34 -7.90 12.69
C GLU B 519 -42.47 -6.97 13.12
N ASP B 520 -42.87 -7.00 14.40
CA ASP B 520 -43.88 -6.09 14.90
C ASP B 520 -43.31 -5.07 15.88
N SER B 521 -41.98 -4.98 15.98
CA SER B 521 -41.28 -4.02 16.83
C SER B 521 -41.69 -4.19 18.30
N SER B 522 -41.83 -5.45 18.71
CA SER B 522 -41.96 -5.77 20.13
C SER B 522 -40.63 -5.76 20.86
N PHE B 523 -39.55 -6.06 20.14
CA PHE B 523 -38.24 -5.99 20.73
C PHE B 523 -37.52 -4.89 20.02
N TYR B 524 -36.95 -3.94 20.75
CA TYR B 524 -36.15 -2.90 20.13
C TYR B 524 -34.92 -2.54 20.96
N THR B 525 -33.90 -1.98 20.33
CA THR B 525 -32.71 -1.54 21.06
C THR B 525 -32.54 -0.04 21.01
N TYR B 526 -32.30 0.60 22.15
CA TYR B 526 -32.15 2.05 22.23
C TYR B 526 -31.06 2.53 23.18
N ILE B 527 -30.58 3.75 23.03
CA ILE B 527 -29.63 4.32 23.99
C ILE B 527 -30.30 5.41 24.80
N GLY B 528 -30.19 5.37 26.12
CA GLY B 528 -30.79 6.35 27.01
C GLY B 528 -29.75 7.30 27.59
N ILE B 529 -30.09 8.59 27.60
CA ILE B 529 -29.25 9.64 28.13
C ILE B 529 -30.01 10.41 29.21
N THR B 530 -29.36 10.61 30.34
CA THR B 530 -29.95 11.29 31.49
C THR B 530 -29.06 12.44 31.92
N PRO B 531 -29.67 13.64 32.05
CA PRO B 531 -28.86 14.79 32.41
C PRO B 531 -28.39 14.68 33.82
N SER B 532 -27.25 15.28 34.12
CA SER B 532 -26.66 15.17 35.43
C SER B 532 -25.78 16.36 35.62
N ASN B 533 -25.34 16.64 36.82
CA ASN B 533 -24.33 17.69 37.00
C ASN B 533 -23.14 17.01 36.39
N GLU B 534 -22.11 17.77 35.97
CA GLU B 534 -21.04 17.11 35.23
C GLU B 534 -21.57 16.42 33.99
N GLY B 535 -22.38 17.13 33.20
CA GLY B 535 -22.96 16.58 32.00
C GLY B 535 -23.92 15.44 32.05
N THR B 536 -23.69 14.39 31.29
CA THR B 536 -24.70 13.34 31.21
C THR B 536 -24.27 11.91 31.42
N LYS B 537 -25.21 11.05 31.82
CA LYS B 537 -24.92 9.64 31.99
C LYS B 537 -25.67 8.91 30.90
N SER B 538 -25.13 7.81 30.37
CA SER B 538 -25.71 7.10 29.24
C SER B 538 -25.72 5.61 29.51
N PHE B 539 -26.63 4.92 28.81
CA PHE B 539 -26.70 3.47 28.86
C PHE B 539 -27.28 2.96 27.55
N VAL B 540 -27.04 1.68 27.27
CA VAL B 540 -27.62 1.01 26.11
C VAL B 540 -28.59 -0.06 26.62
N ALA B 541 -29.80 -0.05 26.05
CA ALA B 541 -30.87 -0.88 26.58
C ALA B 541 -31.55 -1.63 25.44
N VAL B 542 -32.19 -2.76 25.80
CA VAL B 542 -32.97 -3.56 24.86
C VAL B 542 -34.30 -3.85 25.53
N LYS B 543 -35.42 -3.63 24.87
CA LYS B 543 -36.75 -3.80 25.48
C LYS B 543 -37.54 -4.94 24.88
N ASP B 544 -38.10 -5.82 25.70
CA ASP B 544 -38.82 -7.00 25.20
C ASP B 544 -40.32 -6.86 25.16
N ASP B 545 -41.04 -7.85 24.66
CA ASP B 545 -42.49 -7.71 24.55
C ASP B 545 -43.14 -7.57 25.92
N ALA B 546 -42.60 -8.26 26.92
CA ALA B 546 -43.20 -8.22 28.25
C ALA B 546 -43.15 -6.81 28.84
N GLY B 547 -42.06 -6.10 28.62
CA GLY B 547 -41.91 -4.77 29.15
C GLY B 547 -40.62 -4.59 29.94
N HIS B 548 -39.85 -5.65 30.03
CA HIS B 548 -38.59 -5.57 30.72
C HIS B 548 -37.52 -4.83 29.93
N VAL B 549 -36.68 -4.09 30.61
CA VAL B 549 -35.60 -3.39 29.95
C VAL B 549 -34.30 -3.94 30.47
N ALA B 550 -33.38 -4.29 29.59
CA ALA B 550 -32.07 -4.77 29.97
C ALA B 550 -31.17 -3.66 29.60
N SER B 551 -30.32 -3.22 30.49
CA SER B 551 -29.50 -2.03 30.24
C SER B 551 -28.08 -2.27 30.74
N ILE B 552 -27.13 -1.65 30.04
CA ILE B 552 -25.72 -1.69 30.41
C ILE B 552 -25.17 -0.26 30.30
N THR B 553 -24.48 0.18 31.34
CA THR B 553 -23.88 1.51 31.33
C THR B 553 -22.74 1.57 30.33
N ILE B 554 -22.67 2.69 29.59
CA ILE B 554 -21.67 2.89 28.56
C ILE B 554 -21.03 4.26 28.74
N LEU B 555 -19.84 4.41 28.16
CA LEU B 555 -19.08 5.65 28.12
C LEU B 555 -18.92 6.26 29.51
N PRO B 556 -18.18 5.62 30.42
CA PRO B 556 -18.03 6.16 31.76
C PRO B 556 -16.98 7.26 31.88
N ASN B 557 -16.25 7.57 30.81
CA ASN B 557 -15.18 8.54 30.85
C ASN B 557 -15.37 9.61 29.80
N TYR B 558 -16.61 9.92 29.42
CA TYR B 558 -16.88 11.01 28.51
C TYR B 558 -17.74 11.97 29.28
N TYR B 559 -17.47 13.25 29.18
CA TYR B 559 -18.24 14.23 29.90
C TYR B 559 -19.69 14.26 29.50
N SER B 560 -19.98 14.17 28.21
CA SER B 560 -21.37 14.31 27.80
C SER B 560 -21.72 13.82 26.42
N ILE B 561 -22.80 13.06 26.30
CA ILE B 561 -23.31 12.63 25.00
C ILE B 561 -24.74 13.16 24.87
N THR B 562 -25.07 13.72 23.70
CA THR B 562 -26.37 14.36 23.57
C THR B 562 -27.23 13.81 22.44
N SER B 563 -26.79 12.79 21.72
CA SER B 563 -27.58 12.21 20.63
C SER B 563 -27.09 10.80 20.37
N ALA B 564 -27.88 10.05 19.60
CA ALA B 564 -27.55 8.66 19.29
C ALA B 564 -28.40 8.18 18.12
N THR B 565 -27.81 7.38 17.24
CA THR B 565 -28.53 6.78 16.12
C THR B 565 -28.03 5.35 16.00
N ILE B 566 -28.91 4.35 16.01
CA ILE B 566 -28.46 2.97 15.99
C ILE B 566 -28.85 2.19 14.75
N SER B 567 -27.89 1.55 14.10
CA SER B 567 -28.15 0.72 12.93
C SER B 567 -27.63 -0.67 13.20
N CYS B 568 -28.39 -1.72 12.91
CA CYS B 568 -27.97 -3.08 13.27
C CYS B 568 -27.91 -4.03 12.09
N PHE B 569 -27.00 -4.99 12.14
CA PHE B 569 -26.80 -5.89 11.03
C PHE B 569 -26.43 -7.29 11.50
N MET B 570 -26.11 -8.20 10.59
CA MET B 570 -25.66 -9.54 10.95
C MET B 570 -24.17 -9.64 10.72
N TYR B 571 -23.43 -10.05 11.75
CA TYR B 571 -21.98 -10.12 11.69
C TYR B 571 -21.51 -11.25 12.58
N LYS B 572 -20.71 -12.16 12.02
CA LYS B 572 -20.21 -13.33 12.74
C LYS B 572 -21.37 -14.17 13.30
N GLU B 573 -22.42 -14.32 12.52
CA GLU B 573 -23.59 -15.12 12.91
C GLU B 573 -24.48 -14.58 14.02
N GLU B 574 -24.43 -13.30 14.32
CA GLU B 574 -25.23 -12.74 15.39
C GLU B 574 -25.64 -11.38 14.96
N ILE B 575 -26.35 -10.64 15.81
CA ILE B 575 -26.83 -9.36 15.42
C ILE B 575 -25.97 -8.39 16.14
N TRP B 576 -25.36 -7.49 15.40
CA TRP B 576 -24.43 -6.55 15.98
C TRP B 576 -24.91 -5.21 15.58
N CYS B 577 -24.73 -4.23 16.44
CA CYS B 577 -25.25 -2.90 16.17
C CYS B 577 -24.22 -1.81 16.31
N ILE B 578 -24.31 -0.77 15.50
CA ILE B 578 -23.39 0.36 15.59
C ILE B 578 -24.11 1.63 15.97
N ALA B 579 -23.59 2.36 16.94
CA ALA B 579 -24.22 3.60 17.39
C ALA B 579 -23.36 4.84 17.16
N VAL B 580 -23.94 5.88 16.56
CA VAL B 580 -23.22 7.12 16.31
C VAL B 580 -23.77 8.18 17.24
N THR B 581 -22.91 8.88 17.95
CA THR B 581 -23.30 9.84 18.96
C THR B 581 -22.54 11.15 18.78
N GLU B 582 -23.12 12.22 19.30
CA GLU B 582 -22.43 13.50 19.45
C GLU B 582 -21.97 13.65 20.89
N GLY B 583 -20.87 14.36 21.09
CA GLY B 583 -20.46 14.65 22.46
C GLY B 583 -19.07 15.24 22.52
N ARG B 584 -18.65 15.46 23.77
CA ARG B 584 -17.33 16.00 24.09
C ARG B 584 -16.68 15.09 25.14
N LYS B 585 -15.44 14.69 24.89
CA LYS B 585 -14.72 13.87 25.86
C LYS B 585 -14.41 14.65 27.13
N GLN B 586 -14.00 15.90 26.99
CA GLN B 586 -13.76 16.79 28.12
C GLN B 586 -14.77 17.92 28.10
N LYS B 587 -14.87 18.64 29.23
CA LYS B 587 -15.87 19.68 29.36
C LYS B 587 -15.64 20.83 28.38
N GLU B 588 -14.39 21.18 28.12
CA GLU B 588 -14.06 22.36 27.33
C GLU B 588 -13.64 22.00 25.91
N ASN B 589 -13.87 20.76 25.50
CA ASN B 589 -13.57 20.33 24.15
C ASN B 589 -14.69 20.73 23.21
N PRO B 590 -14.36 20.94 21.90
CA PRO B 590 -15.45 21.22 20.96
C PRO B 590 -16.25 19.96 20.65
N GLN B 591 -17.48 20.09 20.18
CA GLN B 591 -18.31 18.94 19.90
C GLN B 591 -17.77 18.12 18.77
N ARG B 592 -17.88 16.81 18.89
CA ARG B 592 -17.46 15.94 17.83
C ARG B 592 -18.41 14.77 17.69
N ILE B 593 -18.12 13.82 16.84
CA ILE B 593 -18.97 12.68 16.55
C ILE B 593 -18.17 11.40 16.75
N TYR B 594 -18.74 10.45 17.48
CA TYR B 594 -18.07 9.20 17.81
C TYR B 594 -18.94 8.03 17.41
N ALA B 595 -18.33 6.86 17.24
CA ALA B 595 -19.05 5.64 16.85
C ALA B 595 -18.61 4.39 17.61
N HIS B 596 -19.54 3.59 18.13
CA HIS B 596 -19.23 2.39 18.91
C HIS B 596 -20.10 1.21 18.54
N SER B 597 -19.64 -0.01 18.79
CA SER B 597 -20.34 -1.24 18.39
C SER B 597 -20.67 -2.23 19.50
N TYR B 598 -21.85 -2.82 19.47
CA TYR B 598 -22.29 -3.79 20.49
C TYR B 598 -23.03 -5.00 19.93
N ARG B 599 -23.11 -6.08 20.67
CA ARG B 599 -23.79 -7.30 20.24
C ARG B 599 -25.06 -7.58 21.00
N VAL B 600 -26.12 -7.95 20.30
CA VAL B 600 -27.37 -8.31 20.94
C VAL B 600 -27.45 -9.81 21.04
N GLN B 601 -27.72 -10.33 22.23
CA GLN B 601 -27.73 -11.77 22.43
C GLN B 601 -29.05 -12.43 22.76
N LYS B 602 -29.33 -13.59 22.17
CA LYS B 602 -30.51 -14.34 22.47
C LYS B 602 -30.37 -14.99 23.83
N MET B 603 -31.43 -15.01 24.61
CA MET B 603 -31.39 -15.61 25.93
C MET B 603 -32.64 -16.41 26.17
N CYS B 604 -32.56 -17.40 27.02
CA CYS B 604 -33.72 -18.23 27.35
C CYS B 604 -33.77 -18.54 28.82
N PHE B 605 -34.51 -17.74 29.57
CA PHE B 605 -34.59 -17.95 31.02
C PHE B 605 -35.72 -18.91 31.35
N ASN B 606 -35.61 -19.56 32.51
CA ASN B 606 -36.62 -20.50 32.97
C ASN B 606 -37.04 -20.13 34.38
N ILE B 607 -38.36 -19.97 34.57
CA ILE B 607 -38.89 -19.59 35.87
C ILE B 607 -39.71 -20.74 36.46
N ASN C 61 2.95 64.94 -22.95
CA ASN C 61 3.78 64.11 -23.81
C ASN C 61 4.55 63.08 -22.99
N VAL C 62 5.36 63.56 -22.05
CA VAL C 62 6.20 62.67 -21.23
C VAL C 62 5.33 61.74 -20.40
N THR C 63 4.15 62.22 -19.99
CA THR C 63 3.24 61.40 -19.20
C THR C 63 2.88 60.11 -19.93
N ASN C 64 2.55 60.24 -21.21
CA ASN C 64 2.17 59.06 -21.98
C ASN C 64 3.37 58.17 -22.10
N LEU C 65 4.52 58.78 -22.33
CA LEU C 65 5.72 58.00 -22.54
C LEU C 65 6.09 57.16 -21.33
N THR C 66 5.92 57.72 -20.14
CA THR C 66 6.35 57.03 -18.92
C THR C 66 5.64 55.70 -18.67
N THR C 67 4.36 55.65 -18.94
CA THR C 67 3.60 54.44 -18.68
C THR C 67 4.17 53.29 -19.50
N ILE C 68 4.54 53.58 -20.75
CA ILE C 68 5.11 52.55 -21.59
C ILE C 68 6.39 52.10 -20.95
N LYS C 69 7.14 53.05 -20.41
CA LYS C 69 8.39 52.70 -19.76
C LYS C 69 8.13 51.70 -18.67
N ASN C 70 7.44 52.13 -17.62
CA ASN C 70 7.18 51.26 -16.49
C ASN C 70 6.63 49.93 -16.97
N GLN C 71 5.98 49.93 -18.14
CA GLN C 71 5.38 48.70 -18.65
C GLN C 71 6.46 47.70 -18.91
N GLN C 72 7.56 48.16 -19.46
CA GLN C 72 8.65 47.25 -19.78
C GLN C 72 9.12 46.56 -18.52
N ALA C 73 9.26 47.33 -17.45
CA ALA C 73 9.68 46.76 -16.17
C ALA C 73 8.81 45.59 -15.79
N MET C 74 7.51 45.77 -15.95
CA MET C 74 6.59 44.74 -15.58
C MET C 74 6.90 43.57 -16.45
N LEU C 75 7.18 43.84 -17.72
CA LEU C 75 7.54 42.79 -18.65
C LEU C 75 8.89 42.18 -18.33
N LYS C 76 9.70 42.83 -17.49
CA LYS C 76 10.94 42.15 -17.10
C LYS C 76 10.76 41.36 -15.81
N ILE C 77 10.11 41.97 -14.81
CA ILE C 77 9.88 41.29 -13.54
C ILE C 77 9.06 40.03 -13.73
N ILE C 78 8.01 40.13 -14.55
CA ILE C 78 7.20 38.95 -14.81
C ILE C 78 8.07 37.80 -15.24
N GLN C 79 8.90 38.03 -16.25
CA GLN C 79 9.71 36.94 -16.76
C GLN C 79 10.67 36.41 -15.71
N ASP C 80 11.27 37.31 -14.94
CA ASP C 80 12.24 36.85 -13.97
C ASP C 80 11.59 35.96 -12.93
N GLU C 81 10.37 36.31 -12.51
CA GLU C 81 9.73 35.55 -11.45
C GLU C 81 9.50 34.10 -11.85
N VAL C 82 9.08 33.90 -13.09
CA VAL C 82 8.82 32.55 -13.55
C VAL C 82 10.09 31.74 -13.54
N ASN C 83 11.20 32.33 -13.94
CA ASN C 83 12.43 31.56 -14.09
C ASN C 83 12.93 30.95 -12.80
N SER C 84 12.86 31.68 -11.70
CA SER C 84 13.35 31.18 -10.44
C SER C 84 12.58 29.95 -10.04
N LYS C 85 11.29 29.99 -10.26
CA LYS C 85 10.41 28.86 -9.94
C LYS C 85 10.77 27.65 -10.75
N LEU C 86 11.16 27.84 -12.00
CA LEU C 86 11.34 26.71 -12.90
C LEU C 86 12.39 25.71 -12.45
N GLU C 87 13.48 26.15 -11.88
CA GLU C 87 14.50 25.18 -11.53
C GLU C 87 13.89 24.22 -10.54
N MET C 88 13.10 24.71 -9.60
CA MET C 88 12.42 23.83 -8.68
C MET C 88 11.28 23.06 -9.36
N PHE C 89 10.64 23.64 -10.37
CA PHE C 89 9.61 22.90 -11.10
C PHE C 89 10.21 21.68 -11.79
N VAL C 90 11.40 21.85 -12.38
CA VAL C 90 12.04 20.73 -13.08
C VAL C 90 12.35 19.60 -12.10
N SER C 91 12.86 19.96 -10.91
CA SER C 91 13.16 18.94 -9.91
C SER C 91 11.89 18.22 -9.46
N LEU C 92 10.79 18.96 -9.26
CA LEU C 92 9.53 18.34 -8.90
C LEU C 92 9.06 17.35 -9.96
N ASP C 93 9.12 17.77 -11.23
CA ASP C 93 8.68 16.90 -12.32
C ASP C 93 9.54 15.64 -12.40
N GLN C 94 10.86 15.80 -12.28
CA GLN C 94 11.74 14.64 -12.34
C GLN C 94 11.51 13.69 -11.17
N LEU C 95 11.27 14.24 -9.97
CA LEU C 95 10.96 13.39 -8.83
C LEU C 95 9.67 12.61 -9.04
N VAL C 96 8.63 13.27 -9.56
CA VAL C 96 7.36 12.58 -9.75
C VAL C 96 7.50 11.48 -10.81
N LYS C 97 8.20 11.77 -11.91
CA LYS C 97 8.30 10.78 -12.97
C LYS C 97 9.28 9.66 -12.62
N GLY C 98 10.26 9.93 -11.77
CA GLY C 98 11.34 8.98 -11.58
C GLY C 98 11.11 8.00 -10.44
N GLU C 99 10.65 8.50 -9.30
CA GLU C 99 10.57 7.69 -8.09
C GLU C 99 9.15 7.30 -7.71
N ILE C 100 8.20 8.23 -7.75
CA ILE C 100 6.87 7.97 -7.23
C ILE C 100 6.14 6.92 -8.07
N LYS C 101 6.18 7.06 -9.39
CA LYS C 101 5.45 6.13 -10.25
C LYS C 101 5.96 4.70 -10.18
N PRO C 102 7.27 4.41 -10.31
CA PRO C 102 7.71 3.02 -10.17
C PRO C 102 7.41 2.42 -8.81
N LYS C 103 7.53 3.20 -7.74
CA LYS C 103 7.21 2.68 -6.42
C LYS C 103 5.72 2.42 -6.26
N VAL C 104 4.87 3.27 -6.84
CA VAL C 104 3.44 3.01 -6.82
C VAL C 104 3.12 1.72 -7.56
N SER C 105 3.75 1.50 -8.71
CA SER C 105 3.54 0.26 -9.44
C SER C 105 3.99 -0.95 -8.63
N LEU C 106 5.14 -0.84 -7.97
CA LEU C 106 5.64 -1.94 -7.14
C LEU C 106 4.69 -2.24 -5.98
N ILE C 107 4.17 -1.19 -5.34
CA ILE C 107 3.23 -1.40 -4.24
C ILE C 107 1.95 -2.05 -4.74
N ASN C 108 1.46 -1.61 -5.90
CA ASN C 108 0.26 -2.23 -6.48
C ASN C 108 0.49 -3.71 -6.75
N THR C 109 1.63 -4.06 -7.34
CA THR C 109 1.94 -5.46 -7.59
C THR C 109 2.04 -6.25 -6.28
N ALA C 110 2.66 -5.66 -5.27
CA ALA C 110 2.84 -6.35 -4.00
C ALA C 110 1.52 -6.62 -3.31
N VAL C 111 0.60 -5.66 -3.34
CA VAL C 111 -0.65 -5.80 -2.58
C VAL C 111 -1.68 -6.58 -3.39
N SER C 112 -1.50 -6.66 -4.71
CA SER C 112 -2.54 -7.27 -5.53
C SER C 112 -2.23 -8.73 -5.87
N VAL C 113 -0.96 -9.10 -5.98
CA VAL C 113 -0.55 -10.39 -6.52
C VAL C 113 0.21 -11.22 -5.50
N SER C 114 1.24 -10.63 -4.87
CA SER C 114 2.18 -11.43 -4.09
C SER C 114 1.57 -11.90 -2.78
N ILE C 115 1.05 -10.98 -1.97
CA ILE C 115 0.54 -11.28 -0.64
C ILE C 115 -0.66 -12.24 -0.72
N PRO C 116 -1.63 -12.03 -1.62
CA PRO C 116 -2.70 -13.04 -1.75
C PRO C 116 -2.18 -14.42 -2.08
N GLY C 117 -1.18 -14.53 -2.95
CA GLY C 117 -0.60 -15.83 -3.26
C GLY C 117 0.06 -16.47 -2.06
N GLN C 118 0.79 -15.67 -1.28
CA GLN C 118 1.42 -16.20 -0.07
C GLN C 118 0.38 -16.73 0.90
N ILE C 119 -0.71 -15.98 1.11
CA ILE C 119 -1.75 -16.41 2.03
C ILE C 119 -2.45 -17.67 1.52
N SER C 120 -2.69 -17.73 0.21
CA SER C 120 -3.32 -18.92 -0.37
C SER C 120 -2.43 -20.15 -0.20
N ASN C 121 -1.12 -20.01 -0.41
CA ASN C 121 -0.22 -21.13 -0.21
C ASN C 121 -0.21 -21.57 1.25
N LEU C 122 -0.23 -20.61 2.18
CA LEU C 122 -0.28 -20.96 3.59
C LEU C 122 -1.55 -21.75 3.91
N GLN C 123 -2.70 -21.31 3.39
CA GLN C 123 -3.94 -22.02 3.63
C GLN C 123 -3.91 -23.43 3.06
N THR C 124 -3.37 -23.58 1.84
CA THR C 124 -3.30 -24.91 1.24
C THR C 124 -2.43 -25.85 2.06
N LYS C 125 -1.27 -25.38 2.51
CA LYS C 125 -0.40 -26.22 3.34
C LYS C 125 -1.09 -26.57 4.66
N PHE C 126 -1.81 -25.62 5.25
CA PHE C 126 -2.51 -25.91 6.50
C PHE C 126 -3.54 -27.01 6.30
N LEU C 127 -4.33 -26.93 5.23
CA LEU C 127 -5.34 -27.95 4.98
C LEU C 127 -4.71 -29.32 4.73
N GLN C 128 -3.60 -29.36 3.97
CA GLN C 128 -2.92 -30.63 3.73
C GLN C 128 -2.43 -31.24 5.04
N LYS C 129 -1.85 -30.41 5.92
CA LYS C 129 -1.35 -30.92 7.19
C LYS C 129 -2.49 -31.41 8.07
N TYR C 130 -3.64 -30.72 8.03
CA TYR C 130 -4.80 -31.18 8.80
C TYR C 130 -5.27 -32.55 8.31
N VAL C 131 -5.30 -32.74 7.00
CA VAL C 131 -5.72 -34.03 6.44
C VAL C 131 -4.74 -35.13 6.87
N TYR C 132 -3.44 -34.83 6.81
CA TYR C 132 -2.44 -35.81 7.23
C TYR C 132 -2.60 -36.16 8.70
N LEU C 133 -2.85 -35.16 9.55
CA LEU C 133 -3.02 -35.41 10.97
C LEU C 133 -4.25 -36.27 11.22
N GLU C 134 -5.35 -35.99 10.50
CA GLU C 134 -6.56 -36.81 10.64
C GLU C 134 -6.29 -38.25 10.27
N GLU C 135 -5.57 -38.48 9.17
CA GLU C 135 -5.17 -39.85 8.83
C GLU C 135 -4.33 -40.46 9.92
N SER C 136 -3.48 -39.66 10.56
CA SER C 136 -2.63 -40.17 11.63
C SER C 136 -3.47 -40.64 12.82
N ILE C 137 -4.48 -39.87 13.21
CA ILE C 137 -5.31 -40.31 14.34
C ILE C 137 -6.10 -41.54 13.93
N THR C 138 -6.61 -41.57 12.71
CA THR C 138 -7.47 -42.69 12.31
C THR C 138 -6.66 -43.98 12.18
N LYS C 139 -5.36 -43.88 11.93
CA LYS C 139 -4.53 -45.08 11.83
C LYS C 139 -4.18 -45.65 13.21
N GLN C 140 -3.80 -44.80 14.14
CA GLN C 140 -3.24 -45.24 15.42
C GLN C 140 -4.22 -45.11 16.58
N CYS C 141 -5.51 -45.00 16.30
CA CYS C 141 -6.48 -44.85 17.37
C CYS C 141 -6.56 -46.11 18.22
N THR C 142 -6.58 -45.93 19.53
CA THR C 142 -6.63 -47.01 20.53
C THR C 142 -5.48 -47.98 20.21
N CYS C 143 -5.77 -49.25 19.91
CA CYS C 143 -4.71 -50.23 19.63
C CYS C 143 -3.87 -49.83 18.44
N ASP C 161 9.63 -31.77 -3.32
CA ASP C 161 10.58 -32.07 -4.38
C ASP C 161 10.07 -31.63 -5.75
N LYS C 162 8.91 -31.01 -5.79
CA LYS C 162 8.31 -30.58 -7.06
C LYS C 162 8.08 -31.73 -8.03
N PRO C 163 7.70 -32.90 -7.51
CA PRO C 163 7.52 -33.94 -8.52
C PRO C 163 6.40 -33.61 -9.47
N ASP C 164 5.29 -33.09 -8.95
CA ASP C 164 4.14 -32.82 -9.79
C ASP C 164 4.40 -31.77 -10.84
N ASP C 165 5.07 -30.69 -10.46
CA ASP C 165 5.43 -29.69 -11.41
C ASP C 165 6.35 -30.33 -12.39
N ASP C 166 7.27 -31.12 -11.87
CA ASP C 166 8.23 -31.79 -12.70
C ASP C 166 8.94 -30.69 -13.45
N THR C 167 9.16 -29.55 -12.81
CA THR C 167 9.92 -28.45 -13.40
C THR C 167 9.14 -27.67 -14.45
N THR C 168 7.85 -27.96 -14.59
CA THR C 168 7.01 -27.18 -15.49
C THR C 168 6.85 -25.72 -15.11
N ASP C 169 6.67 -25.44 -13.83
CA ASP C 169 6.41 -24.07 -13.38
C ASP C 169 7.62 -23.25 -12.98
N ASP C 170 8.81 -23.82 -13.04
CA ASP C 170 9.97 -23.09 -12.56
C ASP C 170 10.15 -21.70 -13.14
N ASP C 171 9.53 -21.41 -14.28
CA ASP C 171 9.73 -20.12 -14.96
C ASP C 171 8.43 -19.33 -14.98
N LYS C 172 7.56 -19.58 -14.01
CA LYS C 172 6.28 -18.90 -13.90
C LYS C 172 6.33 -17.93 -12.73
N VAL C 173 6.03 -16.66 -13.00
CA VAL C 173 6.04 -15.65 -11.95
C VAL C 173 4.95 -15.96 -10.91
N ASP C 174 3.77 -16.32 -11.38
CA ASP C 174 2.64 -16.64 -10.51
C ASP C 174 1.98 -17.91 -11.03
N THR C 175 1.71 -18.85 -10.11
CA THR C 175 1.30 -20.20 -10.48
C THR C 175 -0.12 -20.55 -10.03
N THR C 176 -1.01 -19.56 -9.92
CA THR C 176 -2.36 -19.85 -9.45
C THR C 176 -3.19 -20.56 -10.52
N ILE C 177 -3.01 -20.21 -11.78
CA ILE C 177 -3.77 -20.78 -12.88
C ILE C 177 -2.82 -21.24 -13.97
N LYS C 178 -3.30 -22.18 -14.79
CA LYS C 178 -2.54 -22.74 -15.90
C LYS C 178 -3.50 -23.16 -17.00
N PRO C 179 -3.03 -23.36 -18.23
CA PRO C 179 -3.93 -23.73 -19.33
C PRO C 179 -4.68 -25.02 -19.04
N VAL C 180 -5.85 -25.13 -19.67
CA VAL C 180 -6.81 -26.19 -19.36
C VAL C 180 -6.24 -27.55 -19.75
N GLU C 181 -6.40 -28.53 -18.86
CA GLU C 181 -6.09 -29.92 -19.14
C GLU C 181 -7.40 -30.70 -19.14
N TYR C 182 -7.79 -31.20 -20.31
CA TYR C 182 -9.11 -31.80 -20.47
C TYR C 182 -9.26 -33.04 -19.60
N TYR C 183 -10.48 -33.24 -19.10
CA TYR C 183 -10.78 -34.42 -18.31
C TYR C 183 -10.68 -35.68 -19.16
N LYS C 184 -10.35 -36.79 -18.51
CA LYS C 184 -10.24 -38.08 -19.17
C LYS C 184 -11.31 -39.03 -18.62
N PRO C 185 -11.79 -39.97 -19.43
CA PRO C 185 -12.85 -40.86 -18.98
C PRO C 185 -12.34 -42.01 -18.13
N ASP C 186 -11.13 -41.89 -17.60
CA ASP C 186 -10.54 -42.93 -16.76
C ASP C 186 -11.39 -43.18 -15.53
N GLY C 187 -11.46 -44.43 -15.07
CA GLY C 187 -12.31 -44.78 -13.96
C GLY C 187 -13.73 -45.11 -14.41
N CYS C 188 -14.35 -44.19 -15.15
CA CYS C 188 -15.68 -44.39 -15.70
C CYS C 188 -15.58 -45.14 -17.04
N ASN C 189 -15.17 -46.40 -16.93
CA ASN C 189 -14.86 -47.22 -18.10
C ASN C 189 -15.74 -48.47 -18.22
N LYS C 190 -16.32 -48.94 -17.11
CA LYS C 190 -17.02 -50.21 -17.08
C LYS C 190 -18.30 -50.14 -17.91
N THR C 191 -18.88 -51.32 -18.15
CA THR C 191 -20.15 -51.41 -18.84
C THR C 191 -21.25 -50.76 -18.01
N ASN C 192 -22.26 -50.22 -18.70
CA ASN C 192 -23.36 -49.49 -18.07
C ASN C 192 -22.85 -48.32 -17.26
N ASP C 193 -22.08 -47.44 -17.90
CA ASP C 193 -21.55 -46.25 -17.27
C ASP C 193 -21.63 -45.07 -18.24
N HIS C 194 -21.74 -43.87 -17.67
CA HIS C 194 -21.81 -42.64 -18.44
C HIS C 194 -20.89 -41.61 -17.82
N PHE C 195 -19.93 -41.13 -18.60
CA PHE C 195 -18.97 -40.11 -18.17
C PHE C 195 -19.41 -38.79 -18.75
N THR C 196 -19.69 -37.81 -17.89
CA THR C 196 -20.21 -36.51 -18.33
C THR C 196 -19.52 -35.39 -17.56
N MET C 197 -19.79 -34.16 -18.01
CA MET C 197 -19.40 -32.95 -17.31
C MET C 197 -20.62 -32.05 -17.20
N GLN C 198 -20.69 -31.26 -16.12
CA GLN C 198 -21.86 -30.42 -15.93
C GLN C 198 -21.46 -29.17 -15.15
N PRO C 199 -22.20 -28.08 -15.32
CA PRO C 199 -21.82 -26.82 -14.65
C PRO C 199 -22.03 -26.88 -13.15
N GLY C 200 -21.38 -25.95 -12.45
CA GLY C 200 -21.57 -25.80 -11.04
C GLY C 200 -22.85 -25.07 -10.70
N VAL C 201 -23.24 -25.14 -9.43
CA VAL C 201 -24.49 -24.53 -8.98
C VAL C 201 -24.39 -23.01 -8.99
N ASN C 202 -23.23 -22.47 -8.63
CA ASN C 202 -23.08 -21.06 -8.30
C ASN C 202 -22.50 -20.29 -9.48
N PHE C 203 -22.95 -19.04 -9.63
CA PHE C 203 -22.39 -18.10 -10.60
C PHE C 203 -21.80 -16.92 -9.83
N TYR C 204 -20.48 -16.94 -9.65
CA TYR C 204 -19.79 -15.97 -8.81
C TYR C 204 -19.44 -14.74 -9.64
N THR C 205 -19.51 -13.57 -8.99
CA THR C 205 -19.14 -12.33 -9.66
C THR C 205 -17.64 -12.14 -9.65
N VAL C 206 -17.12 -11.45 -10.66
CA VAL C 206 -15.71 -11.08 -10.75
C VAL C 206 -15.64 -9.56 -10.81
N PRO C 207 -15.43 -8.87 -9.69
CA PRO C 207 -15.45 -7.41 -9.70
C PRO C 207 -14.15 -6.83 -10.25
N ASN C 208 -14.28 -5.67 -10.91
CA ASN C 208 -13.14 -4.87 -11.36
C ASN C 208 -12.25 -5.64 -12.32
N LEU C 209 -12.85 -6.28 -13.33
CA LEU C 209 -12.07 -6.79 -14.44
C LEU C 209 -11.50 -5.64 -15.28
N GLY C 210 -12.26 -4.55 -15.37
CA GLY C 210 -11.80 -3.35 -16.03
C GLY C 210 -12.50 -2.13 -15.48
N PRO C 211 -11.96 -0.95 -15.76
CA PRO C 211 -12.59 0.28 -15.27
C PRO C 211 -13.94 0.53 -15.93
N SER C 212 -14.80 1.27 -15.23
CA SER C 212 -16.13 1.59 -15.72
C SER C 212 -16.44 3.04 -15.38
N SER C 213 -17.52 3.55 -15.96
CA SER C 213 -17.92 4.93 -15.80
C SER C 213 -19.37 5.01 -15.35
N SER C 214 -19.72 6.10 -14.66
CA SER C 214 -21.08 6.26 -14.17
C SER C 214 -21.91 7.15 -15.10
N SER C 215 -21.26 7.77 -16.09
CA SER C 215 -21.97 8.67 -16.98
C SER C 215 -22.98 7.91 -17.83
N ALA C 216 -24.15 8.49 -18.03
CA ALA C 216 -25.21 7.80 -18.77
C ALA C 216 -25.11 7.98 -20.26
N ASP C 217 -24.46 9.04 -20.70
CA ASP C 217 -24.26 9.23 -22.11
C ASP C 217 -23.42 8.14 -22.75
N GLU C 218 -22.35 7.72 -22.08
CA GLU C 218 -21.48 6.66 -22.58
C GLU C 218 -22.04 5.25 -22.61
N CYS C 219 -21.73 4.48 -23.65
CA CYS C 219 -22.12 3.08 -23.70
C CYS C 219 -20.87 2.22 -23.83
N TYR C 220 -20.74 1.21 -23.00
CA TYR C 220 -19.59 0.33 -23.07
C TYR C 220 -19.96 -0.83 -23.94
N THR C 221 -19.10 -1.20 -24.87
CA THR C 221 -19.50 -2.21 -25.84
C THR C 221 -18.27 -2.90 -26.42
N ASN C 222 -18.54 -3.91 -27.23
CA ASN C 222 -17.57 -4.71 -27.98
C ASN C 222 -16.43 -5.22 -27.09
N PRO C 223 -16.72 -6.00 -26.05
CA PRO C 223 -15.64 -6.53 -25.22
C PRO C 223 -14.85 -7.61 -25.94
N SER C 224 -13.56 -7.64 -25.66
CA SER C 224 -12.69 -8.71 -26.11
C SER C 224 -11.85 -9.18 -24.93
N PHE C 225 -11.85 -10.49 -24.71
CA PHE C 225 -11.25 -11.05 -23.50
C PHE C 225 -10.48 -12.31 -23.86
N SER C 226 -9.25 -12.39 -23.36
CA SER C 226 -8.39 -13.55 -23.64
C SER C 226 -7.58 -13.87 -22.40
N ILE C 227 -7.38 -15.16 -22.14
CA ILE C 227 -6.59 -15.61 -20.99
C ILE C 227 -5.39 -16.39 -21.51
N GLY C 228 -4.20 -16.00 -21.06
CA GLY C 228 -2.98 -16.69 -21.40
C GLY C 228 -2.60 -17.73 -20.37
N SER C 229 -1.29 -17.93 -20.22
CA SER C 229 -0.80 -18.88 -19.23
C SER C 229 -1.14 -18.42 -17.81
N SER C 230 -0.88 -17.16 -17.51
CA SER C 230 -1.23 -16.58 -16.21
C SER C 230 -1.85 -15.19 -16.31
N ILE C 231 -1.80 -14.55 -17.47
CA ILE C 231 -2.27 -13.18 -17.63
C ILE C 231 -3.58 -13.18 -18.42
N TYR C 232 -4.26 -12.06 -18.37
CA TYR C 232 -5.47 -11.83 -19.16
C TYR C 232 -5.40 -10.47 -19.83
N MET C 233 -5.90 -10.42 -21.06
CA MET C 233 -6.00 -9.20 -21.84
C MET C 233 -7.47 -8.90 -22.11
N PHE C 234 -7.87 -7.65 -21.87
CA PHE C 234 -9.25 -7.24 -21.98
C PHE C 234 -9.30 -5.91 -22.74
N SER C 235 -10.36 -5.72 -23.51
CA SER C 235 -10.51 -4.49 -24.27
C SER C 235 -11.99 -4.14 -24.42
N GLN C 236 -12.26 -2.84 -24.42
CA GLN C 236 -13.63 -2.35 -24.53
C GLN C 236 -13.64 -1.06 -25.33
N GLU C 237 -14.79 -0.78 -25.96
CA GLU C 237 -15.00 0.47 -26.68
C GLU C 237 -16.04 1.30 -25.94
N ILE C 238 -15.79 2.60 -25.83
CA ILE C 238 -16.73 3.46 -25.13
C ILE C 238 -17.36 4.45 -26.09
N ARG C 239 -18.39 4.01 -26.81
CA ARG C 239 -19.14 4.84 -27.73
C ARG C 239 -20.05 5.81 -27.04
N LYS C 240 -20.42 6.88 -27.72
CA LYS C 240 -21.26 7.91 -27.15
C LYS C 240 -22.66 7.79 -27.66
N THR C 241 -23.64 7.84 -26.77
CA THR C 241 -25.02 7.62 -27.19
C THR C 241 -25.19 6.24 -27.77
N ASP C 242 -25.72 6.10 -28.97
CA ASP C 242 -26.06 4.78 -29.50
C ASP C 242 -24.90 3.81 -29.61
N CYS C 243 -25.16 2.56 -29.24
CA CYS C 243 -24.13 1.52 -29.24
C CYS C 243 -23.52 1.16 -30.56
N THR C 244 -24.32 1.10 -31.59
CA THR C 244 -23.80 0.62 -32.87
C THR C 244 -23.27 1.71 -33.76
N THR C 245 -23.92 2.86 -33.81
CA THR C 245 -23.52 3.86 -34.77
C THR C 245 -23.20 5.18 -34.06
N GLY C 246 -22.56 5.08 -32.90
CA GLY C 246 -22.05 6.23 -32.19
C GLY C 246 -20.68 6.64 -32.69
N GLU C 247 -19.99 7.45 -31.89
CA GLU C 247 -18.61 7.84 -32.19
C GLU C 247 -17.74 7.32 -31.07
N ILE C 248 -16.61 6.70 -31.43
CA ILE C 248 -15.72 6.13 -30.43
C ILE C 248 -15.05 7.24 -29.66
N LEU C 249 -15.34 7.31 -28.36
CA LEU C 249 -14.70 8.27 -27.47
C LEU C 249 -13.36 7.78 -26.95
N SER C 250 -13.18 6.47 -26.77
CA SER C 250 -11.92 5.88 -26.33
C SER C 250 -12.03 4.37 -26.47
N ILE C 251 -10.86 3.73 -26.62
CA ILE C 251 -10.75 2.28 -26.60
C ILE C 251 -9.79 1.91 -25.48
N GLN C 252 -10.27 1.14 -24.50
CA GLN C 252 -9.50 0.87 -23.30
C GLN C 252 -9.01 -0.57 -23.30
N ILE C 253 -7.72 -0.74 -23.01
CA ILE C 253 -7.06 -2.03 -22.95
C ILE C 253 -6.53 -2.25 -21.54
N VAL C 254 -6.77 -3.43 -20.99
CA VAL C 254 -6.33 -3.78 -19.64
C VAL C 254 -5.55 -5.09 -19.70
N LEU C 255 -4.35 -5.08 -19.14
CA LEU C 255 -3.54 -6.28 -18.95
C LEU C 255 -3.47 -6.57 -17.45
N GLY C 256 -3.83 -7.79 -17.06
CA GLY C 256 -3.86 -8.12 -15.65
C GLY C 256 -3.55 -9.59 -15.42
N ARG C 257 -3.66 -10.01 -14.16
CA ARG C 257 -3.46 -11.40 -13.78
C ARG C 257 -4.70 -11.91 -13.05
N ILE C 258 -5.03 -13.18 -13.30
CA ILE C 258 -6.02 -13.86 -12.48
C ILE C 258 -5.36 -14.36 -11.21
N VAL C 259 -5.96 -14.06 -10.06
CA VAL C 259 -5.39 -14.38 -8.76
C VAL C 259 -6.46 -14.97 -7.86
N ASP C 260 -6.02 -15.52 -6.74
CA ASP C 260 -6.90 -16.02 -5.69
C ASP C 260 -6.83 -15.05 -4.51
N LYS C 261 -7.99 -14.51 -4.12
CA LYS C 261 -8.05 -13.49 -3.08
C LYS C 261 -8.86 -13.97 -1.88
N GLY C 262 -8.91 -15.28 -1.66
CA GLY C 262 -9.61 -15.83 -0.52
C GLY C 262 -11.11 -15.90 -0.65
N GLN C 263 -11.66 -15.57 -1.82
CA GLN C 263 -13.10 -15.61 -2.02
C GLN C 263 -13.52 -16.98 -2.55
N GLN C 264 -14.78 -17.07 -2.98
CA GLN C 264 -15.31 -18.35 -3.43
C GLN C 264 -14.78 -18.72 -4.81
N GLY C 265 -14.54 -17.72 -5.66
CA GLY C 265 -14.05 -17.97 -7.00
C GLY C 265 -12.80 -17.19 -7.32
N PRO C 266 -12.25 -17.39 -8.52
CA PRO C 266 -11.07 -16.65 -8.93
C PRO C 266 -11.36 -15.16 -9.08
N GLN C 267 -10.33 -14.35 -8.89
CA GLN C 267 -10.45 -12.90 -8.96
C GLN C 267 -9.44 -12.38 -9.98
N ALA C 268 -9.56 -11.09 -10.30
CA ALA C 268 -8.72 -10.44 -11.30
C ALA C 268 -8.10 -9.18 -10.71
N SER C 269 -6.82 -8.97 -11.00
CA SER C 269 -6.09 -7.79 -10.55
C SER C 269 -5.49 -7.07 -11.75
N PRO C 270 -6.03 -5.92 -12.17
CA PRO C 270 -5.42 -5.19 -13.28
C PRO C 270 -4.01 -4.74 -12.97
N LEU C 271 -3.16 -4.75 -14.00
CA LEU C 271 -1.78 -4.31 -13.87
C LEU C 271 -1.48 -3.10 -14.74
N LEU C 272 -1.91 -3.11 -16.00
CA LEU C 272 -1.65 -2.01 -16.92
C LEU C 272 -2.94 -1.61 -17.60
N VAL C 273 -3.27 -0.32 -17.56
CA VAL C 273 -4.45 0.23 -18.22
C VAL C 273 -3.98 1.26 -19.24
N TRP C 274 -4.44 1.10 -20.48
CA TRP C 274 -3.93 1.89 -21.59
C TRP C 274 -5.09 2.32 -22.49
N SER C 275 -4.88 3.41 -23.20
CA SER C 275 -5.89 3.96 -24.12
C SER C 275 -5.26 4.06 -25.51
N VAL C 276 -6.00 3.58 -26.52
CA VAL C 276 -5.51 3.55 -27.90
C VAL C 276 -5.49 4.97 -28.46
N PRO C 277 -4.37 5.44 -29.00
CA PRO C 277 -4.33 6.77 -29.61
C PRO C 277 -5.19 6.83 -30.87
N ASN C 278 -5.75 8.01 -31.11
CA ASN C 278 -6.60 8.29 -32.26
C ASN C 278 -7.76 7.29 -32.36
N PRO C 279 -8.69 7.31 -31.40
CA PRO C 279 -9.75 6.28 -31.41
C PRO C 279 -10.68 6.36 -32.61
N LYS C 280 -10.86 7.54 -33.20
CA LYS C 280 -11.91 7.70 -34.21
C LYS C 280 -11.60 6.98 -35.51
N ILE C 281 -10.33 6.90 -35.89
CA ILE C 281 -9.99 6.29 -37.18
C ILE C 281 -10.05 4.78 -37.11
N ILE C 282 -10.21 4.22 -35.91
CA ILE C 282 -10.17 2.78 -35.71
C ILE C 282 -11.46 2.16 -36.22
N ASN C 283 -11.33 1.05 -36.97
CA ASN C 283 -12.51 0.28 -37.36
C ASN C 283 -12.86 -0.77 -36.30
N SER C 284 -11.90 -1.60 -35.93
CA SER C 284 -12.12 -2.66 -34.95
C SER C 284 -10.78 -3.04 -34.32
N CYS C 285 -10.86 -3.69 -33.17
CA CYS C 285 -9.69 -4.16 -32.44
C CYS C 285 -9.95 -5.54 -31.86
N ALA C 286 -8.86 -6.28 -31.66
CA ALA C 286 -8.93 -7.58 -31.01
C ALA C 286 -7.66 -7.80 -30.20
N VAL C 287 -7.75 -8.71 -29.23
CA VAL C 287 -6.65 -8.96 -28.31
C VAL C 287 -6.23 -10.43 -28.39
N ALA C 288 -5.00 -10.69 -27.96
CA ALA C 288 -4.45 -12.03 -27.89
C ALA C 288 -3.51 -12.11 -26.70
N ALA C 289 -3.53 -13.23 -26.00
CA ALA C 289 -2.74 -13.42 -24.80
C ALA C 289 -1.81 -14.61 -24.97
N GLY C 290 -0.57 -14.46 -24.51
CA GLY C 290 0.41 -15.53 -24.59
C GLY C 290 1.14 -15.77 -23.29
N ASP C 291 2.46 -15.85 -23.34
CA ASP C 291 3.29 -16.10 -22.17
C ASP C 291 3.94 -14.77 -21.77
N GLU C 292 3.39 -14.14 -20.74
CA GLU C 292 3.88 -12.87 -20.20
C GLU C 292 3.83 -11.73 -21.22
N THR C 293 3.08 -11.89 -22.29
CA THR C 293 2.98 -10.86 -23.33
C THR C 293 1.57 -10.83 -23.87
N GLY C 294 1.12 -9.64 -24.25
CA GLY C 294 -0.18 -9.48 -24.86
C GLY C 294 -0.07 -8.68 -26.15
N TRP C 295 -1.01 -8.93 -27.05
CA TRP C 295 -1.02 -8.29 -28.36
C TRP C 295 -2.41 -7.70 -28.63
N VAL C 296 -2.43 -6.54 -29.26
CA VAL C 296 -3.67 -5.91 -29.71
C VAL C 296 -3.51 -5.57 -31.19
N LEU C 297 -4.43 -6.07 -32.01
CA LEU C 297 -4.41 -5.81 -33.45
C LEU C 297 -5.64 -4.99 -33.79
N CYS C 298 -5.42 -3.86 -34.46
CA CYS C 298 -6.49 -2.93 -34.79
C CYS C 298 -6.43 -2.57 -36.27
N SER C 299 -7.62 -2.36 -36.84
CA SER C 299 -7.77 -1.90 -38.21
C SER C 299 -8.16 -0.43 -38.21
N VAL C 300 -7.58 0.33 -39.13
CA VAL C 300 -7.76 1.78 -39.18
C VAL C 300 -8.29 2.15 -40.56
N THR C 301 -9.04 3.25 -40.62
CA THR C 301 -9.70 3.66 -41.85
C THR C 301 -9.00 4.86 -42.48
N LEU C 302 -9.36 5.15 -43.73
CA LEU C 302 -8.81 6.30 -44.43
C LEU C 302 -9.37 7.59 -43.85
N THR C 303 -8.60 8.67 -43.98
CA THR C 303 -9.03 10.00 -43.54
C THR C 303 -9.18 10.90 -44.75
N ALA C 304 -10.16 11.80 -44.67
CA ALA C 304 -10.48 12.69 -45.78
C ALA C 304 -9.61 13.95 -45.71
N ALA C 305 -9.86 14.90 -46.61
CA ALA C 305 -9.11 16.15 -46.62
C ALA C 305 -9.47 17.01 -45.42
N SER C 306 -10.71 16.95 -44.96
CA SER C 306 -11.12 17.70 -43.77
C SER C 306 -10.48 17.12 -42.52
N GLY C 307 -9.96 15.90 -42.60
CA GLY C 307 -9.36 15.23 -41.46
C GLY C 307 -10.28 14.25 -40.75
N GLU C 308 -11.59 14.37 -40.93
CA GLU C 308 -12.51 13.42 -40.34
C GLU C 308 -12.42 12.09 -41.08
N PRO C 309 -12.50 10.97 -40.37
CA PRO C 309 -12.35 9.67 -41.04
C PRO C 309 -13.50 9.37 -41.99
N ILE C 310 -13.19 8.65 -43.06
CA ILE C 310 -14.21 8.17 -43.97
C ILE C 310 -14.74 6.83 -43.47
N PRO C 311 -16.04 6.72 -43.18
CA PRO C 311 -16.56 5.48 -42.58
C PRO C 311 -16.30 4.24 -43.44
N HIS C 312 -15.91 3.16 -42.76
CA HIS C 312 -15.85 1.82 -43.33
C HIS C 312 -14.93 1.76 -44.56
N MET C 313 -13.76 2.39 -44.43
CA MET C 313 -12.69 2.24 -45.40
C MET C 313 -11.57 1.44 -44.76
N PHE C 314 -10.52 1.17 -45.54
CA PHE C 314 -9.41 0.35 -45.09
C PHE C 314 -8.08 0.98 -45.46
N ASP C 315 -7.21 1.19 -44.47
CA ASP C 315 -5.83 1.60 -44.70
C ASP C 315 -4.94 1.05 -43.58
N GLY C 316 -4.34 -0.13 -43.81
CA GLY C 316 -3.32 -0.64 -42.92
C GLY C 316 -3.83 -1.20 -41.61
N PHE C 317 -2.88 -1.59 -40.77
CA PHE C 317 -3.16 -2.14 -39.44
C PHE C 317 -2.20 -1.54 -38.43
N TRP C 318 -2.62 -1.56 -37.17
CA TRP C 318 -1.78 -1.18 -36.04
C TRP C 318 -1.65 -2.38 -35.11
N LEU C 319 -0.43 -2.64 -34.65
CA LEU C 319 -0.16 -3.73 -33.71
C LEU C 319 0.51 -3.18 -32.46
N TYR C 320 0.01 -3.60 -31.30
CA TYR C 320 0.50 -3.13 -30.02
C TYR C 320 0.92 -4.31 -29.16
N LYS C 321 2.10 -4.20 -28.55
CA LYS C 321 2.64 -5.23 -27.67
C LYS C 321 2.69 -4.70 -26.25
N PHE C 322 2.14 -5.50 -25.32
CA PHE C 322 2.06 -5.16 -23.90
C PHE C 322 2.86 -6.17 -23.11
N GLU C 323 3.69 -5.70 -22.19
CA GLU C 323 4.39 -6.55 -21.25
C GLU C 323 4.29 -5.96 -19.85
N PRO C 324 4.27 -6.79 -18.82
CA PRO C 324 4.17 -6.27 -17.45
C PRO C 324 5.36 -5.40 -17.09
N ASP C 325 5.08 -4.32 -16.36
CA ASP C 325 6.10 -3.42 -15.84
C ASP C 325 7.00 -2.88 -16.96
N THR C 326 6.38 -2.56 -18.09
CA THR C 326 7.12 -2.05 -19.24
C THR C 326 6.15 -1.18 -20.05
N GLU C 327 6.65 -0.60 -21.15
CA GLU C 327 5.88 0.31 -21.98
C GLU C 327 5.38 -0.41 -23.24
N VAL C 328 4.24 0.05 -23.74
CA VAL C 328 3.63 -0.55 -24.92
C VAL C 328 4.45 -0.23 -26.16
N VAL C 329 4.60 -1.21 -27.04
CA VAL C 329 5.38 -1.05 -28.27
C VAL C 329 4.43 -1.09 -29.45
N ALA C 330 4.57 -0.12 -30.36
CA ALA C 330 3.65 0.04 -31.48
C ALA C 330 4.35 -0.24 -32.81
N TYR C 331 3.67 -0.98 -33.67
CA TYR C 331 4.11 -1.23 -35.04
C TYR C 331 2.98 -0.88 -36.00
N ARG C 332 3.36 -0.36 -37.16
CA ARG C 332 2.41 -0.01 -38.21
C ARG C 332 2.64 -0.92 -39.41
N ILE C 333 1.57 -1.58 -39.88
CA ILE C 333 1.65 -2.49 -41.01
C ILE C 333 0.86 -1.88 -42.16
N THR C 334 1.56 -1.36 -43.16
CA THR C 334 0.89 -0.71 -44.27
C THR C 334 1.77 -0.81 -45.51
N GLY C 335 1.13 -0.62 -46.66
CA GLY C 335 1.84 -0.66 -47.93
C GLY C 335 2.16 -2.05 -48.40
N PHE C 336 3.44 -2.42 -48.37
CA PHE C 336 3.90 -3.72 -48.83
C PHE C 336 4.03 -4.73 -47.69
N ALA C 337 3.62 -4.35 -46.48
CA ALA C 337 3.77 -5.20 -45.31
C ALA C 337 2.61 -6.16 -45.13
N TYR C 338 1.53 -6.03 -45.91
CA TYR C 338 0.43 -6.98 -45.89
C TYR C 338 0.07 -7.36 -47.32
N LEU C 339 -0.36 -8.61 -47.50
CA LEU C 339 -0.71 -9.13 -48.83
C LEU C 339 -2.00 -9.93 -48.69
N LEU C 340 -3.13 -9.27 -48.90
CA LEU C 340 -4.42 -9.96 -48.89
C LEU C 340 -4.68 -10.59 -50.24
N ASP C 341 -5.29 -11.78 -50.22
CA ASP C 341 -5.52 -12.52 -51.45
C ASP C 341 -6.54 -11.82 -52.34
N LYS C 342 -7.49 -11.10 -51.75
CA LYS C 342 -8.54 -10.41 -52.49
C LYS C 342 -8.51 -8.92 -52.17
N VAL C 343 -8.99 -8.12 -53.12
CA VAL C 343 -9.06 -6.68 -52.91
C VAL C 343 -10.18 -6.37 -51.92
N TYR C 344 -9.81 -5.81 -50.77
CA TYR C 344 -10.74 -5.57 -49.68
C TYR C 344 -10.97 -4.08 -49.54
N ASP C 345 -12.22 -3.64 -49.71
CA ASP C 345 -12.55 -2.23 -49.54
C ASP C 345 -12.57 -1.85 -48.06
N SER C 346 -13.14 -2.72 -47.22
CA SER C 346 -13.17 -2.51 -45.78
C SER C 346 -12.79 -3.79 -45.08
N VAL C 347 -12.08 -3.68 -43.97
CA VAL C 347 -11.60 -4.82 -43.19
C VAL C 347 -11.94 -4.59 -41.74
N PHE C 348 -12.53 -5.62 -41.10
CA PHE C 348 -12.84 -5.59 -39.69
C PHE C 348 -12.24 -6.82 -39.02
N ILE C 349 -11.67 -6.61 -37.84
CA ILE C 349 -11.04 -7.68 -37.07
C ILE C 349 -12.11 -8.35 -36.21
N GLY C 350 -12.02 -9.68 -36.09
CA GLY C 350 -12.99 -10.44 -35.32
C GLY C 350 -12.98 -10.02 -33.86
N LYS C 351 -14.18 -9.91 -33.29
CA LYS C 351 -14.30 -9.47 -31.90
C LYS C 351 -13.80 -10.51 -30.92
N GLY C 352 -13.84 -11.79 -31.29
CA GLY C 352 -13.51 -12.84 -30.35
C GLY C 352 -12.07 -12.77 -29.87
N GLY C 353 -11.13 -12.60 -30.77
CA GLY C 353 -9.73 -12.51 -30.43
C GLY C 353 -8.91 -13.41 -31.33
N GLY C 354 -7.71 -13.73 -30.85
CA GLY C 354 -6.80 -14.56 -31.62
C GLY C 354 -5.86 -15.32 -30.71
N ILE C 355 -4.88 -15.93 -31.31
CA ILE C 355 -3.94 -16.72 -30.57
C ILE C 355 -2.53 -16.52 -31.04
N GLN C 356 -1.56 -16.98 -30.30
CA GLN C 356 -0.14 -16.95 -30.66
C GLN C 356 0.38 -18.37 -30.67
N ARG C 357 0.99 -18.76 -31.79
CA ARG C 357 1.55 -20.11 -31.96
C ARG C 357 3.01 -19.96 -32.36
N GLY C 358 3.89 -19.92 -31.36
CA GLY C 358 5.31 -19.77 -31.60
C GLY C 358 5.72 -18.33 -31.84
N ASN C 359 6.08 -18.01 -33.08
CA ASN C 359 6.48 -16.67 -33.45
C ASN C 359 5.44 -16.00 -34.35
N ASP C 360 4.24 -16.56 -34.45
CA ASP C 360 3.21 -16.05 -35.32
C ASP C 360 1.93 -15.80 -34.53
N LEU C 361 1.11 -14.88 -35.03
CA LEU C 361 -0.20 -14.59 -34.46
C LEU C 361 -1.27 -14.98 -35.47
N TYR C 362 -2.40 -15.44 -34.97
CA TYR C 362 -3.48 -15.86 -35.83
C TYR C 362 -4.76 -15.20 -35.39
N PHE C 363 -5.46 -14.57 -36.30
CA PHE C 363 -6.67 -13.81 -36.03
C PHE C 363 -7.71 -14.14 -37.10
N GLN C 364 -8.93 -13.69 -36.84
CA GLN C 364 -10.01 -13.74 -37.82
C GLN C 364 -10.31 -12.34 -38.33
N MET C 365 -10.85 -12.26 -39.54
CA MET C 365 -11.27 -10.98 -40.09
C MET C 365 -12.44 -11.21 -41.01
N PHE C 366 -13.20 -10.13 -41.25
CA PHE C 366 -14.23 -10.14 -42.29
C PHE C 366 -14.17 -8.82 -43.03
N GLY C 367 -14.84 -8.77 -44.17
CA GLY C 367 -14.78 -7.54 -44.95
C GLY C 367 -15.57 -7.63 -46.23
N LEU C 368 -15.48 -6.54 -46.99
CA LEU C 368 -16.22 -6.38 -48.25
C LEU C 368 -15.23 -6.53 -49.40
N SER C 369 -15.10 -7.75 -49.91
CA SER C 369 -14.20 -8.01 -51.01
C SER C 369 -14.89 -7.80 -52.35
N ARG C 370 -14.09 -7.76 -53.40
CA ARG C 370 -14.59 -7.61 -54.77
C ARG C 370 -14.55 -8.97 -55.46
N ASN C 371 -15.68 -9.38 -56.02
CA ASN C 371 -15.82 -10.69 -56.66
C ASN C 371 -16.10 -10.49 -58.14
N ARG C 372 -15.38 -11.24 -58.97
CA ARG C 372 -15.62 -11.19 -60.42
C ARG C 372 -16.46 -12.36 -60.88
N GLN C 373 -16.17 -13.56 -60.40
CA GLN C 373 -16.79 -14.78 -60.88
C GLN C 373 -18.18 -14.93 -60.24
N SER C 374 -18.84 -16.06 -60.49
CA SER C 374 -20.15 -16.33 -59.94
C SER C 374 -20.05 -16.96 -58.56
N ILE C 375 -21.19 -17.01 -57.86
CA ILE C 375 -21.26 -17.56 -56.52
C ILE C 375 -22.32 -18.65 -56.49
N LYS C 376 -21.99 -19.78 -55.85
CA LYS C 376 -22.95 -20.83 -55.54
C LYS C 376 -22.99 -20.89 -54.01
N ALA C 377 -23.88 -20.08 -53.42
CA ALA C 377 -23.89 -19.92 -51.98
C ALA C 377 -24.30 -21.21 -51.28
N LEU C 378 -23.85 -21.35 -50.04
CA LEU C 378 -24.15 -22.54 -49.26
C LEU C 378 -25.60 -22.52 -48.80
N CYS C 379 -26.31 -23.63 -49.02
CA CYS C 379 -27.72 -23.76 -48.67
C CYS C 379 -27.89 -25.05 -47.86
N GLU C 380 -27.70 -24.94 -46.55
CA GLU C 380 -27.94 -26.04 -45.63
C GLU C 380 -29.02 -25.62 -44.64
N HIS C 381 -30.21 -26.19 -44.81
CA HIS C 381 -31.35 -25.81 -44.00
C HIS C 381 -32.23 -27.03 -43.78
N GLY C 382 -33.09 -26.94 -42.77
CA GLY C 382 -34.05 -27.99 -42.51
C GLY C 382 -35.07 -28.13 -43.62
N SER C 383 -36.09 -28.95 -43.34
CA SER C 383 -37.17 -29.18 -44.30
C SER C 383 -38.10 -27.97 -44.30
N CYS C 384 -37.55 -26.84 -44.72
CA CYS C 384 -38.27 -25.58 -44.81
C CYS C 384 -38.78 -25.29 -46.21
N LEU C 385 -38.68 -26.27 -47.12
CA LEU C 385 -39.04 -26.06 -48.52
C LEU C 385 -40.56 -26.19 -48.69
N GLY C 386 -41.28 -25.43 -47.86
CA GLY C 386 -42.72 -25.35 -48.03
C GLY C 386 -43.10 -24.61 -49.29
N THR C 387 -42.41 -23.52 -49.58
CA THR C 387 -42.65 -22.78 -50.82
C THR C 387 -42.29 -23.62 -52.04
N GLY C 388 -41.07 -24.18 -52.05
CA GLY C 388 -40.66 -25.05 -53.14
C GLY C 388 -40.56 -24.36 -54.48
N GLY C 389 -40.55 -23.02 -54.50
CA GLY C 389 -40.48 -22.29 -55.75
C GLY C 389 -39.12 -22.31 -56.39
N GLY C 390 -38.09 -22.61 -55.61
CA GLY C 390 -36.72 -22.61 -56.08
C GLY C 390 -35.96 -21.34 -55.79
N GLY C 391 -36.57 -20.36 -55.13
CA GLY C 391 -35.90 -19.11 -54.84
C GLY C 391 -35.02 -19.13 -53.61
N TYR C 392 -34.89 -20.29 -52.95
CA TYR C 392 -34.03 -20.36 -51.78
C TYR C 392 -32.57 -20.18 -52.15
N GLN C 393 -32.13 -20.76 -53.27
CA GLN C 393 -30.77 -20.55 -53.75
C GLN C 393 -30.53 -19.10 -54.13
N VAL C 394 -31.51 -18.45 -54.76
CA VAL C 394 -31.36 -17.04 -55.10
C VAL C 394 -31.26 -16.19 -53.84
N LEU C 395 -32.08 -16.50 -52.82
CA LEU C 395 -32.03 -15.76 -51.57
C LEU C 395 -30.68 -15.95 -50.87
N CYS C 396 -30.15 -17.17 -50.87
CA CYS C 396 -28.84 -17.40 -50.29
C CYS C 396 -27.75 -16.67 -51.07
N ASP C 397 -27.86 -16.63 -52.40
CA ASP C 397 -26.90 -15.87 -53.19
C ASP C 397 -26.96 -14.39 -52.88
N ARG C 398 -28.13 -13.90 -52.54
CA ARG C 398 -28.26 -12.48 -52.26
C ARG C 398 -27.87 -12.10 -50.86
N ALA C 399 -27.89 -13.05 -49.94
CA ALA C 399 -27.49 -12.78 -48.58
C ALA C 399 -26.06 -12.39 -48.47
N VAL C 400 -25.19 -13.04 -49.22
CA VAL C 400 -23.80 -12.77 -49.09
C VAL C 400 -23.40 -11.48 -49.76
N MET C 401 -24.12 -11.10 -50.82
CA MET C 401 -23.80 -9.87 -51.52
C MET C 401 -24.20 -8.65 -50.69
N SER C 402 -23.58 -7.51 -51.02
CA SER C 402 -23.80 -6.26 -50.33
C SER C 402 -24.54 -5.29 -51.25
N PHE C 403 -25.68 -4.80 -50.77
CA PHE C 403 -26.48 -3.79 -51.50
C PHE C 403 -26.91 -4.30 -52.86
N GLY C 404 -27.06 -5.61 -52.99
CA GLY C 404 -27.54 -6.20 -54.24
C GLY C 404 -26.63 -5.98 -55.42
N SER C 405 -25.32 -6.18 -55.23
CA SER C 405 -24.34 -6.05 -56.30
C SER C 405 -23.52 -7.33 -56.39
N GLU C 406 -23.34 -7.82 -57.62
CA GLU C 406 -22.52 -9.01 -57.84
C GLU C 406 -21.05 -8.74 -57.53
N GLU C 407 -20.60 -7.50 -57.74
CA GLU C 407 -19.18 -7.18 -57.61
C GLU C 407 -18.69 -7.37 -56.17
N SER C 408 -19.49 -6.97 -55.20
CA SER C 408 -19.07 -6.90 -53.80
C SER C 408 -19.73 -8.00 -52.98
N LEU C 409 -18.96 -8.64 -52.12
CA LEU C 409 -19.43 -9.64 -51.18
C LEU C 409 -19.05 -9.23 -49.77
N ILE C 410 -19.49 -10.02 -48.79
CA ILE C 410 -18.99 -9.95 -47.43
C ILE C 410 -18.42 -11.33 -47.09
N SER C 411 -17.12 -11.38 -46.79
CA SER C 411 -16.42 -12.63 -46.67
C SER C 411 -15.54 -12.65 -45.42
N ASN C 412 -15.29 -13.86 -44.94
CA ASN C 412 -14.45 -14.12 -43.78
C ASN C 412 -13.06 -14.56 -44.24
N ALA C 413 -12.06 -14.38 -43.39
CA ALA C 413 -10.69 -14.72 -43.73
C ALA C 413 -9.88 -14.98 -42.47
N TYR C 414 -8.80 -15.72 -42.66
CA TYR C 414 -7.86 -15.99 -41.62
C TYR C 414 -6.73 -15.03 -41.79
N LEU C 415 -6.27 -14.37 -40.75
CA LEU C 415 -5.15 -13.45 -40.75
C LEU C 415 -3.99 -14.07 -40.00
N LYS C 416 -2.80 -14.01 -40.61
CA LYS C 416 -1.60 -14.52 -39.98
C LYS C 416 -0.53 -13.43 -39.96
N VAL C 417 0.00 -13.18 -38.78
CA VAL C 417 1.05 -12.18 -38.57
C VAL C 417 2.35 -12.91 -38.30
N ASN C 418 3.37 -12.59 -39.09
CA ASN C 418 4.66 -13.27 -39.07
C ASN C 418 5.74 -12.33 -38.54
N ASP C 419 6.71 -12.93 -37.82
CA ASP C 419 7.90 -12.23 -37.33
C ASP C 419 7.54 -11.14 -36.33
N VAL C 420 6.73 -11.49 -35.32
CA VAL C 420 6.39 -10.54 -34.27
C VAL C 420 7.55 -10.26 -33.33
N ALA C 421 8.59 -11.10 -33.37
CA ALA C 421 9.76 -10.90 -32.52
C ALA C 421 10.89 -10.16 -33.19
N SER C 422 10.94 -10.17 -34.53
CA SER C 422 12.02 -9.49 -35.23
C SER C 422 11.86 -7.99 -35.20
N GLY C 423 10.63 -7.52 -34.97
CA GLY C 423 10.33 -6.10 -34.96
C GLY C 423 9.71 -5.56 -36.22
N LYS C 424 9.63 -6.35 -37.29
CA LYS C 424 9.01 -5.92 -38.54
C LYS C 424 8.04 -6.99 -38.99
N PRO C 425 6.89 -7.10 -38.33
CA PRO C 425 5.92 -8.15 -38.67
C PRO C 425 5.28 -7.91 -40.04
N THR C 426 4.86 -9.01 -40.65
CA THR C 426 4.13 -8.96 -41.92
C THR C 426 2.81 -9.67 -41.74
N ILE C 427 1.89 -9.46 -42.68
CA ILE C 427 0.54 -9.99 -42.57
C ILE C 427 0.15 -10.69 -43.88
N ILE C 428 -0.45 -11.88 -43.75
CA ILE C 428 -0.97 -12.63 -44.88
C ILE C 428 -2.41 -13.04 -44.54
N SER C 429 -3.22 -13.20 -45.59
CA SER C 429 -4.64 -13.48 -45.41
C SER C 429 -5.06 -14.64 -46.30
N GLN C 430 -6.09 -15.37 -45.87
CA GLN C 430 -6.65 -16.52 -46.62
C GLN C 430 -8.16 -16.48 -46.52
N THR C 431 -8.87 -16.34 -47.62
CA THR C 431 -10.32 -16.10 -47.64
C THR C 431 -11.10 -17.39 -47.84
N PHE C 432 -12.28 -17.45 -47.20
CA PHE C 432 -13.28 -18.51 -47.32
C PHE C 432 -14.12 -18.29 -48.57
N PRO C 433 -14.25 -19.28 -49.45
CA PRO C 433 -15.10 -19.12 -50.64
C PRO C 433 -16.55 -19.03 -50.25
N PRO C 434 -17.39 -18.40 -51.09
CA PRO C 434 -18.81 -18.26 -50.73
C PRO C 434 -19.55 -19.58 -50.60
N SER C 435 -19.03 -20.65 -51.20
CA SER C 435 -19.72 -21.93 -51.15
C SER C 435 -19.46 -22.67 -49.84
N ASP C 436 -18.54 -22.14 -49.03
CA ASP C 436 -18.14 -22.80 -47.79
C ASP C 436 -18.55 -22.03 -46.53
N SER C 437 -19.35 -20.97 -46.66
CA SER C 437 -19.70 -20.15 -45.51
C SER C 437 -20.93 -19.31 -45.85
N TYR C 438 -21.33 -18.47 -44.91
CA TYR C 438 -22.47 -17.57 -45.12
C TYR C 438 -21.91 -16.15 -45.00
N LYS C 439 -22.73 -15.15 -44.76
CA LYS C 439 -22.21 -13.79 -44.73
C LYS C 439 -21.24 -13.61 -43.61
N GLY C 440 -20.20 -12.84 -43.80
CA GLY C 440 -19.20 -12.62 -42.78
C GLY C 440 -19.69 -12.03 -41.48
N SER C 441 -18.98 -12.30 -40.40
CA SER C 441 -19.36 -11.80 -39.08
C SER C 441 -18.16 -11.94 -38.16
N ASN C 442 -18.33 -11.45 -36.93
CA ASN C 442 -17.25 -11.53 -35.94
C ASN C 442 -16.96 -12.98 -35.58
N GLY C 443 -15.70 -13.26 -35.27
CA GLY C 443 -15.30 -14.62 -34.97
C GLY C 443 -14.17 -14.74 -33.98
N ARG C 444 -13.74 -15.97 -33.73
CA ARG C 444 -12.72 -16.26 -32.73
C ARG C 444 -11.89 -17.45 -33.18
N ILE C 445 -10.64 -17.47 -32.72
CA ILE C 445 -9.70 -18.56 -32.99
C ILE C 445 -9.32 -19.20 -31.66
N TYR C 446 -9.41 -20.53 -31.61
CA TYR C 446 -9.10 -21.30 -30.42
C TYR C 446 -7.96 -22.26 -30.70
N THR C 447 -7.17 -22.54 -29.66
CA THR C 447 -6.16 -23.58 -29.68
C THR C 447 -6.70 -24.78 -28.92
N ILE C 448 -7.00 -25.87 -29.63
CA ILE C 448 -7.53 -27.09 -29.03
C ILE C 448 -6.43 -28.14 -29.06
N GLY C 449 -5.69 -28.25 -27.96
CA GLY C 449 -4.59 -29.20 -27.91
C GLY C 449 -3.51 -28.80 -28.90
N GLU C 450 -3.30 -29.66 -29.90
CA GLU C 450 -2.34 -29.40 -30.97
C GLU C 450 -3.02 -28.96 -32.27
N ARG C 451 -4.33 -28.74 -32.24
CA ARG C 451 -5.08 -28.32 -33.42
C ARG C 451 -5.73 -26.98 -33.14
N TYR C 452 -6.55 -26.53 -34.05
CA TYR C 452 -7.14 -25.24 -33.88
C TYR C 452 -8.60 -25.27 -34.16
N GLY C 453 -9.28 -24.18 -33.86
CA GLY C 453 -10.69 -24.07 -34.13
C GLY C 453 -11.06 -22.63 -34.45
N ILE C 454 -12.15 -22.49 -35.20
CA ILE C 454 -12.68 -21.19 -35.59
C ILE C 454 -14.16 -21.15 -35.27
N TYR C 455 -14.61 -20.05 -34.66
CA TYR C 455 -16.01 -19.81 -34.38
C TYR C 455 -16.45 -18.57 -35.12
N LEU C 456 -17.60 -18.64 -35.79
CA LEU C 456 -18.15 -17.53 -36.53
C LEU C 456 -19.53 -17.18 -35.98
N ALA C 457 -19.78 -15.92 -35.69
CA ALA C 457 -21.03 -15.55 -35.08
C ALA C 457 -22.09 -15.55 -36.11
N PRO C 458 -23.34 -15.68 -35.69
CA PRO C 458 -24.40 -15.81 -36.69
C PRO C 458 -25.02 -14.55 -37.28
N SER C 459 -24.37 -13.80 -38.17
CA SER C 459 -25.03 -12.71 -38.91
C SER C 459 -25.89 -13.39 -39.94
N SER C 460 -27.01 -12.81 -40.34
CA SER C 460 -27.91 -13.37 -41.38
C SER C 460 -28.84 -14.52 -41.01
N TRP C 461 -29.39 -15.22 -42.01
CA TRP C 461 -30.40 -16.28 -41.79
C TRP C 461 -30.06 -17.56 -41.01
N ASN C 462 -28.90 -18.16 -41.15
CA ASN C 462 -28.68 -19.39 -40.41
C ASN C 462 -28.20 -18.96 -39.06
N ARG C 463 -28.94 -19.31 -38.02
CA ARG C 463 -28.63 -18.92 -36.66
C ARG C 463 -28.04 -20.00 -35.79
N TYR C 464 -27.72 -21.14 -36.37
CA TYR C 464 -27.09 -22.21 -35.62
C TYR C 464 -25.60 -22.02 -35.32
N LEU C 465 -24.93 -22.99 -34.71
CA LEU C 465 -23.53 -22.95 -34.32
C LEU C 465 -22.63 -23.25 -35.51
N ARG C 466 -21.61 -22.41 -35.71
CA ARG C 466 -20.62 -22.60 -36.76
C ARG C 466 -19.25 -22.69 -36.10
N PHE C 467 -18.84 -23.92 -35.79
CA PHE C 467 -17.54 -24.20 -35.22
C PHE C 467 -16.79 -25.14 -36.15
N GLY C 468 -15.56 -24.77 -36.50
CA GLY C 468 -14.75 -25.58 -37.39
C GLY C 468 -13.43 -25.92 -36.76
N LEU C 469 -12.90 -27.09 -37.12
CA LEU C 469 -11.64 -27.60 -36.62
C LEU C 469 -10.67 -27.76 -37.78
N THR C 470 -9.44 -27.31 -37.58
CA THR C 470 -8.46 -27.33 -38.65
C THR C 470 -7.10 -27.66 -38.10
N PRO C 471 -6.47 -28.71 -38.61
CA PRO C 471 -5.11 -29.00 -38.17
C PRO C 471 -4.08 -27.95 -38.53
N ASP C 472 -4.13 -27.38 -39.72
CA ASP C 472 -3.15 -26.38 -40.18
C ASP C 472 -3.57 -24.90 -40.29
N ILE C 473 -4.71 -24.49 -39.78
CA ILE C 473 -5.22 -23.12 -39.98
C ILE C 473 -5.40 -22.78 -41.46
N SER C 474 -5.91 -23.72 -42.25
CA SER C 474 -6.22 -23.44 -43.66
C SER C 474 -7.70 -23.59 -44.03
N VAL C 475 -8.14 -23.00 -45.14
CA VAL C 475 -9.51 -23.11 -45.61
C VAL C 475 -9.83 -24.50 -46.15
N ARG C 476 -8.88 -25.14 -46.83
CA ARG C 476 -9.10 -26.45 -47.44
C ARG C 476 -9.10 -27.59 -46.44
N SER C 477 -8.74 -27.33 -45.17
CA SER C 477 -8.68 -28.36 -44.15
C SER C 477 -9.47 -27.98 -42.91
N THR C 478 -10.67 -27.43 -43.09
CA THR C 478 -11.53 -27.03 -41.99
C THR C 478 -12.80 -27.85 -42.02
N THR C 479 -13.04 -28.63 -40.97
CA THR C 479 -14.23 -29.47 -40.86
C THR C 479 -15.19 -28.85 -39.84
N TRP C 480 -16.45 -28.71 -40.24
CA TRP C 480 -17.44 -28.00 -39.45
C TRP C 480 -18.25 -28.96 -38.60
N LEU C 481 -18.49 -28.59 -37.35
CA LEU C 481 -19.25 -29.42 -36.43
C LEU C 481 -20.71 -29.51 -36.87
N LYS C 482 -21.35 -30.62 -36.48
CA LYS C 482 -22.74 -30.87 -36.81
C LYS C 482 -23.69 -30.62 -35.64
N GLU C 483 -23.35 -29.67 -34.77
CA GLU C 483 -24.15 -29.36 -33.61
C GLU C 483 -24.95 -28.08 -33.84
N LYS C 484 -26.02 -27.92 -33.06
CA LYS C 484 -26.93 -26.80 -33.25
C LYS C 484 -27.28 -26.05 -31.97
N ASP C 485 -26.80 -26.49 -30.81
CA ASP C 485 -27.34 -26.11 -29.51
C ASP C 485 -27.38 -24.60 -29.26
N PRO C 486 -26.29 -23.85 -29.49
CA PRO C 486 -26.41 -22.40 -29.22
C PRO C 486 -27.12 -21.64 -30.34
N ILE C 487 -28.42 -21.86 -30.46
CA ILE C 487 -29.23 -21.12 -31.42
C ILE C 487 -29.37 -19.69 -30.93
N MET C 488 -29.12 -18.73 -31.82
CA MET C 488 -29.19 -17.32 -31.45
C MET C 488 -30.60 -16.80 -31.68
N LYS C 489 -31.16 -16.16 -30.66
CA LYS C 489 -32.54 -15.71 -30.69
C LYS C 489 -32.70 -14.25 -30.30
N VAL C 490 -31.61 -13.51 -30.10
CA VAL C 490 -31.68 -12.12 -29.69
C VAL C 490 -31.00 -11.25 -30.75
N LEU C 491 -31.44 -9.99 -30.82
CA LEU C 491 -30.88 -9.00 -31.73
C LEU C 491 -30.95 -9.47 -33.18
N THR C 492 -32.07 -10.10 -33.54
CA THR C 492 -32.27 -10.61 -34.90
C THR C 492 -33.62 -10.14 -35.42
N THR C 493 -33.67 -9.91 -36.73
CA THR C 493 -34.91 -9.50 -37.38
C THR C 493 -35.48 -10.64 -38.19
N CYS C 494 -34.80 -11.77 -38.20
CA CYS C 494 -35.29 -12.94 -38.92
C CYS C 494 -36.53 -13.52 -38.29
N THR C 495 -37.42 -14.05 -39.11
CA THR C 495 -38.64 -14.67 -38.61
C THR C 495 -38.77 -16.15 -38.95
N ASN C 496 -37.67 -16.82 -39.27
CA ASN C 496 -37.70 -18.25 -39.56
C ASN C 496 -37.86 -19.05 -38.26
N THR C 497 -38.30 -20.29 -38.41
CA THR C 497 -38.52 -21.16 -37.26
C THR C 497 -37.21 -21.87 -36.88
N ASP C 498 -37.08 -22.17 -35.58
CA ASP C 498 -35.89 -22.86 -35.11
C ASP C 498 -35.83 -24.29 -35.64
N LYS C 499 -36.99 -24.90 -35.87
CA LYS C 499 -37.04 -26.30 -36.32
C LYS C 499 -36.42 -26.45 -37.70
N ASP C 500 -36.80 -25.59 -38.64
CA ASP C 500 -36.29 -25.61 -40.01
C ASP C 500 -36.05 -24.17 -40.45
N MET C 501 -34.80 -23.74 -40.41
CA MET C 501 -34.47 -22.38 -40.78
C MET C 501 -34.67 -22.17 -42.28
N CYS C 502 -35.28 -21.03 -42.63
CA CYS C 502 -35.64 -20.74 -44.00
C CYS C 502 -34.78 -19.61 -44.52
N PRO C 503 -34.11 -19.77 -45.67
CA PRO C 503 -33.32 -18.67 -46.22
C PRO C 503 -34.18 -17.44 -46.49
N GLU C 504 -33.62 -16.28 -46.17
CA GLU C 504 -34.34 -15.01 -46.29
C GLU C 504 -33.35 -13.88 -46.08
N ILE C 505 -33.77 -12.65 -46.35
CA ILE C 505 -32.87 -11.51 -46.19
C ILE C 505 -33.12 -10.82 -44.86
N CYS C 506 -32.33 -11.17 -43.84
CA CYS C 506 -32.49 -10.60 -42.49
C CYS C 506 -31.14 -10.32 -41.84
N ASN C 507 -31.09 -9.46 -40.83
CA ASN C 507 -29.83 -9.18 -40.12
C ASN C 507 -29.83 -9.56 -38.65
N THR C 508 -28.76 -10.23 -38.20
CA THR C 508 -28.62 -10.64 -36.82
C THR C 508 -27.35 -10.00 -36.28
N ARG C 509 -27.35 -9.53 -35.04
CA ARG C 509 -26.17 -8.83 -34.49
C ARG C 509 -25.57 -9.37 -33.19
N GLY C 510 -26.09 -10.46 -32.63
CA GLY C 510 -25.63 -11.07 -31.40
C GLY C 510 -24.30 -11.77 -31.56
N TYR C 511 -23.75 -12.22 -30.43
CA TYR C 511 -22.48 -12.93 -30.39
C TYR C 511 -22.44 -13.79 -29.13
N GLN C 512 -22.50 -15.11 -29.31
CA GLN C 512 -22.37 -16.06 -28.22
C GLN C 512 -21.48 -17.20 -28.68
N ASP C 513 -20.30 -17.33 -28.07
CA ASP C 513 -19.33 -18.33 -28.46
C ASP C 513 -19.38 -19.51 -27.48
N ILE C 514 -18.52 -20.50 -27.75
CA ILE C 514 -18.46 -21.72 -26.94
C ILE C 514 -17.01 -21.96 -26.56
N PHE C 515 -16.82 -22.78 -25.53
CA PHE C 515 -15.49 -23.23 -25.18
C PHE C 515 -15.42 -24.74 -25.24
N PRO C 516 -14.50 -25.31 -26.03
CA PRO C 516 -14.41 -26.77 -26.16
C PRO C 516 -13.76 -27.39 -24.95
N LEU C 517 -14.38 -28.46 -24.43
CA LEU C 517 -13.85 -29.21 -23.31
C LEU C 517 -13.31 -30.57 -23.73
N SER C 518 -13.04 -30.77 -25.01
CA SER C 518 -12.51 -32.03 -25.51
C SER C 518 -11.68 -31.75 -26.75
N GLU C 519 -10.81 -32.71 -27.09
CA GLU C 519 -9.94 -32.54 -28.25
C GLU C 519 -10.74 -32.49 -29.54
N ASP C 520 -11.77 -33.34 -29.66
CA ASP C 520 -12.64 -33.33 -30.82
C ASP C 520 -13.85 -32.43 -30.64
N SER C 521 -13.89 -31.66 -29.55
CA SER C 521 -14.99 -30.72 -29.26
C SER C 521 -16.34 -31.44 -29.19
N SER C 522 -16.34 -32.67 -28.66
CA SER C 522 -17.59 -33.33 -28.37
C SER C 522 -18.23 -32.77 -27.09
N PHE C 523 -17.40 -32.44 -26.11
CA PHE C 523 -17.83 -31.75 -24.90
C PHE C 523 -17.52 -30.28 -25.05
N TYR C 524 -18.49 -29.41 -24.75
CA TYR C 524 -18.20 -27.99 -24.75
C TYR C 524 -19.18 -27.27 -23.84
N THR C 525 -18.88 -26.01 -23.55
CA THR C 525 -19.69 -25.20 -22.64
C THR C 525 -20.09 -23.90 -23.32
N TYR C 526 -21.30 -23.44 -23.03
CA TYR C 526 -21.81 -22.21 -23.65
C TYR C 526 -22.84 -21.57 -22.74
N ILE C 527 -23.34 -20.42 -23.17
CA ILE C 527 -24.37 -19.66 -22.46
C ILE C 527 -25.52 -19.37 -23.43
N GLY C 528 -26.73 -19.71 -23.01
CA GLY C 528 -27.91 -19.48 -23.83
C GLY C 528 -28.77 -18.34 -23.34
N ILE C 529 -29.22 -17.50 -24.27
CA ILE C 529 -30.02 -16.32 -23.98
C ILE C 529 -31.32 -16.41 -24.75
N THR C 530 -32.45 -16.19 -24.06
CA THR C 530 -33.77 -16.26 -24.66
C THR C 530 -34.51 -14.96 -24.43
N PRO C 531 -34.98 -14.29 -25.48
CA PRO C 531 -35.76 -13.05 -25.29
C PRO C 531 -37.08 -13.33 -24.60
N SER C 532 -37.57 -12.34 -23.85
CA SER C 532 -38.83 -12.48 -23.15
C SER C 532 -39.61 -11.18 -23.27
N ASN C 533 -40.74 -11.12 -22.55
CA ASN C 533 -41.56 -9.92 -22.61
C ASN C 533 -40.88 -8.72 -21.96
N GLU C 534 -40.07 -8.95 -20.92
CA GLU C 534 -39.15 -7.92 -20.43
C GLU C 534 -37.77 -8.58 -20.46
N GLY C 535 -36.85 -7.96 -21.20
CA GLY C 535 -35.48 -8.39 -21.21
C GLY C 535 -35.23 -9.79 -21.77
N THR C 536 -34.30 -10.50 -21.17
CA THR C 536 -33.91 -11.83 -21.59
C THR C 536 -33.80 -12.73 -20.37
N LYS C 537 -33.66 -14.04 -20.63
CA LYS C 537 -33.43 -15.03 -19.59
C LYS C 537 -32.23 -15.87 -20.03
N SER C 538 -31.30 -16.08 -19.10
CA SER C 538 -30.00 -16.65 -19.45
C SER C 538 -29.74 -17.90 -18.63
N PHE C 539 -29.10 -18.87 -19.28
CA PHE C 539 -28.65 -20.07 -18.60
C PHE C 539 -27.25 -20.43 -19.09
N VAL C 540 -26.53 -21.19 -18.28
CA VAL C 540 -25.22 -21.71 -18.66
C VAL C 540 -25.35 -23.23 -18.81
N ALA C 541 -24.75 -23.76 -19.88
CA ALA C 541 -24.96 -25.15 -20.22
C ALA C 541 -23.64 -25.78 -20.64
N VAL C 542 -23.57 -27.10 -20.46
CA VAL C 542 -22.46 -27.92 -20.94
C VAL C 542 -23.03 -29.08 -21.73
N LYS C 543 -22.67 -29.16 -23.01
CA LYS C 543 -23.13 -30.27 -23.84
C LYS C 543 -22.06 -31.36 -23.90
N ASP C 544 -22.50 -32.60 -23.70
CA ASP C 544 -21.64 -33.77 -23.69
C ASP C 544 -21.57 -34.39 -25.07
N ASP C 545 -20.99 -35.59 -25.17
CA ASP C 545 -20.79 -36.29 -26.43
C ASP C 545 -21.96 -37.19 -26.80
N ALA C 546 -23.14 -36.91 -26.26
CA ALA C 546 -24.33 -37.69 -26.57
C ALA C 546 -25.57 -36.85 -26.84
N GLY C 547 -25.44 -35.53 -26.89
CA GLY C 547 -26.58 -34.66 -27.13
C GLY C 547 -27.31 -34.19 -25.90
N HIS C 548 -26.86 -34.60 -24.71
CA HIS C 548 -27.49 -34.17 -23.47
C HIS C 548 -26.97 -32.79 -23.07
N VAL C 549 -27.89 -31.95 -22.60
CA VAL C 549 -27.57 -30.59 -22.18
C VAL C 549 -27.94 -30.44 -20.72
N ALA C 550 -26.96 -30.05 -19.90
CA ALA C 550 -27.16 -29.76 -18.49
C ALA C 550 -27.06 -28.25 -18.29
N SER C 551 -28.18 -27.63 -17.93
CA SER C 551 -28.28 -26.18 -17.89
C SER C 551 -28.64 -25.70 -16.49
N ILE C 552 -28.12 -24.53 -16.14
CA ILE C 552 -28.42 -23.88 -14.88
C ILE C 552 -28.75 -22.42 -15.16
N THR C 553 -29.88 -21.97 -14.63
CA THR C 553 -30.32 -20.59 -14.82
C THR C 553 -29.40 -19.64 -14.09
N ILE C 554 -29.04 -18.53 -14.77
CA ILE C 554 -28.09 -17.57 -14.23
C ILE C 554 -28.69 -16.18 -14.32
N LEU C 555 -28.18 -15.29 -13.45
CA LEU C 555 -28.51 -13.88 -13.41
C LEU C 555 -30.03 -13.65 -13.41
N PRO C 556 -30.73 -14.05 -12.35
CA PRO C 556 -32.19 -13.83 -12.33
C PRO C 556 -32.59 -12.39 -12.06
N ASN C 557 -31.66 -11.54 -11.61
CA ASN C 557 -31.96 -10.16 -11.28
C ASN C 557 -31.66 -9.17 -12.39
N TYR C 558 -30.69 -9.48 -13.25
CA TYR C 558 -30.34 -8.58 -14.34
C TYR C 558 -31.50 -8.48 -15.32
N TYR C 559 -31.70 -7.27 -15.85
CA TYR C 559 -32.80 -7.03 -16.77
C TYR C 559 -32.60 -7.75 -18.10
N SER C 560 -31.41 -7.62 -18.69
CA SER C 560 -31.14 -8.25 -19.97
C SER C 560 -29.64 -8.47 -20.14
N ILE C 561 -29.30 -9.54 -20.85
CA ILE C 561 -27.92 -9.84 -21.24
C ILE C 561 -27.97 -10.19 -22.72
N THR C 562 -27.08 -9.59 -23.52
CA THR C 562 -27.19 -9.68 -24.97
C THR C 562 -26.04 -10.44 -25.63
N SER C 563 -24.96 -10.74 -24.91
CA SER C 563 -23.84 -11.45 -25.50
C SER C 563 -23.07 -12.16 -24.39
N ALA C 564 -22.10 -12.98 -24.81
CA ALA C 564 -21.29 -13.74 -23.87
C ALA C 564 -20.04 -14.24 -24.56
N THR C 565 -18.92 -14.16 -23.84
CA THR C 565 -17.67 -14.78 -24.25
C THR C 565 -17.14 -15.58 -23.07
N ILE C 566 -16.52 -16.72 -23.35
CA ILE C 566 -16.15 -17.68 -22.31
C ILE C 566 -14.69 -18.09 -22.50
N SER C 567 -13.94 -18.13 -21.40
CA SER C 567 -12.58 -18.64 -21.39
C SER C 567 -12.36 -19.46 -20.14
N CYS C 568 -11.87 -20.69 -20.30
CA CYS C 568 -11.71 -21.62 -19.19
C CYS C 568 -10.24 -21.90 -18.94
N PHE C 569 -9.94 -22.29 -17.71
CA PHE C 569 -8.57 -22.56 -17.28
C PHE C 569 -8.63 -23.56 -16.12
N MET C 570 -7.45 -23.94 -15.64
CA MET C 570 -7.32 -24.89 -14.54
C MET C 570 -6.99 -24.12 -13.27
N TYR C 571 -7.87 -24.22 -12.26
CA TYR C 571 -7.73 -23.44 -11.04
C TYR C 571 -8.18 -24.30 -9.87
N LYS C 572 -7.29 -24.47 -8.89
CA LYS C 572 -7.55 -25.31 -7.72
C LYS C 572 -7.93 -26.73 -8.11
N GLU C 573 -7.12 -27.33 -8.99
CA GLU C 573 -7.28 -28.72 -9.42
C GLU C 573 -8.66 -28.97 -10.02
N GLU C 574 -9.18 -28.00 -10.75
CA GLU C 574 -10.49 -28.11 -11.37
C GLU C 574 -10.56 -27.12 -12.52
N ILE C 575 -11.57 -27.30 -13.38
CA ILE C 575 -11.76 -26.45 -14.54
C ILE C 575 -12.73 -25.33 -14.16
N TRP C 576 -12.25 -24.10 -14.26
CA TRP C 576 -13.03 -22.92 -13.94
C TRP C 576 -13.11 -22.03 -15.17
N CYS C 577 -14.30 -21.50 -15.46
CA CYS C 577 -14.54 -20.70 -16.64
C CYS C 577 -14.99 -19.31 -16.25
N ILE C 578 -14.46 -18.30 -16.94
CA ILE C 578 -14.87 -16.91 -16.78
C ILE C 578 -15.66 -16.50 -18.01
N ALA C 579 -16.86 -15.97 -17.79
CA ALA C 579 -17.74 -15.51 -18.85
C ALA C 579 -17.92 -14.01 -18.73
N VAL C 580 -17.65 -13.29 -19.81
CA VAL C 580 -17.82 -11.85 -19.88
C VAL C 580 -19.04 -11.57 -20.75
N THR C 581 -20.00 -10.82 -20.19
CA THR C 581 -21.24 -10.50 -20.88
C THR C 581 -21.43 -8.99 -20.87
N GLU C 582 -22.41 -8.53 -21.64
CA GLU C 582 -22.78 -7.12 -21.67
C GLU C 582 -24.30 -6.99 -21.60
N GLY C 583 -24.76 -5.98 -20.89
CA GLY C 583 -26.18 -5.79 -20.70
C GLY C 583 -26.45 -4.72 -19.67
N ARG C 584 -27.67 -4.75 -19.15
CA ARG C 584 -28.15 -3.76 -18.18
C ARG C 584 -28.72 -4.47 -16.96
N LYS C 585 -28.44 -3.92 -15.78
CA LYS C 585 -29.02 -4.42 -14.54
C LYS C 585 -30.41 -3.86 -14.28
N GLN C 586 -30.73 -2.69 -14.83
CA GLN C 586 -32.05 -2.09 -14.75
C GLN C 586 -32.53 -1.75 -16.15
N LYS C 587 -33.83 -1.52 -16.30
CA LYS C 587 -34.42 -1.30 -17.61
C LYS C 587 -33.85 -0.06 -18.30
N GLU C 588 -33.69 1.03 -17.55
CA GLU C 588 -33.24 2.30 -18.10
C GLU C 588 -31.75 2.53 -17.94
N ASN C 589 -31.02 1.55 -17.40
CA ASN C 589 -29.59 1.72 -17.21
C ASN C 589 -28.84 1.65 -18.54
N PRO C 590 -27.74 2.38 -18.67
CA PRO C 590 -26.91 2.25 -19.86
C PRO C 590 -26.22 0.89 -19.92
N GLN C 591 -25.89 0.47 -21.13
CA GLN C 591 -25.23 -0.82 -21.32
C GLN C 591 -23.85 -0.83 -20.68
N ARG C 592 -23.54 -1.93 -19.99
CA ARG C 592 -22.26 -2.09 -19.31
C ARG C 592 -21.78 -3.52 -19.48
N ILE C 593 -20.51 -3.73 -19.14
CA ILE C 593 -19.86 -5.03 -19.29
C ILE C 593 -19.65 -5.63 -17.91
N TYR C 594 -20.08 -6.89 -17.74
CA TYR C 594 -19.97 -7.62 -16.49
C TYR C 594 -19.19 -8.90 -16.72
N ALA C 595 -18.63 -9.44 -15.63
CA ALA C 595 -17.85 -10.68 -15.71
C ALA C 595 -18.21 -11.57 -14.55
N HIS C 596 -18.33 -12.87 -14.80
CA HIS C 596 -18.66 -13.85 -13.78
C HIS C 596 -17.81 -15.10 -13.98
N SER C 597 -17.81 -15.96 -12.98
CA SER C 597 -17.04 -17.19 -13.01
C SER C 597 -17.89 -18.37 -12.53
N TYR C 598 -17.57 -19.55 -13.06
CA TYR C 598 -18.24 -20.77 -12.64
C TYR C 598 -17.29 -21.94 -12.82
N ARG C 599 -17.78 -23.14 -12.48
CA ARG C 599 -16.97 -24.34 -12.43
C ARG C 599 -17.60 -25.44 -13.27
N VAL C 600 -16.76 -26.31 -13.83
CA VAL C 600 -17.21 -27.48 -14.57
C VAL C 600 -16.79 -28.72 -13.78
N GLN C 601 -17.76 -29.55 -13.40
CA GLN C 601 -17.50 -30.71 -12.57
C GLN C 601 -17.74 -32.00 -13.35
N LYS C 602 -16.87 -32.97 -13.10
CA LYS C 602 -16.90 -34.30 -13.71
C LYS C 602 -17.89 -35.21 -12.97
N MET C 603 -18.65 -35.98 -13.74
CA MET C 603 -19.61 -36.92 -13.18
C MET C 603 -19.51 -38.28 -13.84
N CYS C 604 -19.65 -39.34 -13.04
CA CYS C 604 -19.60 -40.72 -13.51
C CYS C 604 -20.89 -41.41 -13.07
N PHE C 605 -21.91 -41.32 -13.90
CA PHE C 605 -23.19 -41.96 -13.60
C PHE C 605 -23.14 -43.44 -13.97
N ASN C 606 -23.96 -44.23 -13.29
CA ASN C 606 -24.07 -45.66 -13.57
C ASN C 606 -25.37 -46.03 -14.27
N ILE C 607 -26.51 -45.67 -13.68
CA ILE C 607 -27.83 -45.93 -14.26
C ILE C 607 -28.04 -47.43 -14.51
N ASN D 61 -4.39 61.53 -27.99
CA ASN D 61 -3.72 61.29 -26.71
C ASN D 61 -4.67 60.70 -25.68
N VAL D 62 -5.96 60.99 -25.84
CA VAL D 62 -6.99 60.47 -24.95
C VAL D 62 -7.06 58.96 -25.09
N THR D 63 -7.15 58.48 -26.34
CA THR D 63 -7.15 57.05 -26.60
C THR D 63 -5.86 56.40 -26.11
N ASN D 64 -4.74 57.13 -26.20
CA ASN D 64 -3.49 56.63 -25.65
C ASN D 64 -3.60 56.40 -24.16
N LEU D 65 -4.25 57.34 -23.44
CA LEU D 65 -4.46 57.17 -22.01
C LEU D 65 -5.38 55.98 -21.71
N THR D 66 -6.43 55.81 -22.53
CA THR D 66 -7.31 54.65 -22.34
C THR D 66 -6.55 53.34 -22.51
N THR D 67 -5.69 53.27 -23.52
CA THR D 67 -4.89 52.06 -23.71
C THR D 67 -3.85 51.89 -22.61
N ILE D 68 -3.34 52.99 -22.06
CA ILE D 68 -2.48 52.91 -20.89
C ILE D 68 -3.23 52.27 -19.73
N LYS D 69 -4.49 52.69 -19.59
CA LYS D 69 -5.31 52.12 -18.57
C LYS D 69 -5.51 50.67 -18.89
N ASN D 70 -5.93 50.38 -20.11
CA ASN D 70 -6.16 49.01 -20.49
C ASN D 70 -4.90 48.23 -20.23
N GLN D 71 -3.79 48.71 -20.76
CA GLN D 71 -2.54 47.99 -20.60
C GLN D 71 -2.22 47.95 -19.14
N GLN D 72 -2.43 49.04 -18.43
CA GLN D 72 -2.05 49.05 -17.03
C GLN D 72 -2.89 48.01 -16.35
N ALA D 73 -4.17 47.97 -16.71
CA ALA D 73 -5.06 47.01 -16.11
C ALA D 73 -4.66 45.58 -16.41
N MET D 74 -4.28 45.29 -17.65
CA MET D 74 -3.98 43.90 -17.89
C MET D 74 -2.79 43.48 -17.06
N LEU D 75 -1.72 44.27 -17.09
CA LEU D 75 -0.51 43.87 -16.41
C LEU D 75 -0.73 43.70 -14.94
N LYS D 76 -1.40 44.66 -14.31
CA LYS D 76 -1.52 44.57 -12.87
C LYS D 76 -2.27 43.31 -12.53
N ILE D 77 -3.31 43.01 -13.30
CA ILE D 77 -4.06 41.79 -13.07
C ILE D 77 -3.18 40.60 -13.31
N ILE D 78 -2.35 40.67 -14.34
CA ILE D 78 -1.51 39.54 -14.68
C ILE D 78 -0.55 39.27 -13.56
N GLN D 79 -0.02 40.32 -12.98
CA GLN D 79 0.98 40.08 -11.98
C GLN D 79 0.32 39.30 -10.88
N ASP D 80 -0.91 39.66 -10.52
CA ASP D 80 -1.52 38.97 -9.42
C ASP D 80 -1.75 37.49 -9.68
N GLU D 81 -2.23 37.14 -10.87
CA GLU D 81 -2.54 35.74 -11.10
C GLU D 81 -1.28 34.92 -11.02
N VAL D 82 -0.21 35.42 -11.62
CA VAL D 82 1.00 34.64 -11.63
C VAL D 82 1.46 34.47 -10.20
N ASN D 83 1.39 35.52 -9.41
CA ASN D 83 1.86 35.43 -8.04
C ASN D 83 1.06 34.45 -7.22
N SER D 84 -0.26 34.45 -7.38
CA SER D 84 -1.10 33.58 -6.58
C SER D 84 -0.81 32.12 -6.83
N LYS D 85 -0.60 31.75 -8.07
CA LYS D 85 -0.37 30.36 -8.39
C LYS D 85 1.05 29.96 -8.06
N LEU D 86 1.98 30.89 -8.17
CA LEU D 86 3.35 30.60 -7.82
C LEU D 86 3.42 30.27 -6.35
N GLU D 87 2.67 31.00 -5.54
CA GLU D 87 2.64 30.72 -4.12
C GLU D 87 2.11 29.33 -3.84
N MET D 88 1.09 28.93 -4.56
CA MET D 88 0.54 27.60 -4.39
C MET D 88 1.58 26.59 -4.74
N PHE D 89 2.34 26.85 -5.78
CA PHE D 89 3.29 25.88 -6.25
C PHE D 89 4.30 25.63 -5.18
N VAL D 90 4.72 26.67 -4.49
CA VAL D 90 5.76 26.46 -3.52
C VAL D 90 5.24 25.51 -2.44
N SER D 91 3.99 25.67 -2.04
CA SER D 91 3.43 24.78 -1.04
C SER D 91 3.25 23.39 -1.62
N LEU D 92 2.67 23.28 -2.80
CA LEU D 92 2.59 21.95 -3.40
C LEU D 92 3.97 21.29 -3.47
N ASP D 93 4.99 22.08 -3.82
CA ASP D 93 6.35 21.57 -3.97
C ASP D 93 6.90 21.13 -2.61
N GLN D 94 6.48 21.80 -1.53
CA GLN D 94 6.82 21.32 -0.20
C GLN D 94 6.06 20.06 0.16
N LEU D 95 4.74 20.05 -0.08
CA LEU D 95 3.90 18.92 0.31
C LEU D 95 4.38 17.63 -0.34
N VAL D 96 4.59 17.65 -1.65
CA VAL D 96 5.37 16.58 -2.27
C VAL D 96 6.83 16.74 -1.85
N LYS D 97 7.52 15.61 -1.71
CA LYS D 97 8.92 15.52 -1.33
C LYS D 97 9.15 15.94 0.12
N GLY D 98 8.12 16.47 0.79
CA GLY D 98 8.22 16.68 2.22
C GLY D 98 7.46 15.65 3.02
N GLU D 99 6.30 15.24 2.52
CA GLU D 99 5.44 14.29 3.22
C GLU D 99 5.17 13.02 2.41
N ILE D 100 4.81 13.17 1.13
CA ILE D 100 4.31 12.03 0.37
C ILE D 100 5.41 11.03 0.09
N LYS D 101 6.59 11.50 -0.31
CA LYS D 101 7.67 10.60 -0.67
C LYS D 101 8.14 9.70 0.46
N PRO D 102 8.42 10.20 1.68
CA PRO D 102 8.79 9.28 2.76
C PRO D 102 7.70 8.26 3.08
N LYS D 103 6.43 8.67 3.01
CA LYS D 103 5.35 7.73 3.27
C LYS D 103 5.29 6.65 2.20
N VAL D 104 5.53 7.02 0.94
CA VAL D 104 5.57 6.04 -0.14
C VAL D 104 6.70 5.05 0.09
N SER D 105 7.87 5.55 0.49
CA SER D 105 8.98 4.65 0.79
C SER D 105 8.66 3.72 1.94
N LEU D 106 8.01 4.25 2.99
CA LEU D 106 7.64 3.41 4.13
C LEU D 106 6.63 2.34 3.73
N ILE D 107 5.67 2.69 2.89
CA ILE D 107 4.69 1.71 2.43
C ILE D 107 5.36 0.63 1.60
N ASN D 108 6.30 1.03 0.73
CA ASN D 108 7.04 0.04 -0.05
C ASN D 108 7.81 -0.92 0.86
N THR D 109 8.48 -0.38 1.87
CA THR D 109 9.21 -1.23 2.81
C THR D 109 8.26 -2.17 3.55
N ALA D 110 7.09 -1.66 3.96
CA ALA D 110 6.14 -2.47 4.71
C ALA D 110 5.59 -3.62 3.87
N VAL D 111 5.27 -3.35 2.60
CA VAL D 111 4.62 -4.36 1.77
C VAL D 111 5.64 -5.33 1.17
N SER D 112 6.90 -4.91 1.01
CA SER D 112 7.86 -5.75 0.31
C SER D 112 8.67 -6.62 1.27
N VAL D 113 8.82 -6.19 2.53
CA VAL D 113 9.74 -6.87 3.43
C VAL D 113 9.03 -7.40 4.68
N SER D 114 8.41 -6.50 5.45
CA SER D 114 7.96 -6.87 6.79
C SER D 114 6.84 -7.90 6.77
N ILE D 115 5.80 -7.66 6.00
CA ILE D 115 4.62 -8.53 5.96
C ILE D 115 4.98 -9.93 5.46
N PRO D 116 5.76 -10.07 4.37
CA PRO D 116 6.21 -11.42 3.99
C PRO D 116 6.98 -12.13 5.08
N GLY D 117 7.83 -11.43 5.82
CA GLY D 117 8.56 -12.06 6.91
C GLY D 117 7.64 -12.53 8.01
N GLN D 118 6.65 -11.71 8.37
CA GLN D 118 5.68 -12.11 9.39
C GLN D 118 4.91 -13.35 8.95
N ILE D 119 4.45 -13.38 7.70
CA ILE D 119 3.71 -14.53 7.21
C ILE D 119 4.57 -15.78 7.15
N SER D 120 5.84 -15.65 6.74
CA SER D 120 6.73 -16.81 6.71
C SER D 120 7.01 -17.35 8.11
N ASN D 121 7.19 -16.45 9.09
CA ASN D 121 7.40 -16.90 10.46
C ASN D 121 6.17 -17.63 11.00
N LEU D 122 4.98 -17.14 10.68
CA LEU D 122 3.76 -17.83 11.08
C LEU D 122 3.74 -19.26 10.54
N GLN D 123 4.06 -19.42 9.25
CA GLN D 123 4.04 -20.75 8.65
C GLN D 123 5.09 -21.67 9.27
N THR D 124 6.28 -21.13 9.55
CA THR D 124 7.32 -21.94 10.19
C THR D 124 6.87 -22.44 11.56
N LYS D 125 6.30 -21.54 12.36
CA LYS D 125 5.82 -21.95 13.68
C LYS D 125 4.71 -22.98 13.55
N PHE D 126 3.81 -22.80 12.59
CA PHE D 126 2.71 -23.75 12.40
C PHE D 126 3.25 -25.13 12.05
N LEU D 127 4.24 -25.21 11.16
CA LEU D 127 4.78 -26.50 10.77
C LEU D 127 5.48 -27.18 11.95
N GLN D 128 6.23 -26.40 12.75
CA GLN D 128 6.86 -26.98 13.93
C GLN D 128 5.82 -27.53 14.90
N LYS D 129 4.74 -26.78 15.12
CA LYS D 129 3.70 -27.26 16.03
C LYS D 129 3.01 -28.51 15.49
N TYR D 130 2.80 -28.59 14.17
CA TYR D 130 2.22 -29.81 13.61
C TYR D 130 3.13 -31.01 13.83
N VAL D 131 4.44 -30.82 13.63
CA VAL D 131 5.39 -31.91 13.86
C VAL D 131 5.33 -32.36 15.32
N TYR D 132 5.30 -31.42 16.25
CA TYR D 132 5.19 -31.77 17.66
C TYR D 132 3.89 -32.52 17.96
N LEU D 133 2.78 -32.09 17.34
CA LEU D 133 1.50 -32.75 17.55
C LEU D 133 1.55 -34.20 17.07
N GLU D 134 2.13 -34.43 15.89
CA GLU D 134 2.27 -35.79 15.39
C GLU D 134 3.12 -36.64 16.31
N GLU D 135 4.25 -36.08 16.77
CA GLU D 135 5.12 -36.84 17.68
C GLU D 135 4.41 -37.22 18.95
N SER D 136 3.68 -36.27 19.55
CA SER D 136 2.93 -36.57 20.78
C SER D 136 1.82 -37.58 20.53
N ILE D 137 1.15 -37.51 19.38
CA ILE D 137 0.12 -38.49 19.06
C ILE D 137 0.71 -39.90 19.03
N THR D 138 1.83 -40.06 18.32
CA THR D 138 2.48 -41.37 18.23
C THR D 138 2.95 -41.84 19.60
N LYS D 139 3.47 -40.92 20.41
CA LYS D 139 3.98 -41.32 21.72
C LYS D 139 2.87 -41.71 22.68
N GLN D 140 1.72 -41.03 22.64
CA GLN D 140 0.69 -41.20 23.64
C GLN D 140 -0.43 -42.15 23.25
N CYS D 141 -1.03 -41.99 22.07
CA CYS D 141 -2.16 -42.82 21.67
C CYS D 141 -1.72 -44.14 21.05
N THR D 142 -0.48 -44.56 21.32
CA THR D 142 0.01 -45.81 20.75
C THR D 142 -0.73 -47.03 21.30
N CYS D 143 -0.94 -47.06 22.62
CA CYS D 143 -1.62 -48.16 23.31
C CYS D 143 -1.16 -49.54 22.85
N ASP D 161 13.38 -21.02 23.12
CA ASP D 161 14.29 -20.02 22.56
C ASP D 161 15.70 -20.18 23.13
N LYS D 162 16.69 -20.14 22.24
CA LYS D 162 18.08 -20.29 22.60
C LYS D 162 18.77 -18.93 22.60
N PRO D 163 19.58 -18.62 23.62
CA PRO D 163 20.13 -17.25 23.69
C PRO D 163 21.25 -16.98 22.70
N ASP D 164 22.09 -17.97 22.41
CA ASP D 164 23.30 -17.71 21.62
C ASP D 164 22.96 -17.33 20.18
N ASP D 165 22.10 -18.12 19.53
CA ASP D 165 21.73 -17.81 18.15
C ASP D 165 20.98 -16.48 18.07
N ASP D 166 20.10 -16.22 19.03
CA ASP D 166 19.39 -14.94 19.05
C ASP D 166 20.36 -13.77 19.20
N THR D 167 21.36 -13.92 20.06
CA THR D 167 22.37 -12.87 20.20
C THR D 167 23.13 -12.68 18.91
N THR D 168 23.42 -13.78 18.19
CA THR D 168 24.05 -13.63 16.89
C THR D 168 23.16 -12.86 15.91
N ASP D 169 21.85 -13.10 15.95
CA ASP D 169 20.92 -12.36 15.10
C ASP D 169 20.18 -11.25 15.83
N ASP D 170 20.74 -10.67 16.86
CA ASP D 170 20.02 -9.65 17.61
C ASP D 170 19.86 -8.35 16.85
N ASP D 171 20.88 -7.90 16.14
CA ASP D 171 20.83 -6.61 15.45
C ASP D 171 20.33 -6.64 14.03
N LYS D 172 20.00 -7.79 13.52
CA LYS D 172 19.58 -7.88 12.14
C LYS D 172 18.19 -7.36 11.90
N VAL D 173 18.02 -6.50 10.90
CA VAL D 173 16.70 -6.02 10.53
C VAL D 173 15.87 -7.14 9.92
N ASP D 174 16.46 -7.94 9.03
CA ASP D 174 15.79 -9.06 8.41
C ASP D 174 16.61 -10.32 8.62
N THR D 175 15.93 -11.43 8.91
CA THR D 175 16.58 -12.69 9.26
C THR D 175 16.33 -13.76 8.21
N THR D 176 16.08 -13.37 6.96
CA THR D 176 15.78 -14.35 5.93
C THR D 176 17.03 -15.11 5.48
N ILE D 177 18.14 -14.41 5.27
CA ILE D 177 19.37 -15.02 4.76
C ILE D 177 20.54 -14.64 5.66
N LYS D 178 21.60 -15.43 5.58
CA LYS D 178 22.82 -15.19 6.33
C LYS D 178 23.99 -15.66 5.49
N PRO D 179 25.20 -15.20 5.81
CA PRO D 179 26.38 -15.65 5.05
C PRO D 179 26.54 -17.17 5.11
N VAL D 180 27.09 -17.72 4.03
CA VAL D 180 27.12 -19.16 3.85
C VAL D 180 28.03 -19.81 4.89
N GLU D 181 27.51 -20.87 5.52
CA GLU D 181 28.29 -21.74 6.39
C GLU D 181 28.48 -23.08 5.69
N TYR D 182 29.73 -23.49 5.54
CA TYR D 182 30.04 -24.63 4.69
C TYR D 182 29.58 -25.94 5.32
N TYR D 183 29.13 -26.85 4.46
CA TYR D 183 28.73 -28.18 4.91
C TYR D 183 29.92 -28.94 5.46
N LYS D 184 29.70 -29.64 6.58
CA LYS D 184 30.75 -30.39 7.24
C LYS D 184 30.42 -31.88 7.20
N PRO D 185 31.36 -32.73 6.80
CA PRO D 185 31.12 -34.19 6.82
C PRO D 185 31.05 -34.70 8.24
N ASP D 186 29.83 -35.03 8.68
CA ASP D 186 29.61 -35.55 10.03
C ASP D 186 28.70 -36.76 9.93
N GLY D 187 29.23 -37.94 10.25
CA GLY D 187 28.55 -39.18 9.98
C GLY D 187 28.93 -39.82 8.67
N CYS D 188 29.52 -39.08 7.74
CA CYS D 188 30.05 -39.62 6.49
C CYS D 188 31.51 -39.99 6.62
N ASN D 189 31.97 -40.27 7.84
CA ASN D 189 33.37 -40.53 8.15
C ASN D 189 33.78 -41.98 7.93
N LYS D 190 32.82 -42.89 7.76
CA LYS D 190 33.09 -44.31 7.82
C LYS D 190 33.94 -44.76 6.64
N THR D 191 34.31 -46.04 6.66
CA THR D 191 35.19 -46.57 5.63
C THR D 191 34.53 -46.56 4.25
N ASN D 192 33.33 -47.11 4.15
CA ASN D 192 32.65 -47.21 2.86
C ASN D 192 31.62 -46.12 2.64
N ASP D 193 32.08 -44.87 2.50
CA ASP D 193 31.17 -43.77 2.17
C ASP D 193 31.92 -42.67 1.43
N HIS D 194 31.16 -41.83 0.76
CA HIS D 194 31.68 -40.70 -0.01
C HIS D 194 30.76 -39.49 0.19
N PHE D 195 31.20 -38.55 1.02
CA PHE D 195 30.48 -37.29 1.17
C PHE D 195 30.56 -36.48 -0.12
N THR D 196 29.44 -35.92 -0.55
CA THR D 196 29.43 -35.15 -1.79
C THR D 196 28.30 -34.13 -1.75
N MET D 197 28.35 -33.19 -2.71
CA MET D 197 27.37 -32.13 -2.83
C MET D 197 26.79 -32.16 -4.24
N GLN D 198 25.47 -32.00 -4.35
CA GLN D 198 24.83 -32.05 -5.65
C GLN D 198 23.87 -30.88 -5.81
N PRO D 199 23.69 -30.39 -7.04
CA PRO D 199 22.72 -29.33 -7.27
C PRO D 199 21.30 -29.87 -7.27
N GLY D 200 20.34 -28.97 -7.08
CA GLY D 200 18.94 -29.33 -7.13
C GLY D 200 18.46 -29.62 -8.54
N VAL D 201 17.25 -30.15 -8.62
CA VAL D 201 16.66 -30.53 -9.90
C VAL D 201 15.78 -29.42 -10.47
N ASN D 202 15.74 -28.26 -9.82
CA ASN D 202 14.91 -27.14 -10.25
C ASN D 202 15.76 -25.89 -10.42
N PHE D 203 15.28 -25.00 -11.29
CA PHE D 203 15.92 -23.72 -11.56
C PHE D 203 14.81 -22.67 -11.53
N TYR D 204 14.51 -22.15 -10.34
CA TYR D 204 13.45 -21.16 -10.20
C TYR D 204 13.93 -19.80 -10.66
N THR D 205 12.98 -18.88 -10.84
CA THR D 205 13.25 -17.53 -11.31
C THR D 205 13.14 -16.55 -10.16
N VAL D 206 14.01 -15.54 -10.17
CA VAL D 206 13.94 -14.43 -9.22
C VAL D 206 13.54 -13.19 -10.01
N PRO D 207 12.25 -12.99 -10.27
CA PRO D 207 11.84 -11.87 -11.12
C PRO D 207 12.09 -10.52 -10.47
N ASN D 208 12.35 -9.53 -11.32
CA ASN D 208 12.47 -8.14 -10.93
C ASN D 208 13.63 -7.92 -9.95
N LEU D 209 14.79 -8.45 -10.33
CA LEU D 209 16.02 -8.05 -9.65
C LEU D 209 16.32 -6.58 -9.92
N GLY D 210 16.07 -6.13 -11.15
CA GLY D 210 16.20 -4.74 -11.52
C GLY D 210 15.25 -4.41 -12.65
N PRO D 211 15.04 -3.12 -12.90
CA PRO D 211 14.11 -2.72 -13.96
C PRO D 211 14.64 -3.06 -15.34
N SER D 212 13.72 -3.10 -16.31
CA SER D 212 14.05 -3.44 -17.68
C SER D 212 13.24 -2.57 -18.62
N SER D 213 13.54 -2.69 -19.91
CA SER D 213 12.90 -1.88 -20.95
C SER D 213 12.61 -2.75 -22.17
N SER D 214 11.68 -2.29 -23.00
CA SER D 214 11.26 -3.08 -24.16
C SER D 214 11.84 -2.54 -25.46
N SER D 215 12.46 -1.36 -25.42
CA SER D 215 13.01 -0.78 -26.63
C SER D 215 14.10 -1.67 -27.22
N ALA D 216 14.06 -1.86 -28.52
CA ALA D 216 15.02 -2.73 -29.17
C ALA D 216 16.37 -2.12 -29.35
N ASP D 217 16.46 -0.80 -29.37
CA ASP D 217 17.75 -0.17 -29.48
C ASP D 217 18.68 -0.44 -28.31
N GLU D 218 18.15 -0.39 -27.09
CA GLU D 218 18.96 -0.64 -25.91
C GLU D 218 19.46 -2.07 -25.67
N CYS D 219 20.68 -2.22 -25.19
CA CYS D 219 21.22 -3.52 -24.84
C CYS D 219 21.62 -3.47 -23.38
N TYR D 220 21.27 -4.46 -22.59
CA TYR D 220 21.72 -4.47 -21.20
C TYR D 220 22.95 -5.33 -21.10
N THR D 221 23.97 -4.86 -20.38
CA THR D 221 25.23 -5.58 -20.34
C THR D 221 25.99 -5.25 -19.06
N ASN D 222 27.12 -5.95 -18.89
CA ASN D 222 28.06 -5.84 -17.78
C ASN D 222 27.36 -5.83 -16.43
N PRO D 223 26.60 -6.88 -16.09
CA PRO D 223 25.95 -6.90 -14.77
C PRO D 223 26.96 -7.19 -13.68
N SER D 224 26.79 -6.52 -12.54
CA SER D 224 27.56 -6.79 -11.34
C SER D 224 26.59 -7.06 -10.20
N PHE D 225 26.73 -8.20 -9.54
CA PHE D 225 25.79 -8.64 -8.52
C PHE D 225 26.55 -9.15 -7.31
N SER D 226 26.15 -8.69 -6.13
CA SER D 226 26.75 -9.14 -4.88
C SER D 226 25.69 -9.22 -3.79
N ILE D 227 25.89 -10.13 -2.85
CA ILE D 227 24.99 -10.34 -1.73
C ILE D 227 25.75 -10.14 -0.43
N GLY D 228 25.21 -9.30 0.44
CA GLY D 228 25.80 -9.05 1.74
C GLY D 228 25.19 -9.91 2.83
N SER D 229 25.20 -9.39 4.06
CA SER D 229 24.62 -10.11 5.17
C SER D 229 23.11 -10.27 4.99
N SER D 230 22.43 -9.18 4.61
CA SER D 230 21.01 -9.23 4.34
C SER D 230 20.59 -8.42 3.12
N ILE D 231 21.53 -7.74 2.46
CA ILE D 231 21.21 -6.87 1.33
C ILE D 231 21.96 -7.37 0.10
N TYR D 232 21.49 -6.93 -1.06
CA TYR D 232 22.11 -7.23 -2.33
C TYR D 232 22.28 -5.96 -3.14
N MET D 233 23.40 -5.89 -3.85
CA MET D 233 23.72 -4.79 -4.75
C MET D 233 23.78 -5.30 -6.17
N PHE D 234 23.15 -4.58 -7.09
CA PHE D 234 23.10 -4.95 -8.50
C PHE D 234 23.40 -3.73 -9.35
N SER D 235 24.07 -3.93 -10.48
CA SER D 235 24.37 -2.84 -11.40
C SER D 235 24.36 -3.34 -12.84
N GLN D 236 23.88 -2.49 -13.74
CA GLN D 236 23.79 -2.82 -15.15
C GLN D 236 24.12 -1.60 -16.00
N GLU D 237 24.56 -1.85 -17.23
CA GLU D 237 24.87 -0.79 -18.19
C GLU D 237 23.93 -0.92 -19.38
N ILE D 238 23.46 0.21 -19.90
CA ILE D 238 22.58 0.19 -21.05
C ILE D 238 23.27 0.90 -22.19
N ARG D 239 23.51 0.20 -23.29
CA ARG D 239 24.25 0.76 -24.41
C ARG D 239 23.44 0.74 -25.66
N LYS D 240 23.44 1.83 -26.39
CA LYS D 240 22.73 1.88 -27.65
C LYS D 240 23.32 0.92 -28.64
N THR D 241 22.48 0.25 -29.40
CA THR D 241 22.97 -0.65 -30.43
C THR D 241 23.85 -1.73 -29.81
N ASP D 242 25.07 -1.89 -30.31
CA ASP D 242 25.91 -2.99 -29.84
C ASP D 242 26.32 -2.97 -28.39
N CYS D 243 26.33 -4.14 -27.77
CA CYS D 243 26.75 -4.29 -26.40
C CYS D 243 28.21 -3.93 -26.18
N THR D 244 29.06 -4.33 -27.11
CA THR D 244 30.48 -4.12 -26.94
C THR D 244 30.96 -2.69 -27.02
N THR D 245 30.49 -1.95 -28.00
CA THR D 245 31.06 -0.61 -28.17
C THR D 245 30.01 0.50 -28.24
N GLY D 246 28.75 0.21 -27.92
CA GLY D 246 27.76 1.26 -27.92
C GLY D 246 28.02 2.27 -26.81
N GLU D 247 27.60 3.50 -27.06
CA GLU D 247 27.77 4.56 -26.07
C GLU D 247 26.90 4.28 -24.86
N ILE D 248 27.48 4.45 -23.66
CA ILE D 248 26.74 4.16 -22.44
C ILE D 248 25.63 5.17 -22.25
N LEU D 249 24.39 4.71 -22.34
CA LEU D 249 23.23 5.56 -22.12
C LEU D 249 22.89 5.73 -20.64
N SER D 250 23.03 4.69 -19.84
CA SER D 250 22.74 4.77 -18.41
C SER D 250 23.51 3.67 -17.69
N ILE D 251 23.80 3.91 -16.42
CA ILE D 251 24.30 2.88 -15.52
C ILE D 251 23.37 2.85 -14.32
N GLN D 252 22.70 1.73 -14.10
CA GLN D 252 21.69 1.61 -13.07
C GLN D 252 22.20 0.77 -11.90
N ILE D 253 21.95 1.27 -10.69
CA ILE D 253 22.35 0.61 -9.45
C ILE D 253 21.10 0.36 -8.62
N VAL D 254 20.99 -0.85 -8.09
CA VAL D 254 19.85 -1.25 -7.28
C VAL D 254 20.35 -1.84 -5.97
N LEU D 255 19.79 -1.34 -4.87
CA LEU D 255 20.01 -1.89 -3.54
C LEU D 255 18.71 -2.50 -3.04
N GLY D 256 18.77 -3.78 -2.66
CA GLY D 256 17.55 -4.45 -2.24
C GLY D 256 17.84 -5.49 -1.18
N ARG D 257 16.80 -6.25 -0.84
CA ARG D 257 16.87 -7.28 0.18
C ARG D 257 16.34 -8.61 -0.37
N ILE D 258 16.95 -9.71 0.05
CA ILE D 258 16.44 -11.02 -0.28
C ILE D 258 15.40 -11.44 0.76
N VAL D 259 14.19 -11.77 0.28
CA VAL D 259 13.06 -12.05 1.15
C VAL D 259 12.38 -13.34 0.68
N ASP D 260 11.50 -13.86 1.54
CA ASP D 260 10.68 -15.02 1.24
C ASP D 260 9.24 -14.54 1.04
N LYS D 261 8.66 -14.86 -0.12
CA LYS D 261 7.32 -14.40 -0.47
C LYS D 261 6.35 -15.54 -0.69
N GLY D 262 6.60 -16.70 -0.06
CA GLY D 262 5.73 -17.84 -0.20
C GLY D 262 5.94 -18.67 -1.45
N GLN D 263 6.90 -18.29 -2.29
CA GLN D 263 7.18 -19.05 -3.49
C GLN D 263 8.12 -20.20 -3.19
N GLN D 264 8.51 -20.93 -4.25
CA GLN D 264 9.35 -22.11 -4.06
C GLN D 264 10.80 -21.72 -3.79
N GLY D 265 11.22 -20.55 -4.26
CA GLY D 265 12.58 -20.10 -4.06
C GLY D 265 12.66 -18.70 -3.50
N PRO D 266 13.86 -18.27 -3.11
CA PRO D 266 14.04 -16.91 -2.60
C PRO D 266 13.73 -15.86 -3.66
N GLN D 267 13.24 -14.71 -3.21
CA GLN D 267 12.87 -13.63 -4.10
C GLN D 267 13.59 -12.34 -3.68
N ALA D 268 13.54 -11.34 -4.54
CA ALA D 268 14.22 -10.08 -4.33
C ALA D 268 13.23 -8.93 -4.28
N SER D 269 13.57 -7.90 -3.51
CA SER D 269 12.75 -6.71 -3.36
C SER D 269 13.61 -5.45 -3.44
N PRO D 270 13.58 -4.72 -4.55
CA PRO D 270 14.40 -3.50 -4.66
C PRO D 270 13.93 -2.41 -3.70
N LEU D 271 14.86 -1.85 -2.93
CA LEU D 271 14.55 -0.76 -2.02
C LEU D 271 15.03 0.60 -2.54
N LEU D 272 16.10 0.63 -3.33
CA LEU D 272 16.58 1.91 -3.84
C LEU D 272 17.20 1.76 -5.23
N VAL D 273 16.76 2.59 -6.17
CA VAL D 273 17.25 2.57 -7.54
C VAL D 273 17.88 3.92 -7.84
N TRP D 274 19.09 3.90 -8.40
CA TRP D 274 19.88 5.11 -8.62
C TRP D 274 20.56 5.01 -9.98
N SER D 275 20.91 6.19 -10.52
CA SER D 275 21.56 6.28 -11.82
C SER D 275 22.84 7.08 -11.66
N VAL D 276 23.93 6.56 -12.20
CA VAL D 276 25.24 7.22 -12.05
C VAL D 276 25.27 8.48 -12.90
N PRO D 277 25.60 9.64 -12.35
CA PRO D 277 25.68 10.86 -13.16
C PRO D 277 26.85 10.81 -14.15
N ASN D 278 26.64 11.48 -15.28
CA ASN D 278 27.61 11.57 -16.38
C ASN D 278 28.08 10.18 -16.79
N PRO D 279 27.21 9.33 -17.35
CA PRO D 279 27.64 7.98 -17.72
C PRO D 279 28.63 7.94 -18.87
N LYS D 280 28.80 9.03 -19.61
CA LYS D 280 29.65 9.01 -20.79
C LYS D 280 31.13 8.84 -20.41
N ILE D 281 31.56 9.48 -19.32
CA ILE D 281 32.98 9.52 -19.00
C ILE D 281 33.40 8.26 -18.27
N ILE D 282 32.44 7.43 -17.85
CA ILE D 282 32.77 6.24 -17.08
C ILE D 282 33.40 5.18 -17.97
N ASN D 283 34.44 4.52 -17.46
CA ASN D 283 35.03 3.36 -18.11
C ASN D 283 34.34 2.07 -17.69
N SER D 284 34.34 1.77 -16.40
CA SER D 284 33.69 0.57 -15.87
C SER D 284 33.31 0.82 -14.42
N CYS D 285 32.31 0.08 -13.96
CA CYS D 285 31.82 0.19 -12.59
C CYS D 285 31.75 -1.21 -11.98
N ALA D 286 31.86 -1.25 -10.65
CA ALA D 286 31.73 -2.51 -9.92
C ALA D 286 31.08 -2.24 -8.58
N VAL D 287 30.46 -3.27 -8.01
CA VAL D 287 29.72 -3.14 -6.76
C VAL D 287 30.29 -4.10 -5.73
N ALA D 288 30.16 -3.70 -4.47
CA ALA D 288 30.54 -4.53 -3.32
C ALA D 288 29.46 -4.39 -2.25
N ALA D 289 29.23 -5.47 -1.52
CA ALA D 289 28.21 -5.51 -0.50
C ALA D 289 28.84 -5.78 0.86
N GLY D 290 28.27 -5.15 1.89
CA GLY D 290 28.75 -5.35 3.25
C GLY D 290 27.61 -5.63 4.21
N ASP D 291 27.59 -4.92 5.33
CA ASP D 291 26.55 -5.07 6.35
C ASP D 291 25.74 -3.78 6.36
N GLU D 292 24.55 -3.82 5.75
CA GLU D 292 23.65 -2.66 5.65
C GLU D 292 24.32 -1.50 4.92
N THR D 293 25.28 -1.79 4.06
CA THR D 293 25.97 -0.76 3.29
C THR D 293 26.47 -1.36 1.99
N GLY D 294 26.29 -0.62 0.91
CA GLY D 294 26.80 -1.03 -0.39
C GLY D 294 27.73 0.02 -0.96
N TRP D 295 28.68 -0.43 -1.77
CA TRP D 295 29.67 0.46 -2.36
C TRP D 295 29.72 0.23 -3.86
N VAL D 296 29.93 1.32 -4.60
CA VAL D 296 30.09 1.29 -6.04
C VAL D 296 31.37 2.03 -6.38
N LEU D 297 32.29 1.35 -7.06
CA LEU D 297 33.55 1.96 -7.46
C LEU D 297 33.60 2.05 -8.99
N CYS D 298 33.91 3.24 -9.50
CA CYS D 298 33.95 3.47 -10.93
C CYS D 298 35.22 4.22 -11.27
N SER D 299 35.71 4.01 -12.49
CA SER D 299 36.88 4.71 -13.00
C SER D 299 36.48 5.67 -14.10
N VAL D 300 37.23 6.77 -14.21
CA VAL D 300 36.86 7.88 -15.07
C VAL D 300 37.97 8.13 -16.09
N THR D 301 37.56 8.45 -17.31
CA THR D 301 38.47 8.71 -18.42
C THR D 301 38.68 10.22 -18.56
N LEU D 302 39.67 10.59 -19.37
CA LEU D 302 39.98 12.00 -19.59
C LEU D 302 38.90 12.66 -20.44
N THR D 303 38.68 13.95 -20.20
CA THR D 303 37.72 14.74 -20.95
C THR D 303 38.45 15.88 -21.63
N ALA D 304 38.26 16.01 -22.94
CA ALA D 304 38.90 17.08 -23.70
C ALA D 304 38.19 18.42 -23.46
N ALA D 305 38.73 19.47 -24.07
CA ALA D 305 38.15 20.79 -23.91
C ALA D 305 36.78 20.88 -24.57
N SER D 306 36.55 20.09 -25.62
CA SER D 306 35.25 20.10 -26.30
C SER D 306 34.17 19.52 -25.41
N GLY D 307 34.52 18.58 -24.54
CA GLY D 307 33.58 18.01 -23.60
C GLY D 307 33.35 16.51 -23.72
N GLU D 308 33.45 15.93 -24.91
CA GLU D 308 33.23 14.50 -25.03
C GLU D 308 34.45 13.75 -24.49
N PRO D 309 34.24 12.56 -23.93
CA PRO D 309 35.36 11.82 -23.34
C PRO D 309 36.33 11.30 -24.40
N ILE D 310 37.59 11.18 -24.00
CA ILE D 310 38.61 10.54 -24.82
C ILE D 310 38.64 9.06 -24.44
N PRO D 311 38.36 8.15 -25.37
CA PRO D 311 38.19 6.74 -25.00
C PRO D 311 39.45 6.13 -24.40
N HIS D 312 39.26 5.31 -23.38
CA HIS D 312 40.29 4.43 -22.82
C HIS D 312 41.47 5.21 -22.24
N MET D 313 41.15 6.38 -21.68
CA MET D 313 42.08 7.12 -20.84
C MET D 313 41.72 6.90 -19.38
N PHE D 314 42.56 7.45 -18.49
CA PHE D 314 42.40 7.29 -17.06
C PHE D 314 42.51 8.63 -16.35
N ASP D 315 41.51 8.95 -15.54
CA ASP D 315 41.56 10.11 -14.64
C ASP D 315 40.73 9.83 -13.38
N GLY D 316 41.40 9.34 -12.34
CA GLY D 316 40.79 9.25 -11.02
C GLY D 316 39.73 8.15 -10.90
N PHE D 317 39.12 8.12 -9.73
CA PHE D 317 38.03 7.19 -9.41
C PHE D 317 36.89 7.95 -8.73
N TRP D 318 35.70 7.36 -8.83
CA TRP D 318 34.52 7.82 -8.09
C TRP D 318 34.03 6.68 -7.21
N LEU D 319 33.72 7.00 -5.96
CA LEU D 319 33.19 6.02 -5.02
C LEU D 319 31.83 6.48 -4.52
N TYR D 320 30.86 5.56 -4.52
CA TYR D 320 29.51 5.86 -4.08
C TYR D 320 29.12 4.91 -2.96
N LYS D 321 28.51 5.45 -1.91
CA LYS D 321 28.07 4.70 -0.75
C LYS D 321 26.55 4.75 -0.67
N PHE D 322 25.94 3.57 -0.58
CA PHE D 322 24.50 3.42 -0.49
C PHE D 322 24.14 2.83 0.88
N GLU D 323 23.20 3.47 1.56
CA GLU D 323 22.64 2.95 2.80
C GLU D 323 21.13 2.99 2.72
N PRO D 324 20.44 2.04 3.35
CA PRO D 324 18.98 1.99 3.27
C PRO D 324 18.34 3.24 3.86
N ASP D 325 17.28 3.70 3.20
CA ASP D 325 16.44 4.79 3.70
C ASP D 325 17.23 6.08 3.86
N THR D 326 18.22 6.27 2.99
CA THR D 326 19.06 7.46 3.05
C THR D 326 19.63 7.70 1.66
N GLU D 327 20.14 8.91 1.44
CA GLU D 327 20.69 9.31 0.15
C GLU D 327 22.04 8.62 -0.11
N VAL D 328 22.60 8.90 -1.28
CA VAL D 328 23.84 8.29 -1.73
C VAL D 328 24.98 9.29 -1.52
N VAL D 329 26.10 8.81 -0.96
CA VAL D 329 27.24 9.67 -0.68
C VAL D 329 28.32 9.44 -1.72
N ALA D 330 28.89 10.52 -2.25
CA ALA D 330 29.86 10.44 -3.32
C ALA D 330 31.21 11.01 -2.89
N TYR D 331 32.27 10.29 -3.24
CA TYR D 331 33.64 10.73 -3.01
C TYR D 331 34.42 10.66 -4.32
N ARG D 332 35.34 11.59 -4.50
CA ARG D 332 36.20 11.64 -5.68
C ARG D 332 37.64 11.40 -5.25
N ILE D 333 38.29 10.41 -5.87
CA ILE D 333 39.66 10.05 -5.54
C ILE D 333 40.54 10.42 -6.74
N THR D 334 41.42 11.40 -6.55
CA THR D 334 42.27 11.85 -7.64
C THR D 334 43.49 12.55 -7.07
N GLY D 335 44.47 12.75 -7.93
CA GLY D 335 45.70 13.44 -7.55
C GLY D 335 46.59 12.56 -6.69
N PHE D 336 46.82 12.99 -5.45
CA PHE D 336 47.67 12.27 -4.51
C PHE D 336 46.87 11.29 -3.65
N ALA D 337 45.57 11.16 -3.91
CA ALA D 337 44.71 10.26 -3.16
C ALA D 337 44.86 8.80 -3.59
N TYR D 338 45.43 8.54 -4.76
CA TYR D 338 45.65 7.18 -5.23
C TYR D 338 47.11 7.05 -5.66
N LEU D 339 47.72 5.91 -5.32
CA LEU D 339 49.11 5.64 -5.67
C LEU D 339 49.20 4.21 -6.19
N LEU D 340 49.46 4.06 -7.48
CA LEU D 340 49.61 2.76 -8.11
C LEU D 340 51.08 2.42 -8.27
N ASP D 341 51.40 1.13 -8.12
CA ASP D 341 52.78 0.68 -8.23
C ASP D 341 53.34 0.78 -9.65
N LYS D 342 52.48 1.02 -10.64
CA LYS D 342 52.93 1.17 -12.02
C LYS D 342 52.18 2.34 -12.65
N VAL D 343 52.71 2.82 -13.76
CA VAL D 343 52.09 3.91 -14.51
C VAL D 343 51.07 3.30 -15.47
N TYR D 344 49.80 3.62 -15.26
CA TYR D 344 48.69 3.00 -15.98
C TYR D 344 48.07 4.04 -16.91
N ASP D 345 48.09 3.75 -18.21
CA ASP D 345 47.45 4.63 -19.18
C ASP D 345 45.93 4.48 -19.14
N SER D 346 45.44 3.24 -19.05
CA SER D 346 44.02 2.95 -18.99
C SER D 346 43.76 1.96 -17.87
N VAL D 347 42.72 2.19 -17.09
CA VAL D 347 42.37 1.38 -15.94
C VAL D 347 40.89 1.02 -16.03
N PHE D 348 40.57 -0.26 -15.83
CA PHE D 348 39.21 -0.76 -15.79
C PHE D 348 39.02 -1.57 -14.52
N ILE D 349 37.82 -1.49 -13.95
CA ILE D 349 37.49 -2.17 -12.71
C ILE D 349 36.82 -3.50 -13.03
N GLY D 350 37.21 -4.55 -12.33
CA GLY D 350 36.71 -5.88 -12.58
C GLY D 350 35.20 -6.01 -12.51
N LYS D 351 34.62 -6.69 -13.49
CA LYS D 351 33.17 -6.83 -13.57
C LYS D 351 32.60 -7.61 -12.40
N GLY D 352 33.39 -8.48 -11.78
CA GLY D 352 32.90 -9.33 -10.72
C GLY D 352 32.39 -8.61 -9.50
N GLY D 353 33.27 -7.92 -8.79
CA GLY D 353 32.87 -7.20 -7.61
C GLY D 353 34.01 -7.13 -6.61
N GLY D 354 33.64 -6.91 -5.36
CA GLY D 354 34.62 -6.80 -4.30
C GLY D 354 34.00 -7.12 -2.96
N ILE D 355 34.82 -6.97 -1.91
CA ILE D 355 34.43 -7.27 -0.55
C ILE D 355 34.84 -6.14 0.37
N GLN D 356 34.23 -6.11 1.55
CA GLN D 356 34.62 -5.19 2.62
C GLN D 356 35.12 -6.03 3.79
N ARG D 357 36.36 -5.78 4.21
CA ARG D 357 36.97 -6.48 5.34
C ARG D 357 37.32 -5.43 6.39
N GLY D 358 36.37 -5.10 7.23
CA GLY D 358 36.60 -4.05 8.20
C GLY D 358 36.41 -2.68 7.62
N ASN D 359 37.42 -1.83 7.73
CA ASN D 359 37.35 -0.48 7.21
C ASN D 359 37.85 -0.39 5.78
N ASP D 360 38.28 -1.50 5.19
CA ASP D 360 38.87 -1.46 3.87
C ASP D 360 38.21 -2.31 2.80
N LEU D 361 38.03 -1.77 1.60
CA LEU D 361 37.39 -2.51 0.51
C LEU D 361 38.40 -2.98 -0.50
N TYR D 362 38.22 -4.19 -1.04
CA TYR D 362 39.15 -4.74 -2.00
C TYR D 362 38.51 -5.07 -3.32
N PHE D 363 39.14 -4.67 -4.42
CA PHE D 363 38.63 -4.98 -5.73
C PHE D 363 39.70 -5.50 -6.67
N GLN D 364 39.34 -5.94 -7.87
CA GLN D 364 40.28 -6.33 -8.91
C GLN D 364 40.21 -5.32 -10.04
N MET D 365 41.38 -5.00 -10.61
CA MET D 365 41.42 -4.05 -11.72
C MET D 365 42.39 -4.58 -12.77
N PHE D 366 42.21 -4.12 -14.00
CA PHE D 366 43.14 -4.47 -15.08
C PHE D 366 43.27 -3.29 -16.02
N GLY D 367 44.40 -3.21 -16.70
CA GLY D 367 44.56 -2.11 -17.62
C GLY D 367 45.93 -2.12 -18.28
N LEU D 368 46.16 -1.05 -19.03
CA LEU D 368 47.35 -0.90 -19.86
C LEU D 368 48.40 -0.10 -19.10
N SER D 369 49.59 -0.70 -18.93
CA SER D 369 50.63 -0.14 -18.11
C SER D 369 51.96 -0.17 -18.85
N ARG D 370 52.84 0.76 -18.50
CA ARG D 370 54.16 0.84 -19.11
C ARG D 370 55.08 -0.23 -18.55
N ASN D 371 55.95 -0.75 -19.42
CA ASN D 371 56.92 -1.78 -19.04
C ASN D 371 58.28 -1.43 -19.62
N ARG D 372 59.33 -1.70 -18.85
CA ARG D 372 60.70 -1.42 -19.26
C ARG D 372 61.51 -2.71 -19.45
N GLN D 373 61.53 -3.57 -18.45
CA GLN D 373 62.36 -4.76 -18.48
C GLN D 373 61.73 -5.83 -19.38
N SER D 374 62.56 -6.79 -19.77
CA SER D 374 62.08 -7.93 -20.55
C SER D 374 61.18 -8.81 -19.69
N ILE D 375 60.28 -9.53 -20.35
CA ILE D 375 59.27 -10.34 -19.69
C ILE D 375 59.45 -11.79 -20.08
N LYS D 376 59.11 -12.69 -19.17
CA LYS D 376 58.99 -14.12 -19.43
C LYS D 376 57.55 -14.48 -19.11
N ALA D 377 56.73 -14.61 -20.16
CA ALA D 377 55.31 -14.85 -19.97
C ALA D 377 55.08 -16.26 -19.45
N LEU D 378 53.92 -16.44 -18.81
CA LEU D 378 53.58 -17.73 -18.20
C LEU D 378 53.15 -18.70 -19.29
N CYS D 379 53.92 -19.77 -19.46
CA CYS D 379 53.62 -20.83 -20.43
C CYS D 379 53.25 -22.09 -19.67
N GLU D 380 51.99 -22.49 -19.78
CA GLU D 380 51.51 -23.72 -19.15
C GLU D 380 50.41 -24.28 -20.05
N HIS D 381 50.80 -25.19 -20.94
CA HIS D 381 49.90 -25.76 -21.94
C HIS D 381 50.05 -27.27 -21.98
N GLY D 382 49.37 -27.90 -22.93
CA GLY D 382 49.41 -29.34 -23.08
C GLY D 382 50.67 -29.83 -23.75
N SER D 383 50.51 -30.89 -24.54
CA SER D 383 51.64 -31.53 -25.24
C SER D 383 51.48 -31.46 -26.75
N CYS D 384 51.03 -30.33 -27.28
CA CYS D 384 50.87 -30.18 -28.73
C CYS D 384 52.09 -29.48 -29.31
N LEU D 385 53.23 -30.17 -29.20
CA LEU D 385 54.48 -29.65 -29.75
C LEU D 385 54.51 -29.69 -31.27
N GLY D 386 53.66 -30.49 -31.91
CA GLY D 386 53.59 -30.48 -33.36
C GLY D 386 53.14 -29.14 -33.90
N THR D 387 52.14 -28.54 -33.27
CA THR D 387 51.69 -27.21 -33.66
C THR D 387 52.72 -26.17 -33.25
N GLY D 388 53.14 -25.35 -34.22
CA GLY D 388 54.09 -24.29 -33.93
C GLY D 388 55.52 -24.76 -33.76
N GLY D 389 55.72 -25.82 -32.99
CA GLY D 389 57.07 -26.28 -32.69
C GLY D 389 57.79 -25.25 -31.84
N GLY D 390 58.93 -24.79 -32.33
CA GLY D 390 59.64 -23.72 -31.65
C GLY D 390 58.92 -22.39 -31.77
N GLY D 391 59.20 -21.51 -30.81
CA GLY D 391 58.61 -20.20 -30.80
C GLY D 391 57.33 -20.06 -29.99
N TYR D 392 57.00 -21.05 -29.15
CA TYR D 392 55.82 -20.95 -28.30
C TYR D 392 55.97 -19.78 -27.32
N GLN D 393 57.17 -19.62 -26.76
CA GLN D 393 57.40 -18.53 -25.82
C GLN D 393 57.23 -17.18 -26.50
N VAL D 394 57.55 -17.10 -27.79
CA VAL D 394 57.35 -15.84 -28.53
C VAL D 394 55.87 -15.49 -28.57
N LEU D 395 55.02 -16.48 -28.90
CA LEU D 395 53.58 -16.23 -28.93
C LEU D 395 53.05 -15.88 -27.55
N CYS D 396 53.54 -16.57 -26.51
CA CYS D 396 53.08 -16.27 -25.16
C CYS D 396 53.48 -14.86 -24.74
N ASP D 397 54.70 -14.44 -25.09
CA ASP D 397 55.12 -13.07 -24.78
C ASP D 397 54.27 -12.05 -25.54
N ARG D 398 54.03 -12.30 -26.82
CA ARG D 398 53.27 -11.35 -27.63
C ARG D 398 51.80 -11.28 -27.24
N ALA D 399 51.26 -12.35 -26.67
CA ALA D 399 49.85 -12.34 -26.29
C ALA D 399 49.55 -11.28 -25.23
N VAL D 400 50.42 -11.14 -24.24
CA VAL D 400 50.17 -10.17 -23.17
C VAL D 400 50.41 -8.75 -23.65
N MET D 401 51.15 -8.58 -24.75
CA MET D 401 51.43 -7.24 -25.25
C MET D 401 50.20 -6.63 -25.90
N SER D 402 50.24 -5.30 -26.06
CA SER D 402 49.22 -4.56 -26.79
C SER D 402 49.84 -3.97 -28.04
N PHE D 403 49.36 -4.45 -29.20
CA PHE D 403 49.87 -4.00 -30.51
C PHE D 403 51.36 -4.28 -30.66
N GLY D 404 51.83 -5.33 -30.00
CA GLY D 404 53.22 -5.78 -30.19
C GLY D 404 54.26 -4.75 -29.82
N SER D 405 54.06 -4.05 -28.71
CA SER D 405 55.02 -3.07 -28.22
C SER D 405 55.46 -3.46 -26.82
N GLU D 406 56.78 -3.62 -26.63
CA GLU D 406 57.29 -4.09 -25.35
C GLU D 406 56.98 -3.12 -24.21
N GLU D 407 56.76 -1.84 -24.53
CA GLU D 407 56.54 -0.85 -23.48
C GLU D 407 55.20 -1.06 -22.78
N SER D 408 54.16 -1.42 -23.53
CA SER D 408 52.80 -1.46 -23.01
C SER D 408 52.34 -2.90 -22.83
N LEU D 409 51.82 -3.21 -21.64
CA LEU D 409 51.24 -4.52 -21.35
C LEU D 409 49.85 -4.34 -20.75
N ILE D 410 49.05 -5.40 -20.85
CA ILE D 410 47.76 -5.47 -20.16
C ILE D 410 47.94 -6.31 -18.90
N SER D 411 47.73 -5.70 -17.74
CA SER D 411 48.10 -6.28 -16.47
C SER D 411 46.92 -6.26 -15.51
N ASN D 412 46.97 -7.20 -14.56
CA ASN D 412 45.98 -7.36 -13.50
C ASN D 412 46.55 -6.85 -12.20
N ALA D 413 45.66 -6.47 -11.27
CA ALA D 413 46.10 -5.91 -10.00
C ALA D 413 45.07 -5.87 -8.92
N TYR D 414 45.45 -6.23 -7.70
CA TYR D 414 44.55 -6.08 -6.58
C TYR D 414 44.44 -4.59 -6.32
N LEU D 415 43.30 -4.10 -5.89
CA LEU D 415 43.17 -2.69 -5.55
C LEU D 415 42.56 -2.57 -4.17
N LYS D 416 43.07 -1.65 -3.34
CA LYS D 416 42.58 -1.50 -1.97
C LYS D 416 42.15 -0.09 -1.72
N VAL D 417 40.98 0.10 -1.12
CA VAL D 417 40.51 1.41 -0.74
C VAL D 417 40.61 1.41 0.77
N ASN D 418 41.19 2.44 1.37
CA ASN D 418 41.45 2.45 2.80
C ASN D 418 40.79 3.59 3.50
N ASP D 419 40.45 3.42 4.78
CA ASP D 419 39.78 4.47 5.56
C ASP D 419 38.46 4.98 5.03
N VAL D 420 37.59 4.08 4.61
CA VAL D 420 36.34 4.47 4.01
C VAL D 420 35.49 5.28 4.99
N ALA D 421 35.47 4.92 6.27
CA ALA D 421 34.71 5.66 7.30
C ALA D 421 34.98 7.15 7.44
N SER D 422 36.23 7.55 7.50
CA SER D 422 36.55 8.96 7.75
C SER D 422 35.90 9.85 6.70
N GLY D 423 35.91 9.44 5.45
CA GLY D 423 35.38 10.28 4.42
C GLY D 423 36.46 10.76 3.51
N LYS D 424 37.66 10.22 3.68
CA LYS D 424 38.73 10.56 2.78
C LYS D 424 39.35 9.28 2.33
N PRO D 425 38.65 8.54 1.49
CA PRO D 425 39.14 7.25 1.07
C PRO D 425 40.39 7.38 0.20
N THR D 426 41.33 6.46 0.30
CA THR D 426 42.54 6.50 -0.49
C THR D 426 42.79 5.17 -1.17
N ILE D 427 43.39 5.14 -2.35
CA ILE D 427 43.55 3.90 -3.10
C ILE D 427 45.00 3.48 -3.38
N ILE D 428 45.32 2.22 -3.15
CA ILE D 428 46.66 1.69 -3.41
C ILE D 428 46.52 0.41 -4.24
N SER D 429 47.53 0.05 -5.01
CA SER D 429 47.42 -1.12 -5.89
C SER D 429 48.62 -2.03 -5.95
N GLN D 430 48.41 -3.33 -6.08
CA GLN D 430 49.52 -4.28 -6.24
C GLN D 430 49.35 -5.00 -7.55
N THR D 431 50.36 -5.05 -8.39
CA THR D 431 50.20 -5.63 -9.73
C THR D 431 50.82 -6.99 -9.91
N PHE D 432 50.15 -7.85 -10.65
CA PHE D 432 50.69 -9.17 -10.93
C PHE D 432 51.81 -9.07 -11.97
N PRO D 433 52.94 -9.72 -11.74
CA PRO D 433 54.00 -9.75 -12.75
C PRO D 433 53.57 -10.56 -13.96
N PRO D 434 54.15 -10.29 -15.14
CA PRO D 434 53.74 -11.05 -16.33
C PRO D 434 54.04 -12.54 -16.22
N SER D 435 54.98 -12.93 -15.35
CA SER D 435 55.31 -14.35 -15.21
C SER D 435 54.26 -15.09 -14.41
N ASP D 436 53.43 -14.36 -13.67
CA ASP D 436 52.46 -15.00 -12.79
C ASP D 436 51.10 -15.17 -13.43
N SER D 437 50.76 -14.35 -14.42
CA SER D 437 49.43 -14.35 -15.00
C SER D 437 49.49 -14.26 -16.52
N TYR D 438 48.33 -14.43 -17.14
CA TYR D 438 48.22 -14.30 -18.57
C TYR D 438 47.67 -12.92 -18.81
N LYS D 439 47.11 -12.65 -19.97
CA LYS D 439 46.66 -11.30 -20.27
C LYS D 439 45.55 -10.86 -19.35
N GLY D 440 45.58 -9.61 -18.92
CA GLY D 440 44.56 -9.10 -18.03
C GLY D 440 43.14 -9.14 -18.49
N SER D 441 42.20 -9.35 -17.57
CA SER D 441 40.80 -9.45 -17.91
C SER D 441 39.98 -9.19 -16.66
N ASN D 442 38.66 -9.30 -16.80
CA ASN D 442 37.75 -9.07 -15.69
C ASN D 442 37.97 -10.12 -14.60
N GLY D 443 37.79 -9.70 -13.34
CA GLY D 443 38.02 -10.59 -12.23
C GLY D 443 37.07 -10.32 -11.08
N ARG D 444 37.18 -11.16 -10.06
CA ARG D 444 36.32 -11.08 -8.89
C ARG D 444 37.11 -11.46 -7.65
N ILE D 445 36.76 -10.85 -6.52
CA ILE D 445 37.38 -11.11 -5.22
C ILE D 445 36.34 -11.75 -4.31
N TYR D 446 36.71 -12.89 -3.73
CA TYR D 446 35.87 -13.63 -2.79
C TYR D 446 36.51 -13.61 -1.41
N THR D 447 35.66 -13.67 -0.39
CA THR D 447 36.10 -13.93 0.99
C THR D 447 35.67 -15.34 1.36
N ILE D 448 36.66 -16.21 1.61
CA ILE D 448 36.42 -17.61 1.91
C ILE D 448 36.90 -17.88 3.32
N GLY D 449 35.97 -17.95 4.27
CA GLY D 449 36.36 -18.14 5.65
C GLY D 449 37.18 -16.96 6.14
N GLU D 450 38.42 -17.24 6.55
CA GLU D 450 39.35 -16.22 6.98
C GLU D 450 40.41 -15.90 5.91
N ARG D 451 40.23 -16.45 4.72
CA ARG D 451 41.14 -16.19 3.63
C ARG D 451 40.39 -15.53 2.50
N TYR D 452 41.03 -15.36 1.35
CA TYR D 452 40.43 -14.67 0.22
C TYR D 452 40.69 -15.38 -1.07
N GLY D 453 39.86 -15.16 -2.08
CA GLY D 453 40.09 -15.75 -3.37
C GLY D 453 40.02 -14.78 -4.51
N ILE D 454 40.63 -15.13 -5.63
CA ILE D 454 40.58 -14.29 -6.81
C ILE D 454 40.22 -15.16 -8.01
N TYR D 455 39.26 -14.70 -8.81
CA TYR D 455 38.88 -15.35 -10.05
C TYR D 455 39.23 -14.42 -11.20
N LEU D 456 39.95 -14.95 -12.20
CA LEU D 456 40.34 -14.17 -13.36
C LEU D 456 39.72 -14.78 -14.60
N ALA D 457 39.01 -13.99 -15.38
CA ALA D 457 38.31 -14.51 -16.55
C ALA D 457 39.24 -14.75 -17.69
N PRO D 458 38.93 -15.74 -18.51
CA PRO D 458 39.75 -15.97 -19.70
C PRO D 458 39.72 -14.86 -20.73
N SER D 459 40.85 -14.53 -21.29
CA SER D 459 40.96 -13.55 -22.34
C SER D 459 42.18 -14.14 -22.97
N SER D 460 42.27 -14.16 -24.28
CA SER D 460 43.38 -14.81 -24.96
C SER D 460 43.34 -16.33 -25.04
N TRP D 461 44.47 -16.97 -25.31
CA TRP D 461 44.53 -18.42 -25.54
C TRP D 461 44.31 -19.46 -24.44
N ASN D 462 44.35 -19.14 -23.16
CA ASN D 462 44.12 -20.20 -22.19
C ASN D 462 42.72 -20.05 -21.64
N ARG D 463 41.88 -21.06 -21.86
CA ARG D 463 40.50 -21.00 -21.43
C ARG D 463 40.15 -21.80 -20.17
N TYR D 464 41.12 -22.45 -19.54
CA TYR D 464 40.88 -23.18 -18.30
C TYR D 464 40.68 -22.22 -17.16
N LEU D 465 40.00 -22.63 -16.09
CA LEU D 465 39.70 -21.73 -15.00
C LEU D 465 40.92 -21.22 -14.31
N ARG D 466 40.98 -19.94 -13.97
CA ARG D 466 42.06 -19.44 -13.16
C ARG D 466 41.42 -19.01 -11.89
N PHE D 467 41.88 -19.56 -10.79
CA PHE D 467 41.33 -19.23 -9.50
C PHE D 467 42.45 -19.37 -8.54
N GLY D 468 42.54 -18.47 -7.59
CA GLY D 468 43.66 -18.46 -6.67
C GLY D 468 43.22 -18.16 -5.26
N LEU D 469 43.95 -18.67 -4.29
CA LEU D 469 43.61 -18.48 -2.88
C LEU D 469 44.74 -17.82 -2.12
N THR D 470 44.50 -16.65 -1.56
CA THR D 470 45.54 -15.90 -0.86
C THR D 470 45.22 -15.60 0.60
N PRO D 471 46.16 -15.86 1.50
CA PRO D 471 45.93 -15.48 2.90
C PRO D 471 45.78 -13.99 3.20
N ASP D 472 46.61 -13.14 2.61
CA ASP D 472 46.61 -11.70 2.87
C ASP D 472 46.20 -10.75 1.74
N ILE D 473 45.60 -11.22 0.65
CA ILE D 473 45.35 -10.36 -0.52
C ILE D 473 46.64 -9.75 -1.06
N SER D 474 47.71 -10.53 -1.12
CA SER D 474 49.00 -10.07 -1.64
C SER D 474 49.47 -10.91 -2.80
N VAL D 475 50.10 -10.31 -3.79
CA VAL D 475 50.50 -11.06 -4.99
C VAL D 475 51.50 -12.18 -4.72
N ARG D 476 52.46 -11.94 -3.86
CA ARG D 476 53.50 -12.94 -3.60
C ARG D 476 52.94 -14.19 -2.96
N SER D 477 51.85 -14.06 -2.24
CA SER D 477 51.24 -15.21 -1.59
C SER D 477 49.88 -15.48 -2.24
N THR D 478 49.90 -16.27 -3.31
CA THR D 478 48.70 -16.65 -4.04
C THR D 478 48.94 -17.98 -4.73
N THR D 479 48.12 -18.98 -4.39
CA THR D 479 48.24 -20.32 -4.94
C THR D 479 47.05 -20.62 -5.84
N TRP D 480 47.32 -21.04 -7.06
CA TRP D 480 46.29 -21.24 -8.08
C TRP D 480 45.84 -22.69 -8.08
N LEU D 481 44.53 -22.89 -8.25
CA LEU D 481 43.97 -24.24 -8.22
C LEU D 481 44.36 -25.02 -9.48
N LYS D 482 44.39 -26.35 -9.35
CA LYS D 482 44.76 -27.20 -10.47
C LYS D 482 43.56 -27.55 -11.34
N GLU D 483 42.35 -27.45 -10.78
CA GLU D 483 41.12 -27.80 -11.48
C GLU D 483 40.80 -26.96 -12.71
N LYS D 484 40.52 -27.61 -13.83
CA LYS D 484 40.20 -26.90 -15.08
C LYS D 484 38.78 -26.88 -15.58
N ASP D 485 37.80 -27.31 -14.81
CA ASP D 485 36.47 -27.55 -15.39
C ASP D 485 35.59 -26.52 -16.01
N PRO D 486 35.49 -25.35 -15.42
CA PRO D 486 34.64 -24.48 -16.25
C PRO D 486 35.61 -24.21 -17.39
N ILE D 487 35.25 -24.41 -18.65
CA ILE D 487 36.14 -24.05 -19.76
C ILE D 487 35.39 -23.13 -20.71
N MET D 488 35.99 -22.03 -21.12
CA MET D 488 35.27 -21.10 -21.97
C MET D 488 35.25 -21.57 -23.40
N LYS D 489 34.06 -21.73 -23.98
CA LYS D 489 33.97 -22.16 -25.36
C LYS D 489 33.11 -21.24 -26.21
N VAL D 490 32.60 -20.14 -25.65
CA VAL D 490 31.75 -19.22 -26.38
C VAL D 490 32.44 -17.85 -26.42
N LEU D 491 32.07 -17.07 -27.44
CA LEU D 491 32.60 -15.71 -27.64
C LEU D 491 34.13 -15.71 -27.69
N THR D 492 34.69 -16.71 -28.37
CA THR D 492 36.13 -16.85 -28.52
C THR D 492 36.48 -17.04 -29.98
N THR D 493 37.60 -16.46 -30.39
CA THR D 493 38.07 -16.63 -31.75
C THR D 493 39.20 -17.64 -31.83
N CYS D 494 39.58 -18.23 -30.70
CA CYS D 494 40.67 -19.20 -30.66
C CYS D 494 40.27 -20.48 -31.34
N THR D 495 41.24 -21.18 -31.93
CA THR D 495 40.98 -22.47 -32.54
C THR D 495 41.72 -23.56 -31.80
N ASN D 496 41.92 -23.38 -30.50
CA ASN D 496 42.60 -24.36 -29.67
C ASN D 496 41.70 -25.57 -29.42
N THR D 497 42.33 -26.68 -29.13
CA THR D 497 41.58 -27.85 -28.75
C THR D 497 41.52 -27.83 -27.25
N ASP D 498 40.42 -28.26 -26.69
CA ASP D 498 40.30 -28.25 -25.26
C ASP D 498 41.31 -29.17 -24.61
N LYS D 499 41.58 -30.33 -25.18
CA LYS D 499 42.48 -31.26 -24.54
C LYS D 499 43.88 -30.73 -24.40
N ASP D 500 44.40 -30.10 -25.42
CA ASP D 500 45.70 -29.46 -25.29
C ASP D 500 45.48 -28.07 -25.73
N MET D 501 45.92 -27.07 -24.99
CA MET D 501 45.64 -25.76 -25.45
C MET D 501 46.94 -25.28 -25.97
N CYS D 502 46.99 -24.86 -27.20
CA CYS D 502 48.23 -24.46 -27.79
C CYS D 502 48.19 -22.97 -27.91
N PRO D 503 49.23 -22.31 -27.47
CA PRO D 503 49.20 -20.85 -27.46
C PRO D 503 48.99 -20.28 -28.86
N GLU D 504 48.22 -19.19 -28.93
CA GLU D 504 47.97 -18.47 -30.17
C GLU D 504 47.44 -17.08 -29.83
N ILE D 505 47.52 -16.17 -30.78
CA ILE D 505 47.08 -14.80 -30.51
C ILE D 505 45.59 -14.67 -30.82
N CYS D 506 44.74 -14.92 -29.83
CA CYS D 506 43.29 -14.90 -30.02
C CYS D 506 42.60 -14.14 -28.91
N ASN D 507 41.38 -13.67 -29.14
CA ASN D 507 40.64 -12.91 -28.14
C ASN D 507 39.38 -13.59 -27.61
N THR D 508 39.20 -13.66 -26.30
CA THR D 508 38.02 -14.26 -25.70
C THR D 508 37.29 -13.21 -24.87
N ARG D 509 35.98 -13.11 -25.02
CA ARG D 509 35.20 -12.15 -24.25
C ARG D 509 34.10 -12.86 -23.50
N GLY D 510 34.39 -13.42 -22.35
CA GLY D 510 33.43 -14.21 -21.61
C GLY D 510 33.61 -14.03 -20.12
N TYR D 511 32.62 -14.53 -19.37
CA TYR D 511 32.66 -14.45 -17.91
C TYR D 511 31.80 -15.58 -17.35
N GLN D 512 32.45 -16.60 -16.81
CA GLN D 512 31.80 -17.66 -16.04
C GLN D 512 32.62 -17.94 -14.80
N ASP D 513 32.12 -17.51 -13.64
CA ASP D 513 32.85 -17.61 -12.39
C ASP D 513 32.24 -18.72 -11.54
N ILE D 514 32.97 -19.10 -10.49
CA ILE D 514 32.59 -20.17 -9.59
C ILE D 514 32.34 -19.58 -8.21
N PHE D 515 31.71 -20.38 -7.35
CA PHE D 515 31.54 -20.02 -5.95
C PHE D 515 32.07 -21.15 -5.08
N PRO D 516 33.09 -20.90 -4.25
CA PRO D 516 33.62 -21.97 -3.39
C PRO D 516 32.58 -22.47 -2.40
N LEU D 517 32.65 -23.76 -2.11
CA LEU D 517 31.76 -24.39 -1.14
C LEU D 517 32.53 -25.03 0.01
N SER D 518 33.85 -24.82 0.08
CA SER D 518 34.66 -25.32 1.17
C SER D 518 35.82 -24.37 1.39
N GLU D 519 36.47 -24.50 2.55
CA GLU D 519 37.54 -23.58 2.91
C GLU D 519 38.70 -23.66 1.92
N ASP D 520 39.06 -24.88 1.51
CA ASP D 520 40.12 -25.07 0.53
C ASP D 520 39.61 -24.97 -0.91
N SER D 521 38.31 -24.73 -1.09
CA SER D 521 37.70 -24.60 -2.41
C SER D 521 37.92 -25.86 -3.26
N SER D 522 37.83 -27.00 -2.59
CA SER D 522 37.78 -28.29 -3.28
C SER D 522 36.39 -28.64 -3.78
N PHE D 523 35.35 -28.06 -3.19
CA PHE D 523 33.97 -28.20 -3.64
C PHE D 523 33.56 -26.85 -4.20
N TYR D 524 33.05 -26.82 -5.43
CA TYR D 524 32.59 -25.54 -5.95
C TYR D 524 31.56 -25.72 -7.05
N THR D 525 30.62 -24.78 -7.12
CA THR D 525 29.52 -24.82 -8.08
C THR D 525 29.78 -23.80 -9.18
N TYR D 526 29.26 -24.09 -10.37
CA TYR D 526 29.44 -23.20 -11.52
C TYR D 526 28.35 -23.49 -12.55
N ILE D 527 28.37 -22.71 -13.62
CA ILE D 527 27.45 -22.89 -14.75
C ILE D 527 28.29 -23.02 -16.01
N GLY D 528 28.02 -24.06 -16.79
CA GLY D 528 28.74 -24.33 -18.02
C GLY D 528 27.86 -24.05 -19.24
N ILE D 529 28.45 -23.37 -20.22
CA ILE D 529 27.78 -23.01 -21.46
C ILE D 529 28.53 -23.62 -22.63
N THR D 530 27.81 -24.32 -23.50
CA THR D 530 28.39 -24.98 -24.65
C THR D 530 27.77 -24.40 -25.92
N PRO D 531 28.59 -23.94 -26.86
CA PRO D 531 28.02 -23.39 -28.11
C PRO D 531 27.35 -24.47 -28.94
N SER D 532 26.30 -24.07 -29.66
CA SER D 532 25.56 -24.96 -30.52
C SER D 532 25.27 -24.26 -31.83
N ASN D 533 24.77 -25.02 -32.80
CA ASN D 533 24.42 -24.45 -34.10
C ASN D 533 23.29 -23.45 -33.97
N GLU D 534 22.30 -23.75 -33.13
CA GLU D 534 21.16 -22.87 -32.88
C GLU D 534 21.23 -22.43 -31.42
N GLY D 535 21.92 -21.32 -31.18
CA GLY D 535 22.09 -20.83 -29.83
C GLY D 535 23.14 -21.63 -29.06
N THR D 536 22.94 -21.69 -27.75
CA THR D 536 23.84 -22.39 -26.84
C THR D 536 23.04 -23.36 -25.97
N LYS D 537 23.75 -24.14 -25.16
CA LYS D 537 23.15 -25.04 -24.19
C LYS D 537 23.83 -24.83 -22.85
N SER D 538 23.06 -24.92 -21.77
CA SER D 538 23.57 -24.55 -20.46
C SER D 538 23.25 -25.62 -19.43
N PHE D 539 24.22 -25.84 -18.53
CA PHE D 539 24.00 -26.72 -17.39
C PHE D 539 24.59 -26.07 -16.15
N VAL D 540 24.11 -26.51 -14.98
CA VAL D 540 24.64 -26.09 -13.70
C VAL D 540 25.30 -27.30 -13.04
N ALA D 541 26.54 -27.13 -12.58
CA ALA D 541 27.33 -28.26 -12.12
C ALA D 541 27.97 -27.94 -10.78
N VAL D 542 28.27 -29.00 -10.05
CA VAL D 542 29.01 -28.94 -8.79
C VAL D 542 30.19 -29.89 -8.88
N LYS D 543 31.36 -29.40 -8.48
CA LYS D 543 32.63 -30.10 -8.56
C LYS D 543 33.06 -30.55 -7.17
N ASP D 544 33.38 -31.84 -7.07
CA ASP D 544 33.71 -32.53 -5.83
C ASP D 544 35.19 -32.36 -5.49
N ASP D 545 35.57 -32.90 -4.33
CA ASP D 545 36.98 -32.92 -3.96
C ASP D 545 37.74 -33.99 -4.73
N ALA D 546 37.10 -35.11 -5.02
CA ALA D 546 37.74 -36.19 -5.76
C ALA D 546 37.77 -35.94 -7.27
N GLY D 547 37.05 -34.94 -7.75
CA GLY D 547 37.04 -34.61 -9.17
C GLY D 547 35.76 -34.96 -9.91
N HIS D 548 34.75 -35.47 -9.23
CA HIS D 548 33.49 -35.79 -9.88
C HIS D 548 32.66 -34.54 -10.08
N VAL D 549 31.86 -34.55 -11.16
CA VAL D 549 31.02 -33.41 -11.52
C VAL D 549 29.58 -33.88 -11.57
N ALA D 550 28.70 -33.18 -10.86
CA ALA D 550 27.26 -33.44 -10.93
C ALA D 550 26.56 -32.25 -11.57
N SER D 551 25.85 -32.50 -12.67
CA SER D 551 25.33 -31.41 -13.47
C SER D 551 23.87 -31.67 -13.83
N ILE D 552 23.15 -30.57 -14.05
CA ILE D 552 21.75 -30.59 -14.46
C ILE D 552 21.56 -29.59 -15.59
N THR D 553 20.87 -30.01 -16.64
CA THR D 553 20.57 -29.13 -17.76
C THR D 553 19.57 -28.05 -17.36
N ILE D 554 19.87 -26.81 -17.73
CA ILE D 554 19.04 -25.67 -17.34
C ILE D 554 18.71 -24.83 -18.56
N LEU D 555 17.63 -24.05 -18.44
CA LEU D 555 17.15 -23.09 -19.43
C LEU D 555 17.00 -23.74 -20.81
N PRO D 556 16.07 -24.69 -20.98
CA PRO D 556 15.93 -25.35 -22.28
C PRO D 556 15.16 -24.54 -23.31
N ASN D 557 14.46 -23.48 -22.91
CA ASN D 557 13.62 -22.71 -23.82
C ASN D 557 14.24 -21.38 -24.23
N TYR D 558 15.35 -20.98 -23.60
CA TYR D 558 16.05 -19.76 -23.99
C TYR D 558 16.91 -20.03 -25.21
N TYR D 559 17.13 -18.98 -26.00
CA TYR D 559 17.92 -19.12 -27.21
C TYR D 559 19.39 -19.32 -26.89
N SER D 560 20.00 -18.35 -26.20
CA SER D 560 21.41 -18.40 -25.88
C SER D 560 21.69 -17.69 -24.56
N ILE D 561 22.72 -18.15 -23.86
CA ILE D 561 23.22 -17.54 -22.64
C ILE D 561 24.73 -17.40 -22.77
N THR D 562 25.25 -16.23 -22.41
CA THR D 562 26.65 -15.95 -22.66
C THR D 562 27.47 -15.62 -21.41
N SER D 563 26.84 -15.53 -20.24
CA SER D 563 27.57 -15.20 -19.03
C SER D 563 26.82 -15.75 -17.82
N ALA D 564 27.49 -15.75 -16.67
CA ALA D 564 26.91 -16.23 -15.43
C ALA D 564 27.75 -15.76 -14.26
N THR D 565 27.09 -15.19 -13.26
CA THR D 565 27.75 -14.85 -11.99
C THR D 565 26.91 -15.41 -10.85
N ILE D 566 27.55 -16.08 -9.91
CA ILE D 566 26.86 -16.89 -8.92
C ILE D 566 27.21 -16.41 -7.52
N SER D 567 26.18 -16.24 -6.69
CA SER D 567 26.37 -15.90 -5.29
C SER D 567 25.48 -16.80 -4.44
N CYS D 568 26.07 -17.37 -3.40
CA CYS D 568 25.37 -18.34 -2.57
C CYS D 568 25.23 -17.82 -1.15
N PHE D 569 24.23 -18.36 -0.45
CA PHE D 569 23.90 -17.94 0.91
C PHE D 569 23.17 -19.09 1.58
N MET D 570 22.80 -18.88 2.85
CA MET D 570 22.03 -19.86 3.62
C MET D 570 20.59 -19.39 3.72
N TYR D 571 19.66 -20.26 3.34
CA TYR D 571 18.24 -19.92 3.29
C TYR D 571 17.43 -21.15 3.64
N LYS D 572 16.57 -21.02 4.65
CA LYS D 572 15.74 -22.12 5.14
C LYS D 572 16.60 -23.31 5.56
N GLU D 573 17.68 -23.04 6.29
CA GLU D 573 18.57 -24.06 6.82
C GLU D 573 19.16 -24.93 5.71
N GLU D 574 19.53 -24.28 4.62
CA GLU D 574 20.15 -24.97 3.48
C GLU D 574 20.93 -23.94 2.67
N ILE D 575 21.79 -24.44 1.80
CA ILE D 575 22.62 -23.59 0.95
C ILE D 575 21.87 -23.38 -0.37
N TRP D 576 21.52 -22.12 -0.63
CA TRP D 576 20.90 -21.73 -1.89
C TRP D 576 21.84 -20.83 -2.65
N CYS D 577 21.66 -20.77 -3.96
CA CYS D 577 22.51 -19.97 -4.82
C CYS D 577 21.67 -19.24 -5.85
N ILE D 578 22.10 -18.04 -6.22
CA ILE D 578 21.46 -17.23 -7.24
C ILE D 578 22.47 -16.93 -8.33
N ALA D 579 22.07 -17.20 -9.57
CA ALA D 579 22.90 -17.00 -10.75
C ALA D 579 22.27 -15.92 -11.62
N VAL D 580 23.09 -14.95 -12.02
CA VAL D 580 22.66 -13.87 -12.90
C VAL D 580 23.35 -14.07 -14.25
N THR D 581 22.55 -14.14 -15.31
CA THR D 581 23.04 -14.39 -16.66
C THR D 581 22.55 -13.30 -17.59
N GLU D 582 23.17 -13.23 -18.77
CA GLU D 582 22.75 -12.29 -19.80
C GLU D 582 22.60 -13.05 -21.11
N GLY D 583 21.56 -12.71 -21.87
CA GLY D 583 21.32 -13.40 -23.12
C GLY D 583 19.97 -13.01 -23.69
N ARG D 584 19.51 -13.83 -24.64
CA ARG D 584 18.25 -13.62 -25.33
C ARG D 584 17.35 -14.83 -25.17
N LYS D 585 16.09 -14.59 -24.81
CA LYS D 585 15.13 -15.67 -24.70
C LYS D 585 14.77 -16.24 -26.06
N GLN D 586 14.61 -15.38 -27.06
CA GLN D 586 14.34 -15.79 -28.43
C GLN D 586 15.31 -15.07 -29.36
N LYS D 587 15.54 -15.65 -30.53
CA LYS D 587 16.42 -15.02 -31.51
C LYS D 587 15.80 -13.71 -31.97
N GLU D 588 16.64 -12.75 -32.37
CA GLU D 588 16.31 -11.41 -32.83
C GLU D 588 15.87 -10.49 -31.68
N ASN D 589 15.80 -11.00 -30.43
CA ASN D 589 15.51 -10.14 -29.29
C ASN D 589 16.77 -9.44 -28.80
N PRO D 590 16.64 -8.26 -28.23
CA PRO D 590 17.80 -7.59 -27.63
C PRO D 590 18.28 -8.32 -26.37
N GLN D 591 19.56 -8.17 -26.08
CA GLN D 591 20.15 -8.84 -24.94
C GLN D 591 19.59 -8.27 -23.63
N ARG D 592 19.27 -9.16 -22.69
CA ARG D 592 18.73 -8.77 -21.40
C ARG D 592 19.34 -9.63 -20.31
N ILE D 593 19.19 -9.18 -19.07
CA ILE D 593 19.76 -9.84 -17.91
C ILE D 593 18.65 -10.55 -17.15
N TYR D 594 18.90 -11.80 -16.77
CA TYR D 594 17.95 -12.63 -16.03
C TYR D 594 18.62 -13.19 -14.79
N ALA D 595 17.78 -13.56 -13.81
CA ALA D 595 18.26 -14.12 -12.56
C ALA D 595 17.49 -15.40 -12.24
N HIS D 596 18.19 -16.34 -11.60
CA HIS D 596 17.59 -17.63 -11.26
C HIS D 596 18.21 -18.12 -9.95
N SER D 597 17.54 -19.08 -9.32
CA SER D 597 17.99 -19.62 -8.05
C SER D 597 17.90 -21.15 -8.05
N TYR D 598 18.75 -21.77 -7.23
CA TYR D 598 18.76 -23.21 -7.07
C TYR D 598 19.35 -23.57 -5.71
N ARG D 599 19.41 -24.88 -5.44
CA ARG D 599 19.79 -25.40 -4.14
C ARG D 599 21.01 -26.31 -4.26
N VAL D 600 21.77 -26.43 -3.17
CA VAL D 600 22.86 -27.37 -3.05
C VAL D 600 22.55 -28.30 -1.89
N GLN D 601 22.59 -29.61 -2.13
CA GLN D 601 22.18 -30.60 -1.16
C GLN D 601 23.31 -31.58 -0.87
N LYS D 602 23.37 -32.04 0.38
CA LYS D 602 24.34 -33.04 0.80
C LYS D 602 23.91 -34.44 0.38
N MET D 603 24.89 -35.25 0.01
CA MET D 603 24.66 -36.66 -0.27
C MET D 603 25.75 -37.47 0.44
N CYS D 604 25.33 -38.57 1.04
CA CYS D 604 26.23 -39.50 1.71
C CYS D 604 26.06 -40.88 1.07
N PHE D 605 26.80 -41.11 -0.02
CA PHE D 605 26.69 -42.37 -0.73
C PHE D 605 27.51 -43.45 -0.03
N ASN D 606 26.92 -44.64 0.07
CA ASN D 606 27.58 -45.80 0.65
C ASN D 606 27.72 -46.87 -0.40
N ILE D 607 28.93 -47.42 -0.54
CA ILE D 607 29.20 -48.42 -1.55
C ILE D 607 29.07 -49.81 -0.96
#